data_7S25
#
_entry.id   7S25
#
_cell.length_a   57.026
_cell.length_b   100.955
_cell.length_c   176.219
_cell.angle_alpha   90.000
_cell.angle_beta   90.840
_cell.angle_gamma   90.000
#
_symmetry.space_group_name_H-M   'P 1 21 1'
#
loop_
_entity.id
_entity.type
_entity.pdbx_description
1 polymer 'Rho-associated protein kinase 1'
2 non-polymer 'CHLORIDE ION'
3 non-polymer 2-[3-(methoxymethyl)phenyl]-N-[4-(1H-pyrazol-4-yl)phenyl]acetamide
4 water water
#
_entity_poly.entity_id   1
_entity_poly.type   'polypeptide(L)'
_entity_poly.pdbx_seq_one_letter_code
;FETRFEKMDNLLRDPKSEVNSDCLLDGLDALVYDLDFPALRKNKNIDNFLSRYKDTINKIRDLRMKAEDYEVVKVIGRGA
FGEVQLVRHKSTRKVYAMKLLSKFEMIKRSDSAFFWEERDIMAFANSPWVVQLFYAFQDDRYLYMVMEYMPGGDLVNLMS
NYDVPEKWARFYTAEVVLALDAIHSMGFIHRDVKPDNMLLDKSGHLKLADFGTCMKMNKEGMVRCDTAVGTPDYISPEVL
KSQGGDGYYGRECDWWSVGVFLYEMLVGDTPFYADSLVGTYSKIMNHKNSLTFPDDNDISKEAKNLICAFLTDREVRLGR
NGVEEIKRHLFFKNDQWAWETLRDTVAPVVPDLSSDIDTSNFDDLEEDKGEEETFPIPKAFVGNQLPFVGFTYYSN
;
_entity_poly.pdbx_strand_id   A,B,C,D
#
loop_
_chem_comp.id
_chem_comp.type
_chem_comp.name
_chem_comp.formula
86G non-polymer 2-[3-(methoxymethyl)phenyl]-N-[4-(1H-pyrazol-4-yl)phenyl]acetamide 'C19 H19 N3 O2'
CL non-polymer 'CHLORIDE ION' 'Cl -1'
#
# COMPACT_ATOMS: atom_id res chain seq x y z
N PHE A 1 0.48 -13.59 -0.91
CA PHE A 1 0.64 -13.25 0.51
C PHE A 1 1.31 -11.89 0.76
N GLU A 2 1.84 -11.27 -0.30
CA GLU A 2 2.41 -9.93 -0.26
C GLU A 2 1.30 -8.89 -0.68
N THR A 3 0.37 -9.33 -1.57
CA THR A 3 -0.76 -8.58 -2.11
C THR A 3 -1.81 -8.23 -1.03
N ARG A 4 -1.85 -8.96 0.09
CA ARG A 4 -2.79 -8.74 1.20
C ARG A 4 -2.56 -7.38 1.83
N PHE A 5 -1.30 -6.98 1.97
CA PHE A 5 -0.91 -5.69 2.52
C PHE A 5 -1.36 -4.55 1.62
N GLU A 6 -1.32 -4.75 0.28
CA GLU A 6 -1.78 -3.72 -0.66
C GLU A 6 -3.31 -3.64 -0.66
N LYS A 7 -3.99 -4.80 -0.62
CA LYS A 7 -5.46 -4.88 -0.58
C LYS A 7 -6.03 -4.17 0.67
N MET A 8 -5.36 -4.37 1.81
CA MET A 8 -5.73 -3.75 3.08
C MET A 8 -5.55 -2.24 2.99
N ASP A 9 -4.42 -1.81 2.45
CA ASP A 9 -4.07 -0.40 2.25
C ASP A 9 -5.10 0.31 1.38
N ASN A 10 -5.67 -0.40 0.41
CA ASN A 10 -6.69 0.16 -0.48
C ASN A 10 -7.98 0.42 0.32
N LEU A 11 -8.38 -0.57 1.14
CA LEU A 11 -9.55 -0.46 2.01
C LEU A 11 -9.43 0.69 3.02
N LEU A 12 -8.21 1.00 3.48
CA LEU A 12 -7.98 2.09 4.43
C LEU A 12 -8.02 3.48 3.81
N ARG A 13 -7.81 3.57 2.48
CA ARG A 13 -7.77 4.85 1.77
C ARG A 13 -9.04 5.15 0.98
N ASP A 14 -9.83 4.11 0.65
CA ASP A 14 -11.07 4.27 -0.10
C ASP A 14 -12.11 5.05 0.73
N PRO A 15 -12.53 6.26 0.29
CA PRO A 15 -13.52 7.01 1.08
C PRO A 15 -14.90 6.36 1.19
N LYS A 16 -15.19 5.40 0.32
CA LYS A 16 -16.46 4.68 0.35
C LYS A 16 -16.38 3.37 1.17
N SER A 17 -15.20 2.98 1.67
CA SER A 17 -14.99 1.73 2.42
C SER A 17 -15.45 1.84 3.88
N GLU A 18 -15.97 0.74 4.45
CA GLU A 18 -16.39 0.70 5.83
C GLU A 18 -15.22 0.54 6.84
N VAL A 19 -13.99 0.32 6.35
CA VAL A 19 -12.82 0.21 7.21
C VAL A 19 -11.75 1.22 6.85
N ASN A 20 -12.12 2.38 6.29
CA ASN A 20 -11.12 3.40 5.99
C ASN A 20 -10.65 4.08 7.30
N SER A 21 -9.59 4.88 7.25
CA SER A 21 -9.03 5.51 8.45
C SER A 21 -10.06 6.23 9.33
N ASP A 22 -10.99 6.97 8.71
CA ASP A 22 -12.01 7.73 9.43
C ASP A 22 -12.97 6.84 10.17
N CYS A 23 -13.35 5.68 9.60
CA CYS A 23 -14.22 4.71 10.24
C CYS A 23 -13.52 4.04 11.38
N LEU A 24 -12.24 3.71 11.19
CA LEU A 24 -11.48 3.04 12.24
C LEU A 24 -11.23 3.98 13.41
N LEU A 25 -11.00 5.27 13.15
CA LEU A 25 -10.86 6.25 14.23
C LEU A 25 -12.18 6.46 14.95
N ASP A 26 -13.31 6.40 14.21
CA ASP A 26 -14.66 6.49 14.74
C ASP A 26 -14.92 5.35 15.73
N GLY A 27 -14.46 4.15 15.41
CA GLY A 27 -14.66 2.98 16.27
C GLY A 27 -13.95 3.16 17.60
N LEU A 28 -12.70 3.65 17.57
CA LEU A 28 -11.92 3.88 18.77
C LEU A 28 -12.56 5.01 19.57
N ASP A 29 -12.90 6.10 18.91
CA ASP A 29 -13.59 7.25 19.55
C ASP A 29 -14.92 6.82 20.21
N ALA A 30 -15.76 6.05 19.50
CA ALA A 30 -17.02 5.52 20.01
C ALA A 30 -16.78 4.60 21.20
N LEU A 31 -15.76 3.73 21.14
CA LEU A 31 -15.43 2.79 22.21
C LEU A 31 -15.05 3.54 23.50
N VAL A 32 -14.18 4.55 23.41
CA VAL A 32 -13.82 5.37 24.56
C VAL A 32 -15.05 6.11 25.15
N TYR A 33 -15.92 6.72 24.30
CA TYR A 33 -17.10 7.43 24.81
C TYR A 33 -18.06 6.46 25.51
N ASP A 34 -18.23 5.25 24.97
CA ASP A 34 -19.13 4.25 25.53
C ASP A 34 -18.64 3.50 26.76
N LEU A 35 -17.34 3.49 27.02
CA LEU A 35 -16.79 2.81 28.17
C LEU A 35 -16.53 3.79 29.34
N ASP A 36 -16.23 5.06 29.03
CA ASP A 36 -15.84 6.04 30.04
C ASP A 36 -16.99 6.58 30.86
N PHE A 37 -17.45 5.74 31.80
CA PHE A 37 -18.47 6.00 32.80
C PHE A 37 -18.00 5.37 34.12
N PRO A 38 -18.25 6.03 35.26
CA PRO A 38 -17.76 5.50 36.58
C PRO A 38 -18.07 4.01 36.89
N ALA A 39 -19.31 3.56 36.63
CA ALA A 39 -19.71 2.19 36.92
C ALA A 39 -18.99 1.19 36.03
N LEU A 40 -18.58 1.59 34.82
CA LEU A 40 -17.89 0.71 33.90
C LEU A 40 -16.41 0.61 34.21
N ARG A 41 -15.82 1.67 34.70
CA ARG A 41 -14.42 1.70 35.09
C ARG A 41 -14.15 0.87 36.37
N LYS A 42 -15.17 0.29 37.01
CA LYS A 42 -14.97 -0.65 38.10
C LYS A 42 -14.42 -2.00 37.51
N ASN A 43 -14.66 -2.27 36.19
CA ASN A 43 -14.12 -3.41 35.46
C ASN A 43 -12.69 -3.01 35.08
N LYS A 44 -11.71 -3.77 35.56
CA LYS A 44 -10.28 -3.57 35.38
C LYS A 44 -9.88 -3.50 33.91
N ASN A 45 -10.45 -4.34 33.02
CA ASN A 45 -10.15 -4.34 31.59
C ASN A 45 -10.49 -2.99 30.97
N ILE A 46 -11.64 -2.45 31.34
CA ILE A 46 -12.14 -1.19 30.85
C ILE A 46 -11.35 -0.02 31.40
N ASP A 47 -11.15 0.01 32.73
CA ASP A 47 -10.39 1.06 33.39
C ASP A 47 -8.97 1.15 32.88
N ASN A 48 -8.31 -0.01 32.68
CA ASN A 48 -6.96 -0.01 32.17
C ASN A 48 -6.86 0.44 30.72
N PHE A 49 -7.86 0.10 29.89
CA PHE A 49 -7.86 0.46 28.48
C PHE A 49 -7.97 1.96 28.34
N LEU A 50 -8.87 2.58 29.12
CA LEU A 50 -9.08 4.02 29.09
C LEU A 50 -7.85 4.75 29.56
N SER A 51 -7.17 4.26 30.59
CA SER A 51 -5.93 4.90 31.07
C SER A 51 -4.82 4.78 30.05
N ARG A 52 -4.71 3.65 29.37
CA ARG A 52 -3.71 3.43 28.34
C ARG A 52 -3.98 4.29 27.06
N TYR A 53 -5.27 4.49 26.69
CA TYR A 53 -5.59 5.26 25.48
C TYR A 53 -5.97 6.71 25.74
N LYS A 54 -5.91 7.19 26.99
CA LYS A 54 -6.27 8.54 27.38
C LYS A 54 -5.56 9.63 26.58
N ASP A 55 -4.23 9.61 26.54
CA ASP A 55 -3.48 10.64 25.84
C ASP A 55 -3.73 10.63 24.35
N THR A 56 -3.72 9.44 23.71
CA THR A 56 -3.89 9.37 22.29
C THR A 56 -5.33 9.77 21.87
N ILE A 57 -6.37 9.39 22.64
CA ILE A 57 -7.73 9.77 22.26
C ILE A 57 -7.94 11.29 22.39
N ASN A 58 -7.32 11.91 23.38
CA ASN A 58 -7.41 13.36 23.58
C ASN A 58 -6.68 14.11 22.44
N LYS A 59 -5.56 13.57 21.99
CA LYS A 59 -4.77 14.14 20.91
C LYS A 59 -5.54 14.00 19.57
N ILE A 60 -6.14 12.83 19.32
CA ILE A 60 -6.93 12.54 18.12
C ILE A 60 -8.14 13.48 18.04
N ARG A 61 -8.88 13.66 19.13
CA ARG A 61 -10.03 14.54 19.17
C ARG A 61 -9.65 15.97 18.86
N ASP A 62 -8.49 16.41 19.30
CA ASP A 62 -8.01 17.74 19.02
C ASP A 62 -7.57 17.95 17.56
N LEU A 63 -6.92 16.97 16.95
CA LEU A 63 -6.48 17.08 15.57
C LEU A 63 -7.66 16.98 14.61
N ARG A 64 -8.57 16.04 14.88
CA ARG A 64 -9.72 15.81 14.03
C ARG A 64 -10.68 16.98 14.05
N MET A 65 -11.49 17.09 13.01
CA MET A 65 -12.48 18.15 12.92
C MET A 65 -13.49 18.07 14.06
N LYS A 66 -13.82 19.22 14.61
CA LYS A 66 -14.73 19.32 15.74
C LYS A 66 -15.59 20.59 15.65
N ALA A 67 -16.65 20.66 16.44
CA ALA A 67 -17.56 21.80 16.39
C ALA A 67 -16.87 23.12 16.69
N GLU A 68 -15.86 23.08 17.57
CA GLU A 68 -15.08 24.24 18.02
C GLU A 68 -14.36 24.94 16.87
N ASP A 69 -14.04 24.20 15.78
CA ASP A 69 -13.43 24.75 14.57
C ASP A 69 -14.35 25.73 13.81
N TYR A 70 -15.63 25.82 14.19
CA TYR A 70 -16.56 26.69 13.50
C TYR A 70 -17.25 27.65 14.42
N GLU A 71 -17.52 28.83 13.92
CA GLU A 71 -18.23 29.87 14.64
C GLU A 71 -19.65 29.90 14.08
N VAL A 72 -20.65 29.91 14.96
CA VAL A 72 -22.02 29.97 14.55
C VAL A 72 -22.42 31.41 14.24
N VAL A 73 -22.78 31.68 12.98
CA VAL A 73 -23.21 33.01 12.55
C VAL A 73 -24.72 33.16 12.70
N LYS A 74 -25.50 32.21 12.19
CA LYS A 74 -26.97 32.27 12.28
C LYS A 74 -27.56 30.86 12.26
N VAL A 75 -28.82 30.70 12.63
CA VAL A 75 -29.50 29.41 12.48
C VAL A 75 -30.47 29.61 11.32
N ILE A 76 -30.34 28.84 10.25
CA ILE A 76 -31.22 29.02 9.06
C ILE A 76 -32.24 27.88 8.85
N GLY A 77 -32.25 26.89 9.72
CA GLY A 77 -33.17 25.77 9.64
C GLY A 77 -33.27 25.04 10.97
N ARG A 78 -34.42 24.48 11.29
CA ARG A 78 -34.60 23.74 12.55
C ARG A 78 -35.60 22.62 12.36
N GLY A 79 -35.31 21.46 12.95
CA GLY A 79 -36.19 20.30 12.83
C GLY A 79 -36.26 19.48 14.09
N ALA A 80 -36.95 18.32 14.03
CA ALA A 80 -37.13 17.44 15.19
C ALA A 80 -35.79 16.88 15.69
N PHE A 81 -34.89 16.50 14.76
CA PHE A 81 -33.63 15.90 15.15
C PHE A 81 -32.47 16.83 15.20
N GLY A 82 -32.66 18.13 15.02
CA GLY A 82 -31.56 19.09 15.08
C GLY A 82 -31.79 20.43 14.40
N GLU A 83 -30.74 21.02 13.85
CA GLU A 83 -30.85 22.33 13.18
C GLU A 83 -29.78 22.53 12.11
N VAL A 84 -29.93 23.54 11.23
CA VAL A 84 -28.97 23.87 10.20
C VAL A 84 -28.48 25.29 10.47
N GLN A 85 -27.19 25.45 10.65
CA GLN A 85 -26.59 26.75 10.97
C GLN A 85 -25.74 27.26 9.86
N LEU A 86 -25.64 28.58 9.76
CA LEU A 86 -24.69 29.20 8.88
C LEU A 86 -23.45 29.34 9.77
N VAL A 87 -22.35 28.72 9.39
CA VAL A 87 -21.13 28.75 10.17
C VAL A 87 -19.94 29.33 9.38
N ARG A 88 -18.91 29.76 10.09
CA ARG A 88 -17.68 30.25 9.50
C ARG A 88 -16.55 29.44 10.08
N HIS A 89 -15.72 28.83 9.23
CA HIS A 89 -14.55 28.10 9.72
C HIS A 89 -13.58 29.11 10.37
N LYS A 90 -13.25 28.94 11.66
CA LYS A 90 -12.41 29.88 12.41
C LYS A 90 -11.07 30.18 11.77
N SER A 91 -10.40 29.15 11.25
CA SER A 91 -9.10 29.26 10.62
C SER A 91 -9.17 29.87 9.18
N THR A 92 -9.83 29.16 8.22
CA THR A 92 -9.92 29.61 6.84
C THR A 92 -10.85 30.78 6.59
N ARG A 93 -11.78 31.03 7.51
CA ARG A 93 -12.77 32.11 7.42
C ARG A 93 -13.88 31.83 6.36
N LYS A 94 -13.89 30.64 5.73
CA LYS A 94 -14.90 30.25 4.75
C LYS A 94 -16.25 29.98 5.41
N VAL A 95 -17.33 30.44 4.78
CA VAL A 95 -18.67 30.25 5.27
C VAL A 95 -19.31 28.98 4.68
N TYR A 96 -20.05 28.21 5.51
CA TYR A 96 -20.70 26.96 5.14
C TYR A 96 -22.06 26.82 5.83
N ALA A 97 -22.88 25.86 5.37
CA ALA A 97 -24.12 25.52 6.07
C ALA A 97 -23.75 24.25 6.83
N MET A 98 -24.08 24.17 8.11
CA MET A 98 -23.78 22.99 8.92
C MET A 98 -25.02 22.41 9.53
N LYS A 99 -25.35 21.16 9.20
CA LYS A 99 -26.52 20.51 9.79
C LYS A 99 -26.05 19.72 11.04
N LEU A 100 -26.79 19.80 12.13
CA LEU A 100 -26.50 19.10 13.38
C LEU A 100 -27.62 18.12 13.61
N LEU A 101 -27.29 16.85 13.86
CA LEU A 101 -28.28 15.84 14.21
C LEU A 101 -28.02 15.34 15.65
N SER A 102 -28.99 15.49 16.52
CA SER A 102 -28.94 15.08 17.93
C SER A 102 -28.93 13.57 18.09
N LYS A 103 -27.80 13.03 18.55
CA LYS A 103 -27.65 11.61 18.80
C LYS A 103 -28.65 11.16 19.88
N PHE A 104 -28.88 12.00 20.91
CA PHE A 104 -29.86 11.72 21.97
C PHE A 104 -31.27 11.53 21.39
N GLU A 105 -31.75 12.45 20.53
CA GLU A 105 -33.07 12.34 19.94
C GLU A 105 -33.20 11.15 19.00
N MET A 106 -32.12 10.82 18.30
CA MET A 106 -32.13 9.69 17.36
C MET A 106 -32.15 8.37 18.14
N ILE A 107 -31.37 8.25 19.24
CA ILE A 107 -31.37 7.04 20.06
C ILE A 107 -32.71 6.92 20.82
N LYS A 108 -33.15 8.02 21.48
CA LYS A 108 -34.41 8.06 22.23
C LYS A 108 -35.58 7.60 21.39
N ARG A 109 -35.59 7.97 20.11
CA ARG A 109 -36.71 7.61 19.24
C ARG A 109 -36.40 6.41 18.34
N SER A 110 -35.40 5.56 18.70
CA SER A 110 -35.02 4.36 17.94
C SER A 110 -34.97 4.61 16.40
N ASP A 111 -34.56 5.83 16.06
CA ASP A 111 -34.48 6.36 14.70
C ASP A 111 -33.02 6.88 14.47
N SER A 112 -32.06 5.99 14.28
CA SER A 112 -30.68 6.38 14.15
C SER A 112 -30.00 5.80 12.91
N ALA A 113 -30.72 5.83 11.74
CA ALA A 113 -30.12 5.35 10.50
C ALA A 113 -30.58 6.09 9.22
N PHE A 114 -31.42 7.14 9.30
CA PHE A 114 -31.90 7.88 8.11
C PHE A 114 -30.85 8.75 7.41
N PHE A 115 -29.82 9.15 8.16
CA PHE A 115 -28.77 10.08 7.73
C PHE A 115 -27.71 9.47 6.84
N TRP A 116 -27.66 8.13 6.72
CA TRP A 116 -26.63 7.50 5.90
C TRP A 116 -26.76 7.86 4.42
N GLU A 117 -27.97 7.79 3.88
CA GLU A 117 -28.23 8.14 2.48
C GLU A 117 -27.97 9.60 2.24
N GLU A 118 -28.42 10.47 3.17
CA GLU A 118 -28.20 11.91 3.07
C GLU A 118 -26.72 12.24 2.96
N ARG A 119 -25.90 11.59 3.81
CA ARG A 119 -24.47 11.74 3.85
C ARG A 119 -23.82 11.29 2.54
N ASP A 120 -24.15 10.07 2.13
CA ASP A 120 -23.54 9.49 0.95
C ASP A 120 -23.88 10.19 -0.32
N ILE A 121 -25.12 10.62 -0.47
CA ILE A 121 -25.57 11.33 -1.66
C ILE A 121 -24.81 12.67 -1.78
N MET A 122 -24.79 13.47 -0.72
CA MET A 122 -24.08 14.75 -0.77
C MET A 122 -22.58 14.63 -0.81
N ALA A 123 -22.01 13.56 -0.28
CA ALA A 123 -20.55 13.38 -0.31
C ALA A 123 -20.06 12.89 -1.66
N PHE A 124 -20.80 11.95 -2.27
CA PHE A 124 -20.30 11.29 -3.48
C PHE A 124 -21.02 11.60 -4.76
N ALA A 125 -22.08 12.43 -4.76
CA ALA A 125 -22.82 12.71 -6.01
C ALA A 125 -21.95 13.35 -7.05
N ASN A 126 -21.01 14.23 -6.63
CA ASN A 126 -20.07 14.94 -7.53
C ASN A 126 -20.82 15.56 -8.73
N SER A 127 -21.87 16.33 -8.42
CA SER A 127 -22.76 16.86 -9.40
C SER A 127 -22.99 18.38 -9.24
N PRO A 128 -23.05 19.07 -10.39
CA PRO A 128 -23.41 20.51 -10.36
C PRO A 128 -24.81 20.75 -9.77
N TRP A 129 -25.63 19.70 -9.68
CA TRP A 129 -27.01 19.75 -9.23
C TRP A 129 -27.31 19.07 -7.89
N VAL A 130 -26.29 18.73 -7.11
CA VAL A 130 -26.50 18.15 -5.81
C VAL A 130 -25.67 18.93 -4.80
N VAL A 131 -26.28 19.43 -3.70
CA VAL A 131 -25.53 20.14 -2.64
C VAL A 131 -24.38 19.27 -2.13
N GLN A 132 -23.19 19.85 -2.09
CA GLN A 132 -22.02 19.10 -1.71
C GLN A 132 -21.73 19.13 -0.23
N LEU A 133 -21.39 17.97 0.31
CA LEU A 133 -20.98 17.76 1.70
C LEU A 133 -19.48 17.73 1.67
N PHE A 134 -18.83 18.70 2.30
CA PHE A 134 -17.37 18.74 2.33
C PHE A 134 -16.88 17.88 3.50
N TYR A 135 -17.49 18.03 4.68
CA TYR A 135 -17.05 17.30 5.85
C TYR A 135 -18.21 16.76 6.65
N ALA A 136 -18.05 15.57 7.19
CA ALA A 136 -18.99 15.03 8.15
C ALA A 136 -18.12 14.66 9.35
N PHE A 137 -18.59 14.94 10.56
CA PHE A 137 -17.85 14.61 11.78
C PHE A 137 -18.85 14.43 12.95
N GLN A 138 -18.35 14.11 14.13
CA GLN A 138 -19.23 13.85 15.27
C GLN A 138 -18.50 13.98 16.60
N ASP A 139 -19.26 14.16 17.64
CA ASP A 139 -18.80 14.10 19.01
C ASP A 139 -19.77 13.14 19.73
N ASP A 140 -19.75 13.03 21.06
CA ASP A 140 -20.66 12.13 21.76
C ASP A 140 -22.12 12.56 21.66
N ARG A 141 -22.39 13.81 21.34
CA ARG A 141 -23.77 14.32 21.30
C ARG A 141 -24.37 14.54 19.93
N TYR A 142 -23.56 14.90 18.93
CA TYR A 142 -24.10 15.24 17.62
C TYR A 142 -23.33 14.67 16.44
N LEU A 143 -24.02 14.56 15.30
CA LEU A 143 -23.43 14.35 13.99
C LEU A 143 -23.46 15.75 13.40
N TYR A 144 -22.48 16.05 12.54
CA TYR A 144 -22.33 17.33 11.89
C TYR A 144 -22.09 17.08 10.43
N MET A 145 -22.66 17.89 9.59
CA MET A 145 -22.51 17.78 8.15
C MET A 145 -22.24 19.19 7.64
N VAL A 146 -21.05 19.45 7.13
CA VAL A 146 -20.69 20.75 6.61
C VAL A 146 -20.94 20.70 5.11
N MET A 147 -21.89 21.48 4.67
CA MET A 147 -22.27 21.57 3.26
C MET A 147 -21.96 22.95 2.69
N GLU A 148 -21.95 23.08 1.35
CA GLU A 148 -21.81 24.37 0.73
C GLU A 148 -23.06 25.20 1.01
N TYR A 149 -22.88 26.47 1.34
CA TYR A 149 -23.98 27.35 1.63
C TYR A 149 -24.70 27.71 0.29
N MET A 150 -26.05 27.65 0.29
CA MET A 150 -26.90 27.98 -0.85
C MET A 150 -27.64 29.27 -0.50
N PRO A 151 -27.05 30.44 -0.80
CA PRO A 151 -27.65 31.72 -0.34
C PRO A 151 -28.94 32.17 -1.02
N GLY A 152 -29.31 31.55 -2.14
CA GLY A 152 -30.56 31.87 -2.80
C GLY A 152 -31.80 31.38 -2.10
N GLY A 153 -31.64 30.45 -1.14
CA GLY A 153 -32.78 29.90 -0.44
C GLY A 153 -33.45 28.77 -1.19
N ASP A 154 -34.72 28.48 -0.87
CA ASP A 154 -35.38 27.34 -1.52
C ASP A 154 -36.48 27.73 -2.51
N LEU A 155 -37.02 26.72 -3.22
CA LEU A 155 -38.07 26.92 -4.20
C LEU A 155 -39.40 27.20 -3.56
N VAL A 156 -39.61 26.84 -2.27
CA VAL A 156 -40.83 27.19 -1.56
C VAL A 156 -40.91 28.72 -1.45
N ASN A 157 -39.80 29.33 -1.03
CA ASN A 157 -39.70 30.77 -0.90
C ASN A 157 -39.89 31.46 -2.29
N LEU A 158 -39.25 30.94 -3.35
CA LEU A 158 -39.34 31.51 -4.68
C LEU A 158 -40.77 31.46 -5.23
N MET A 159 -41.45 30.33 -5.07
CA MET A 159 -42.82 30.18 -5.57
C MET A 159 -43.81 31.05 -4.88
N SER A 160 -43.55 31.43 -3.61
CA SER A 160 -44.45 32.32 -2.91
C SER A 160 -44.20 33.78 -3.28
N ASN A 161 -42.93 34.14 -3.60
CA ASN A 161 -42.59 35.50 -3.98
C ASN A 161 -42.84 35.79 -5.46
N TYR A 162 -42.95 34.78 -6.34
CA TYR A 162 -43.13 35.03 -7.76
C TYR A 162 -44.20 34.21 -8.41
N ASP A 163 -44.75 34.76 -9.51
CA ASP A 163 -45.63 34.06 -10.45
C ASP A 163 -44.62 33.54 -11.46
N VAL A 164 -44.51 32.23 -11.58
CA VAL A 164 -43.48 31.62 -12.38
C VAL A 164 -43.90 31.40 -13.82
N PRO A 165 -43.32 32.16 -14.77
CA PRO A 165 -43.63 31.91 -16.19
C PRO A 165 -42.99 30.62 -16.67
N GLU A 166 -43.44 30.11 -17.82
CA GLU A 166 -42.95 28.87 -18.41
C GLU A 166 -41.44 28.82 -18.68
N LYS A 167 -40.86 29.97 -19.04
CA LYS A 167 -39.43 30.04 -19.30
C LYS A 167 -38.64 29.68 -17.99
N TRP A 168 -39.13 30.16 -16.85
CA TRP A 168 -38.53 29.90 -15.54
C TRP A 168 -38.80 28.46 -15.14
N ALA A 169 -40.07 28.01 -15.32
CA ALA A 169 -40.42 26.65 -14.96
C ALA A 169 -39.64 25.63 -15.73
N ARG A 170 -39.32 25.91 -17.01
CA ARG A 170 -38.51 25.01 -17.84
C ARG A 170 -37.10 24.87 -17.28
N PHE A 171 -36.51 26.02 -16.90
CA PHE A 171 -35.19 26.09 -16.29
C PHE A 171 -35.12 25.32 -14.95
N TYR A 172 -36.02 25.58 -14.01
CA TYR A 172 -36.01 24.88 -12.71
C TYR A 172 -36.31 23.40 -12.83
N THR A 173 -37.27 23.01 -13.67
CA THR A 173 -37.57 21.60 -13.90
C THR A 173 -36.40 20.89 -14.50
N ALA A 174 -35.75 21.48 -15.51
CA ALA A 174 -34.57 20.88 -16.14
C ALA A 174 -33.42 20.64 -15.15
N GLU A 175 -33.22 21.58 -14.21
CA GLU A 175 -32.16 21.41 -13.19
C GLU A 175 -32.54 20.31 -12.16
N VAL A 176 -33.83 20.21 -11.81
CA VAL A 176 -34.33 19.13 -10.94
C VAL A 176 -34.17 17.77 -11.63
N VAL A 177 -34.39 17.71 -12.96
CA VAL A 177 -34.25 16.47 -13.72
C VAL A 177 -32.83 15.99 -13.65
N LEU A 178 -31.85 16.91 -13.88
CA LEU A 178 -30.44 16.56 -13.78
C LEU A 178 -30.01 16.20 -12.37
N ALA A 179 -30.58 16.86 -11.38
CA ALA A 179 -30.27 16.60 -9.98
C ALA A 179 -30.77 15.19 -9.60
N LEU A 180 -32.00 14.81 -9.99
CA LEU A 180 -32.57 13.48 -9.70
C LEU A 180 -31.88 12.38 -10.45
N ASP A 181 -31.43 12.65 -11.67
CA ASP A 181 -30.68 11.69 -12.45
C ASP A 181 -29.35 11.35 -11.77
N ALA A 182 -28.64 12.36 -11.27
CA ALA A 182 -27.38 12.13 -10.57
C ALA A 182 -27.59 11.27 -9.32
N ILE A 183 -28.71 11.46 -8.62
CA ILE A 183 -29.01 10.69 -7.41
C ILE A 183 -29.43 9.25 -7.76
N HIS A 184 -30.25 9.10 -8.80
CA HIS A 184 -30.71 7.80 -9.28
C HIS A 184 -29.54 7.00 -9.84
N SER A 185 -28.58 7.64 -10.49
CA SER A 185 -27.38 6.96 -11.02
C SER A 185 -26.54 6.32 -9.93
N MET A 186 -26.55 6.91 -8.74
CA MET A 186 -25.85 6.35 -7.59
C MET A 186 -26.60 5.16 -6.96
N GLY A 187 -27.82 4.86 -7.41
CA GLY A 187 -28.60 3.76 -6.86
C GLY A 187 -29.56 4.18 -5.76
N PHE A 188 -29.82 5.49 -5.61
CA PHE A 188 -30.69 5.97 -4.54
C PHE A 188 -32.01 6.49 -5.06
N ILE A 189 -33.03 6.46 -4.22
CA ILE A 189 -34.31 7.07 -4.52
C ILE A 189 -34.61 8.12 -3.43
N HIS A 190 -34.60 9.43 -3.82
CA HIS A 190 -34.78 10.61 -2.98
C HIS A 190 -36.01 10.50 -2.05
N ARG A 191 -37.10 9.88 -2.50
CA ARG A 191 -38.33 9.59 -1.74
C ARG A 191 -39.17 10.79 -1.26
N ASP A 192 -38.59 11.99 -1.23
CA ASP A 192 -39.34 13.15 -0.78
C ASP A 192 -38.90 14.37 -1.54
N VAL A 193 -38.97 14.29 -2.87
CA VAL A 193 -38.65 15.41 -3.72
C VAL A 193 -39.79 16.41 -3.57
N LYS A 194 -39.44 17.60 -3.16
CA LYS A 194 -40.39 18.69 -2.91
C LYS A 194 -39.61 20.01 -2.99
N PRO A 195 -40.29 21.14 -3.18
CA PRO A 195 -39.56 22.42 -3.31
C PRO A 195 -38.64 22.79 -2.13
N ASP A 196 -38.91 22.22 -0.93
CA ASP A 196 -38.12 22.41 0.29
C ASP A 196 -36.69 21.90 0.09
N ASN A 197 -36.52 20.86 -0.70
CA ASN A 197 -35.20 20.28 -0.99
C ASN A 197 -34.44 20.98 -2.11
N MET A 198 -35.06 21.91 -2.82
CA MET A 198 -34.48 22.56 -3.97
C MET A 198 -33.91 23.86 -3.51
N LEU A 199 -32.60 24.00 -3.53
CA LEU A 199 -31.93 25.22 -3.07
C LEU A 199 -31.23 25.93 -4.21
N LEU A 200 -31.06 27.23 -4.08
CA LEU A 200 -30.45 28.08 -5.12
C LEU A 200 -29.10 28.63 -4.63
N ASP A 201 -28.05 28.55 -5.49
CA ASP A 201 -26.71 29.00 -5.12
C ASP A 201 -26.57 30.53 -5.34
N LYS A 202 -25.32 31.09 -5.25
CA LYS A 202 -25.09 32.55 -5.43
C LYS A 202 -25.46 33.03 -6.85
N SER A 203 -25.45 32.13 -7.83
CA SER A 203 -25.86 32.47 -9.19
C SER A 203 -27.39 32.24 -9.47
N GLY A 204 -28.12 31.65 -8.53
CA GLY A 204 -29.52 31.32 -8.73
C GLY A 204 -29.76 29.99 -9.42
N HIS A 205 -28.73 29.14 -9.49
CA HIS A 205 -28.86 27.81 -10.06
C HIS A 205 -29.26 26.81 -8.94
N LEU A 206 -30.14 25.85 -9.29
CA LEU A 206 -30.73 24.84 -8.42
C LEU A 206 -29.85 23.66 -8.18
N LYS A 207 -29.80 23.22 -6.92
CA LYS A 207 -29.18 22.00 -6.41
C LYS A 207 -30.13 21.34 -5.44
N LEU A 208 -30.18 20.00 -5.46
CA LEU A 208 -30.99 19.29 -4.49
C LEU A 208 -30.18 19.05 -3.22
N ALA A 209 -30.83 19.24 -2.10
CA ALA A 209 -30.37 18.79 -0.79
C ALA A 209 -31.26 17.57 -0.51
N ASP A 210 -30.79 16.67 0.35
CA ASP A 210 -31.54 15.43 0.61
C ASP A 210 -31.78 15.34 2.05
N PHE A 211 -33.04 15.31 2.41
CA PHE A 211 -33.49 15.18 3.79
C PHE A 211 -35.02 14.88 3.77
N GLY A 212 -35.63 14.78 4.96
CA GLY A 212 -37.06 14.61 5.18
C GLY A 212 -37.65 15.74 6.02
N GLY A 230 -44.99 10.76 3.57
CA GLY A 230 -44.27 12.04 3.56
C GLY A 230 -45.19 13.24 3.62
N THR A 231 -45.03 14.19 2.67
CA THR A 231 -45.86 15.40 2.52
C THR A 231 -47.11 15.00 1.71
N PRO A 232 -48.32 15.47 2.07
CA PRO A 232 -49.53 15.02 1.33
C PRO A 232 -49.61 15.43 -0.14
N ASP A 233 -49.48 16.73 -0.45
CA ASP A 233 -49.61 17.25 -1.82
C ASP A 233 -48.72 16.59 -2.89
N TYR A 234 -47.52 16.17 -2.49
CA TYR A 234 -46.51 15.58 -3.38
C TYR A 234 -46.48 14.05 -3.40
N ILE A 235 -47.42 13.38 -2.69
CA ILE A 235 -47.40 11.92 -2.58
C ILE A 235 -48.07 11.22 -3.77
N SER A 236 -47.42 10.20 -4.31
CA SER A 236 -47.91 9.49 -5.46
C SER A 236 -49.03 8.48 -5.09
N PRO A 237 -49.90 8.12 -6.08
CA PRO A 237 -50.97 7.15 -5.78
C PRO A 237 -50.47 5.81 -5.31
N GLU A 238 -49.37 5.30 -5.87
CA GLU A 238 -48.84 4.00 -5.46
C GLU A 238 -48.44 3.97 -3.98
N VAL A 239 -48.24 5.14 -3.35
CA VAL A 239 -47.93 5.17 -1.92
C VAL A 239 -49.22 5.14 -1.09
N LEU A 240 -50.21 5.96 -1.45
CA LEU A 240 -51.49 6.01 -0.75
C LEU A 240 -52.29 4.68 -0.78
N LYS A 241 -52.01 3.81 -1.77
CA LYS A 241 -52.67 2.52 -1.86
C LYS A 241 -51.80 1.36 -1.31
N SER A 242 -50.62 1.66 -0.72
CA SER A 242 -49.70 0.67 -0.17
C SER A 242 -49.69 0.63 1.37
N GLN A 243 -50.34 1.59 2.04
CA GLN A 243 -50.38 1.59 3.49
C GLN A 243 -51.63 0.84 4.00
N TYR A 249 -40.85 0.61 -3.95
CA TYR A 249 -41.18 1.53 -5.04
C TYR A 249 -39.97 1.77 -5.97
N GLY A 250 -40.21 2.38 -7.12
CA GLY A 250 -39.15 2.68 -8.06
C GLY A 250 -38.80 4.15 -8.11
N ARG A 251 -37.99 4.53 -9.10
CA ARG A 251 -37.62 5.93 -9.31
C ARG A 251 -38.86 6.76 -9.74
N GLU A 252 -39.94 6.10 -10.22
CA GLU A 252 -41.20 6.70 -10.65
C GLU A 252 -41.87 7.54 -9.57
N CYS A 253 -41.75 7.15 -8.28
CA CYS A 253 -42.36 7.95 -7.22
C CYS A 253 -41.68 9.36 -7.16
N ASP A 254 -40.38 9.44 -7.46
CA ASP A 254 -39.68 10.73 -7.56
C ASP A 254 -40.18 11.56 -8.76
N TRP A 255 -40.37 10.91 -9.91
CA TRP A 255 -40.83 11.62 -11.10
C TRP A 255 -42.24 12.12 -10.95
N TRP A 256 -43.13 11.43 -10.13
CA TRP A 256 -44.47 11.94 -9.85
C TRP A 256 -44.36 13.33 -9.18
N SER A 257 -43.46 13.48 -8.21
CA SER A 257 -43.17 14.71 -7.46
C SER A 257 -42.68 15.86 -8.38
N VAL A 258 -41.86 15.57 -9.37
CA VAL A 258 -41.45 16.57 -10.39
C VAL A 258 -42.68 17.13 -11.14
N GLY A 259 -43.64 16.28 -11.48
CA GLY A 259 -44.86 16.71 -12.15
C GLY A 259 -45.72 17.60 -11.29
N VAL A 260 -45.83 17.26 -9.98
CA VAL A 260 -46.56 18.09 -9.02
C VAL A 260 -45.89 19.47 -8.93
N PHE A 261 -44.56 19.49 -8.83
CA PHE A 261 -43.74 20.68 -8.75
C PHE A 261 -43.91 21.57 -10.00
N LEU A 262 -43.84 20.99 -11.21
CA LEU A 262 -44.03 21.75 -12.45
C LEU A 262 -45.41 22.36 -12.50
N TYR A 263 -46.44 21.63 -12.07
CA TYR A 263 -47.81 22.13 -12.06
C TYR A 263 -47.94 23.27 -11.04
N GLU A 264 -47.39 23.10 -9.83
CA GLU A 264 -47.46 24.15 -8.82
C GLU A 264 -46.75 25.40 -9.28
N MET A 265 -45.60 25.27 -9.97
CA MET A 265 -44.90 26.45 -10.50
C MET A 265 -45.77 27.17 -11.53
N LEU A 266 -46.30 26.44 -12.51
CA LEU A 266 -47.08 27.07 -13.58
C LEU A 266 -48.48 27.56 -13.21
N VAL A 267 -49.16 26.89 -12.27
CA VAL A 267 -50.53 27.22 -11.90
C VAL A 267 -50.64 28.08 -10.63
N GLY A 268 -49.71 27.92 -9.70
CA GLY A 268 -49.75 28.65 -8.44
C GLY A 268 -50.30 27.83 -7.28
N ASP A 269 -50.91 26.69 -7.58
CA ASP A 269 -51.50 25.77 -6.61
C ASP A 269 -51.08 24.34 -6.93
N THR A 270 -51.15 23.43 -5.92
CA THR A 270 -50.81 22.04 -6.16
C THR A 270 -51.98 21.37 -6.93
N PRO A 271 -51.70 20.38 -7.79
CA PRO A 271 -52.78 19.80 -8.60
C PRO A 271 -53.93 19.14 -7.85
N PHE A 272 -53.64 18.63 -6.66
CA PHE A 272 -54.63 17.88 -5.90
C PHE A 272 -54.94 18.53 -4.57
N TYR A 273 -54.87 19.87 -4.50
CA TYR A 273 -55.13 20.57 -3.26
C TYR A 273 -56.57 20.36 -2.79
N ALA A 274 -56.76 20.25 -1.47
CA ALA A 274 -58.02 20.15 -0.76
C ALA A 274 -57.82 20.63 0.70
N ASP A 275 -58.90 21.08 1.35
CA ASP A 275 -58.84 21.59 2.72
C ASP A 275 -58.35 20.56 3.74
N SER A 276 -58.78 19.29 3.55
CA SER A 276 -58.43 18.18 4.43
C SER A 276 -57.42 17.24 3.79
N LEU A 277 -56.80 16.40 4.65
CA LEU A 277 -55.83 15.39 4.28
C LEU A 277 -56.49 14.36 3.37
N VAL A 278 -57.72 13.91 3.74
CA VAL A 278 -58.51 12.90 3.04
C VAL A 278 -58.95 13.34 1.65
N GLY A 279 -59.29 14.61 1.51
CA GLY A 279 -59.69 15.18 0.23
C GLY A 279 -58.55 15.15 -0.77
N THR A 280 -57.34 15.48 -0.29
CA THR A 280 -56.13 15.46 -1.11
C THR A 280 -55.84 14.02 -1.51
N TYR A 281 -55.91 13.06 -0.57
CA TYR A 281 -55.65 11.66 -0.89
C TYR A 281 -56.59 11.12 -1.94
N SER A 282 -57.88 11.49 -1.86
CA SER A 282 -58.86 11.02 -2.83
C SER A 282 -58.66 11.67 -4.19
N LYS A 283 -58.28 12.96 -4.22
CA LYS A 283 -57.97 13.64 -5.49
C LYS A 283 -56.75 13.00 -6.15
N ILE A 284 -55.74 12.61 -5.36
CA ILE A 284 -54.54 11.94 -5.85
C ILE A 284 -54.89 10.60 -6.48
N MET A 285 -55.69 9.77 -5.76
CA MET A 285 -56.12 8.47 -6.31
C MET A 285 -56.99 8.66 -7.55
N ASN A 286 -57.81 9.69 -7.56
CA ASN A 286 -58.69 9.96 -8.69
C ASN A 286 -58.02 10.93 -9.70
N HIS A 287 -56.68 10.89 -9.82
CA HIS A 287 -55.90 11.78 -10.68
C HIS A 287 -56.40 11.85 -12.12
N LYS A 288 -56.86 10.72 -12.70
CA LYS A 288 -57.37 10.74 -14.07
C LYS A 288 -58.54 11.71 -14.26
N ASN A 289 -59.29 12.01 -13.19
CA ASN A 289 -60.41 12.94 -13.30
C ASN A 289 -60.19 14.24 -12.53
N SER A 290 -59.40 14.20 -11.44
CA SER A 290 -59.16 15.40 -10.62
C SER A 290 -58.13 16.38 -11.21
N LEU A 291 -57.18 15.88 -12.00
CA LEU A 291 -56.16 16.72 -12.60
C LEU A 291 -56.75 17.62 -13.67
N THR A 292 -56.86 18.91 -13.36
CA THR A 292 -57.40 19.87 -14.32
C THR A 292 -56.53 21.11 -14.39
N PHE A 293 -56.53 21.78 -15.53
CA PHE A 293 -55.82 23.03 -15.70
C PHE A 293 -56.87 24.14 -15.70
N PRO A 294 -56.64 25.24 -14.97
CA PRO A 294 -57.67 26.29 -14.90
C PRO A 294 -57.97 26.95 -16.24
N ASP A 295 -59.23 27.44 -16.40
CA ASP A 295 -59.65 28.13 -17.62
C ASP A 295 -58.80 29.40 -17.82
N ASP A 296 -58.49 30.10 -16.70
CA ASP A 296 -57.69 31.32 -16.63
C ASP A 296 -56.19 31.01 -16.59
N ASN A 297 -55.67 30.25 -17.56
CA ASN A 297 -54.24 29.95 -17.63
C ASN A 297 -53.83 29.67 -19.07
N ASP A 298 -52.69 30.22 -19.49
CA ASP A 298 -52.21 30.02 -20.86
C ASP A 298 -50.92 29.22 -20.90
N ILE A 299 -50.97 28.04 -20.29
CA ILE A 299 -49.91 27.06 -20.25
C ILE A 299 -49.85 26.37 -21.62
N SER A 300 -48.65 26.15 -22.15
CA SER A 300 -48.49 25.52 -23.45
C SER A 300 -48.94 24.03 -23.52
N LYS A 301 -49.10 23.51 -24.74
CA LYS A 301 -49.49 22.12 -24.95
C LYS A 301 -48.41 21.18 -24.41
N GLU A 302 -47.14 21.52 -24.67
CA GLU A 302 -45.99 20.72 -24.25
C GLU A 302 -45.80 20.73 -22.72
N ALA A 303 -46.18 21.83 -22.03
CA ALA A 303 -46.10 21.91 -20.58
C ALA A 303 -47.17 21.01 -19.96
N LYS A 304 -48.40 21.02 -20.55
CA LYS A 304 -49.49 20.16 -20.07
C LYS A 304 -49.15 18.68 -20.33
N ASN A 305 -48.54 18.38 -21.49
CA ASN A 305 -48.13 17.01 -21.83
C ASN A 305 -47.06 16.49 -20.86
N LEU A 306 -46.10 17.35 -20.43
CA LEU A 306 -45.06 16.90 -19.53
C LEU A 306 -45.67 16.64 -18.14
N ILE A 307 -46.52 17.55 -17.66
CA ILE A 307 -47.18 17.40 -16.37
C ILE A 307 -48.00 16.10 -16.35
N CYS A 308 -48.80 15.87 -17.42
CA CYS A 308 -49.63 14.66 -17.54
C CYS A 308 -48.79 13.40 -17.69
N ALA A 309 -47.59 13.49 -18.29
CA ALA A 309 -46.73 12.29 -18.42
C ALA A 309 -46.17 11.86 -17.06
N PHE A 310 -46.04 12.80 -16.11
CA PHE A 310 -45.53 12.49 -14.77
C PHE A 310 -46.71 12.16 -13.85
N LEU A 311 -47.79 12.94 -13.94
CA LEU A 311 -48.96 12.75 -13.11
C LEU A 311 -49.92 11.68 -13.70
N THR A 312 -49.44 10.47 -13.80
CA THR A 312 -50.14 9.32 -14.32
C THR A 312 -49.76 8.06 -13.51
N ASP A 313 -50.36 6.90 -13.85
CA ASP A 313 -50.07 5.66 -13.16
C ASP A 313 -48.64 5.22 -13.38
N ARG A 314 -48.04 4.67 -12.34
CA ARG A 314 -46.68 4.14 -12.23
C ARG A 314 -46.27 3.29 -13.43
N GLU A 315 -47.21 2.52 -13.95
CA GLU A 315 -46.99 1.60 -15.06
CA GLU A 315 -47.06 1.59 -15.06
C GLU A 315 -46.68 2.30 -16.35
N VAL A 316 -47.24 3.49 -16.58
CA VAL A 316 -46.98 4.24 -17.81
C VAL A 316 -46.23 5.58 -17.60
N ARG A 317 -45.81 5.88 -16.39
CA ARG A 317 -45.20 7.16 -16.05
C ARG A 317 -43.88 7.48 -16.74
N LEU A 318 -43.73 8.76 -17.10
CA LEU A 318 -42.45 9.28 -17.62
C LEU A 318 -41.41 9.15 -16.48
N GLY A 319 -40.29 8.51 -16.78
CA GLY A 319 -39.26 8.28 -15.78
C GLY A 319 -38.90 6.82 -15.58
N ARG A 320 -39.82 5.88 -15.90
CA ARG A 320 -39.58 4.44 -15.75
C ARG A 320 -38.33 3.99 -16.49
N ASN A 321 -38.16 4.46 -17.72
CA ASN A 321 -37.10 4.08 -18.62
C ASN A 321 -35.78 4.86 -18.42
N GLY A 322 -35.77 5.90 -17.61
CA GLY A 322 -34.57 6.71 -17.40
C GLY A 322 -34.77 8.18 -17.76
N VAL A 323 -33.71 8.98 -17.66
CA VAL A 323 -33.81 10.40 -17.95
C VAL A 323 -33.80 10.75 -19.39
N GLU A 324 -33.18 9.93 -20.26
CA GLU A 324 -33.07 10.28 -21.68
C GLU A 324 -34.41 10.60 -22.33
N GLU A 325 -35.43 9.89 -21.90
CA GLU A 325 -36.80 10.05 -22.33
C GLU A 325 -37.34 11.41 -21.89
N ILE A 326 -37.03 11.81 -20.64
CA ILE A 326 -37.46 13.09 -20.07
C ILE A 326 -36.72 14.22 -20.77
N LYS A 327 -35.42 14.06 -21.00
CA LYS A 327 -34.62 15.11 -21.66
C LYS A 327 -35.04 15.38 -23.09
N ARG A 328 -35.50 14.31 -23.81
CA ARG A 328 -36.01 14.42 -25.18
C ARG A 328 -37.40 15.05 -25.28
N HIS A 329 -38.08 15.30 -24.16
CA HIS A 329 -39.42 15.88 -24.19
C HIS A 329 -39.39 17.27 -24.75
N LEU A 330 -40.36 17.57 -25.61
CA LEU A 330 -40.49 18.84 -26.32
C LEU A 330 -40.62 20.06 -25.42
N PHE A 331 -41.15 19.92 -24.19
CA PHE A 331 -41.25 21.04 -23.24
C PHE A 331 -39.86 21.68 -22.99
N PHE A 332 -38.80 20.88 -23.05
CA PHE A 332 -37.44 21.39 -22.81
C PHE A 332 -36.78 22.01 -24.07
N LYS A 333 -37.46 22.00 -25.23
CA LYS A 333 -36.90 22.59 -26.44
C LYS A 333 -37.02 24.09 -26.30
N ASN A 334 -35.89 24.78 -26.40
CA ASN A 334 -35.85 26.23 -26.25
C ASN A 334 -34.60 26.78 -26.97
N ASP A 335 -34.54 28.12 -27.12
CA ASP A 335 -33.43 28.81 -27.76
C ASP A 335 -32.35 29.27 -26.82
N GLN A 336 -32.67 29.44 -25.52
CA GLN A 336 -31.72 29.94 -24.52
C GLN A 336 -30.61 28.97 -24.18
N TRP A 337 -30.94 27.69 -23.95
CA TRP A 337 -29.95 26.74 -23.49
C TRP A 337 -30.14 25.36 -24.08
N ALA A 338 -29.10 24.56 -23.94
CA ALA A 338 -29.03 23.14 -24.26
C ALA A 338 -28.65 22.39 -22.95
N TRP A 339 -28.92 21.09 -22.83
CA TRP A 339 -28.63 20.33 -21.60
C TRP A 339 -27.18 20.52 -21.10
N GLU A 340 -26.23 20.60 -22.05
CA GLU A 340 -24.81 20.75 -21.75
C GLU A 340 -24.40 22.19 -21.34
N THR A 341 -25.23 23.18 -21.67
CA THR A 341 -24.97 24.57 -21.32
C THR A 341 -26.01 25.20 -20.37
N LEU A 342 -26.90 24.38 -19.77
CA LEU A 342 -27.93 24.81 -18.85
C LEU A 342 -27.39 25.54 -17.64
N ARG A 343 -26.35 25.00 -17.04
CA ARG A 343 -25.70 25.57 -15.87
C ARG A 343 -24.91 26.88 -16.21
N ASP A 344 -24.60 27.11 -17.49
CA ASP A 344 -23.87 28.27 -17.95
C ASP A 344 -24.80 29.47 -18.21
N THR A 345 -26.11 29.25 -18.35
CA THR A 345 -27.02 30.36 -18.63
C THR A 345 -27.32 31.17 -17.38
N VAL A 346 -27.78 32.41 -17.57
CA VAL A 346 -28.17 33.29 -16.50
C VAL A 346 -29.49 32.74 -15.95
N ALA A 347 -29.54 32.48 -14.67
CA ALA A 347 -30.73 31.96 -14.00
C ALA A 347 -31.76 33.05 -13.90
N PRO A 348 -33.05 32.69 -13.81
CA PRO A 348 -34.10 33.71 -13.76
C PRO A 348 -34.08 34.64 -12.54
N VAL A 349 -33.68 34.17 -11.37
CA VAL A 349 -33.63 34.95 -10.15
C VAL A 349 -32.22 34.84 -9.59
N VAL A 350 -31.44 35.90 -9.74
CA VAL A 350 -30.08 35.90 -9.27
C VAL A 350 -30.08 36.69 -7.97
N PRO A 351 -29.73 36.05 -6.86
CA PRO A 351 -29.72 36.78 -5.60
C PRO A 351 -28.65 37.91 -5.47
N ASP A 352 -29.05 39.07 -4.97
CA ASP A 352 -28.17 40.18 -4.68
C ASP A 352 -27.67 39.97 -3.22
N LEU A 353 -26.42 39.56 -3.03
CA LEU A 353 -25.89 39.29 -1.68
C LEU A 353 -24.95 40.40 -1.12
N SER A 354 -25.30 40.93 0.05
CA SER A 354 -24.54 41.98 0.71
C SER A 354 -23.19 41.49 1.21
N SER A 355 -23.15 40.24 1.69
CA SER A 355 -21.90 39.66 2.18
C SER A 355 -21.99 38.12 2.16
N ASP A 356 -20.88 37.46 2.50
CA ASP A 356 -20.81 36.01 2.55
C ASP A 356 -21.71 35.40 3.66
N ILE A 357 -22.28 36.21 4.55
CA ILE A 357 -23.20 35.73 5.59
C ILE A 357 -24.59 36.28 5.43
N ASP A 358 -24.94 36.81 4.24
CA ASP A 358 -26.27 37.31 3.92
C ASP A 358 -27.21 36.08 3.93
N THR A 359 -28.26 36.15 4.75
CA THR A 359 -29.29 35.13 4.85
C THR A 359 -30.65 35.76 4.58
N SER A 360 -30.72 36.81 3.74
CA SER A 360 -31.99 37.46 3.44
C SER A 360 -32.99 36.52 2.76
N ASN A 361 -32.52 35.43 2.10
CA ASN A 361 -33.43 34.48 1.48
C ASN A 361 -33.88 33.35 2.40
N PHE A 362 -33.61 33.49 3.73
CA PHE A 362 -34.02 32.53 4.74
C PHE A 362 -34.70 33.28 5.89
N ASP A 363 -35.61 32.60 6.60
CA ASP A 363 -36.20 33.16 7.82
C ASP A 363 -35.13 32.99 8.91
N ASP A 364 -34.58 34.08 9.48
CA ASP A 364 -33.56 33.90 10.55
C ASP A 364 -34.28 33.35 11.79
N LEU A 365 -33.67 32.37 12.42
CA LEU A 365 -34.18 31.71 13.63
C LEU A 365 -33.20 32.06 14.77
N GLU A 366 -33.58 31.80 16.02
CA GLU A 366 -32.66 32.07 17.12
C GLU A 366 -31.82 30.89 17.49
N GLU A 367 -30.62 31.16 17.98
CA GLU A 367 -29.75 30.12 18.50
C GLU A 367 -30.38 29.58 19.79
N ASP A 368 -30.46 28.26 19.97
CA ASP A 368 -30.93 27.71 21.23
C ASP A 368 -29.68 27.32 21.99
N LYS A 369 -29.34 28.08 23.02
CA LYS A 369 -28.10 27.83 23.76
C LYS A 369 -28.27 26.91 24.99
N GLY A 370 -29.50 26.68 25.43
CA GLY A 370 -29.75 25.85 26.60
C GLY A 370 -29.14 24.44 26.60
N GLU A 371 -28.67 23.99 27.79
CA GLU A 371 -28.12 22.63 27.92
C GLU A 371 -29.21 21.60 27.56
N GLU A 372 -28.81 20.64 26.77
CA GLU A 372 -29.71 19.60 26.30
C GLU A 372 -29.46 18.31 27.03
N GLU A 373 -30.49 17.55 27.16
CA GLU A 373 -30.50 16.28 27.85
C GLU A 373 -29.66 15.27 27.07
N THR A 374 -28.89 14.46 27.79
CA THR A 374 -28.05 13.45 27.18
C THR A 374 -28.57 12.05 27.56
N PHE A 375 -27.95 11.00 26.99
CA PHE A 375 -28.36 9.64 27.25
C PHE A 375 -28.29 9.32 28.74
N PRO A 376 -29.17 8.41 29.20
CA PRO A 376 -29.05 7.93 30.59
C PRO A 376 -27.64 7.37 30.84
N ILE A 377 -27.01 7.73 31.99
CA ILE A 377 -25.68 7.26 32.33
C ILE A 377 -25.70 5.77 32.49
N PRO A 378 -24.91 5.04 31.69
CA PRO A 378 -24.97 3.58 31.76
C PRO A 378 -24.41 2.98 33.05
N LYS A 379 -25.05 1.92 33.48
CA LYS A 379 -24.64 1.08 34.60
C LYS A 379 -23.75 -0.09 34.03
N ALA A 380 -23.99 -0.49 32.80
CA ALA A 380 -23.24 -1.48 32.03
C ALA A 380 -23.10 -0.92 30.58
N PHE A 381 -22.21 -1.51 29.77
CA PHE A 381 -22.00 -1.08 28.39
C PHE A 381 -23.26 -1.22 27.58
N VAL A 382 -23.70 -0.13 26.95
CA VAL A 382 -24.92 -0.10 26.13
C VAL A 382 -24.63 0.21 24.65
N GLY A 383 -23.52 0.86 24.36
CA GLY A 383 -23.13 1.14 22.98
C GLY A 383 -23.94 2.21 22.26
N ASN A 384 -24.21 3.34 22.90
CA ASN A 384 -24.96 4.44 22.27
C ASN A 384 -24.25 5.07 21.08
N GLN A 385 -22.93 4.95 21.01
CA GLN A 385 -22.14 5.49 19.91
C GLN A 385 -22.01 4.56 18.70
N LEU A 386 -22.34 3.28 18.87
CA LEU A 386 -22.22 2.29 17.82
C LEU A 386 -23.02 2.59 16.53
N PRO A 387 -24.28 3.10 16.58
CA PRO A 387 -24.99 3.38 15.31
C PRO A 387 -24.32 4.44 14.43
N PHE A 388 -23.36 5.21 14.98
CA PHE A 388 -22.75 6.32 14.26
C PHE A 388 -21.31 6.11 13.82
N VAL A 389 -20.76 4.90 14.00
CA VAL A 389 -19.39 4.61 13.60
C VAL A 389 -19.36 4.56 12.08
N GLY A 390 -18.44 5.32 11.49
CA GLY A 390 -18.31 5.41 10.04
C GLY A 390 -18.94 6.64 9.41
N PHE A 391 -19.49 7.55 10.23
CA PHE A 391 -20.12 8.77 9.73
C PHE A 391 -19.09 9.80 9.31
N THR A 392 -17.94 9.89 10.01
CA THR A 392 -16.92 10.87 9.67
C THR A 392 -16.46 10.78 8.21
N TYR A 393 -16.30 11.92 7.57
CA TYR A 393 -15.90 12.04 6.18
C TYR A 393 -15.10 13.30 5.96
N TYR A 394 -13.93 13.18 5.35
CA TYR A 394 -13.12 14.35 5.00
C TYR A 394 -12.95 14.42 3.48
N SER A 395 -13.24 15.61 2.90
CA SER A 395 -13.10 15.87 1.45
C SER A 395 -11.65 16.26 1.14
N GLU B 2 -5.16 21.50 7.90
CA GLU B 2 -4.22 21.16 6.83
C GLU B 2 -2.98 20.51 7.41
N THR B 3 -2.38 21.16 8.42
CA THR B 3 -1.28 20.55 9.18
C THR B 3 -1.90 19.52 10.16
N ARG B 4 -3.15 19.76 10.66
CA ARG B 4 -3.85 18.77 11.48
C ARG B 4 -4.12 17.52 10.63
N PHE B 5 -4.52 17.70 9.36
CA PHE B 5 -4.79 16.61 8.45
C PHE B 5 -3.51 15.79 8.19
N GLU B 6 -2.38 16.48 8.02
CA GLU B 6 -1.11 15.79 7.78
C GLU B 6 -0.61 15.12 9.05
N LYS B 7 -0.77 15.77 10.21
CA LYS B 7 -0.37 15.21 11.50
C LYS B 7 -1.15 13.93 11.79
N MET B 8 -2.45 13.89 11.46
CA MET B 8 -3.30 12.72 11.63
C MET B 8 -2.81 11.58 10.75
N ASP B 9 -2.53 11.88 9.48
CA ASP B 9 -2.04 10.93 8.49
C ASP B 9 -0.72 10.31 8.94
N ASN B 10 0.13 11.10 9.63
CA ASN B 10 1.41 10.63 10.14
C ASN B 10 1.17 9.62 11.26
N LEU B 11 0.27 9.93 12.21
CA LEU B 11 -0.13 9.05 13.30
C LEU B 11 -0.70 7.72 12.80
N LEU B 12 -1.39 7.71 11.65
CA LEU B 12 -1.96 6.49 11.12
C LEU B 12 -0.93 5.58 10.44
N ARG B 13 0.19 6.14 10.00
CA ARG B 13 1.22 5.37 9.30
C ARG B 13 2.45 5.04 10.17
N ASP B 14 2.71 5.84 11.21
CA ASP B 14 3.82 5.68 12.14
C ASP B 14 3.73 4.33 12.87
N PRO B 15 4.73 3.44 12.67
CA PRO B 15 4.69 2.14 13.34
C PRO B 15 4.75 2.21 14.86
N LYS B 16 5.23 3.32 15.42
CA LYS B 16 5.30 3.51 16.87
C LYS B 16 4.05 4.14 17.47
N SER B 17 3.08 4.52 16.63
CA SER B 17 1.88 5.19 17.10
C SER B 17 0.82 4.20 17.62
N GLU B 18 0.12 4.60 18.68
CA GLU B 18 -0.98 3.82 19.25
C GLU B 18 -2.28 3.94 18.45
N VAL B 19 -2.35 4.85 17.47
CA VAL B 19 -3.50 5.00 16.61
C VAL B 19 -3.18 4.73 15.13
N ASN B 20 -2.16 3.89 14.85
CA ASN B 20 -1.86 3.53 13.49
C ASN B 20 -2.89 2.51 12.99
N SER B 21 -2.97 2.31 11.67
CA SER B 21 -3.96 1.42 11.06
C SER B 21 -4.14 0.07 11.75
N ASP B 22 -3.02 -0.56 12.16
CA ASP B 22 -3.05 -1.86 12.84
C ASP B 22 -3.70 -1.79 14.19
N CYS B 23 -3.45 -0.73 14.93
CA CYS B 23 -4.05 -0.56 16.24
C CYS B 23 -5.54 -0.25 16.13
N LEU B 24 -5.95 0.54 15.11
CA LEU B 24 -7.34 0.87 14.90
C LEU B 24 -8.15 -0.35 14.44
N LEU B 25 -7.51 -1.24 13.64
CA LEU B 25 -8.17 -2.47 13.23
C LEU B 25 -8.31 -3.40 14.45
N ASP B 26 -7.32 -3.43 15.37
CA ASP B 26 -7.41 -4.21 16.60
C ASP B 26 -8.62 -3.81 17.41
N GLY B 27 -8.90 -2.50 17.52
CA GLY B 27 -10.04 -2.01 18.29
C GLY B 27 -11.37 -2.52 17.75
N LEU B 28 -11.53 -2.48 16.45
CA LEU B 28 -12.73 -2.97 15.80
C LEU B 28 -12.83 -4.48 15.96
N ASP B 29 -11.71 -5.18 15.76
CA ASP B 29 -11.64 -6.63 15.94
C ASP B 29 -12.02 -7.05 17.37
N ALA B 30 -11.43 -6.36 18.38
CA ALA B 30 -11.70 -6.64 19.80
C ALA B 30 -13.15 -6.37 20.13
N LEU B 31 -13.71 -5.29 19.59
CA LEU B 31 -15.09 -4.90 19.83
C LEU B 31 -16.04 -5.99 19.32
N VAL B 32 -15.87 -6.45 18.09
CA VAL B 32 -16.70 -7.52 17.52
C VAL B 32 -16.60 -8.83 18.34
N TYR B 33 -15.37 -9.26 18.74
CA TYR B 33 -15.21 -10.47 19.54
C TYR B 33 -15.95 -10.34 20.89
N ASP B 34 -15.83 -9.18 21.56
CA ASP B 34 -16.40 -8.92 22.88
C ASP B 34 -17.89 -8.65 22.92
N LEU B 35 -18.51 -8.28 21.79
CA LEU B 35 -19.93 -7.98 21.77
C LEU B 35 -20.75 -9.16 21.23
N ASP B 36 -20.15 -9.98 20.37
CA ASP B 36 -20.86 -11.08 19.70
C ASP B 36 -21.17 -12.27 20.59
N PHE B 37 -22.17 -12.11 21.46
CA PHE B 37 -22.72 -13.10 22.37
C PHE B 37 -24.25 -12.89 22.41
N PRO B 38 -25.02 -13.98 22.50
CA PRO B 38 -26.50 -13.86 22.49
C PRO B 38 -27.13 -12.89 23.49
N ALA B 39 -26.67 -12.88 24.75
CA ALA B 39 -27.23 -11.98 25.77
C ALA B 39 -26.95 -10.49 25.46
N LEU B 40 -25.85 -10.21 24.78
CA LEU B 40 -25.48 -8.84 24.43
C LEU B 40 -26.23 -8.36 23.19
N ARG B 41 -26.52 -9.27 22.26
CA ARG B 41 -27.28 -8.95 21.07
C ARG B 41 -28.77 -8.69 21.33
N LYS B 42 -29.24 -8.86 22.56
CA LYS B 42 -30.59 -8.43 22.92
C LYS B 42 -30.66 -6.87 22.84
N ASN B 43 -29.48 -6.18 22.97
CA ASN B 43 -29.37 -4.74 22.84
C ASN B 43 -29.30 -4.45 21.35
N LYS B 44 -30.28 -3.68 20.85
CA LYS B 44 -30.43 -3.28 19.45
C LYS B 44 -29.20 -2.58 18.87
N ASN B 45 -28.54 -1.68 19.64
CA ASN B 45 -27.33 -0.97 19.19
C ASN B 45 -26.23 -1.97 18.89
N ILE B 46 -26.05 -2.98 19.77
CA ILE B 46 -25.02 -4.01 19.63
C ILE B 46 -25.35 -4.94 18.49
N ASP B 47 -26.58 -5.47 18.46
CA ASP B 47 -27.02 -6.37 17.39
C ASP B 47 -26.91 -5.74 16.01
N ASN B 48 -27.31 -4.46 15.88
CA ASN B 48 -27.20 -3.78 14.59
C ASN B 48 -25.78 -3.53 14.16
N PHE B 49 -24.89 -3.20 15.11
CA PHE B 49 -23.50 -2.91 14.81
C PHE B 49 -22.82 -4.15 14.26
N LEU B 50 -23.06 -5.31 14.91
CA LEU B 50 -22.47 -6.58 14.52
C LEU B 50 -22.95 -6.99 13.13
N SER B 51 -24.23 -6.81 12.84
CA SER B 51 -24.78 -7.16 11.52
C SER B 51 -24.20 -6.26 10.45
N ARG B 52 -24.00 -4.96 10.76
CA ARG B 52 -23.46 -4.00 9.81
C ARG B 52 -21.97 -4.26 9.55
N TYR B 53 -21.21 -4.70 10.57
CA TYR B 53 -19.77 -4.92 10.40
C TYR B 53 -19.36 -6.37 10.21
N LYS B 54 -20.32 -7.30 10.11
CA LYS B 54 -20.08 -8.74 9.92
C LYS B 54 -19.19 -9.07 8.70
N ASP B 55 -19.57 -8.59 7.51
CA ASP B 55 -18.83 -8.91 6.30
C ASP B 55 -17.43 -8.32 6.32
N THR B 56 -17.31 -7.03 6.72
CA THR B 56 -16.00 -6.39 6.70
C THR B 56 -15.06 -6.99 7.73
N ILE B 57 -15.55 -7.37 8.93
CA ILE B 57 -14.67 -7.96 9.94
C ILE B 57 -14.16 -9.34 9.50
N ASN B 58 -15.00 -10.12 8.82
CA ASN B 58 -14.63 -11.44 8.31
C ASN B 58 -13.56 -11.33 7.21
N LYS B 59 -13.69 -10.30 6.35
CA LYS B 59 -12.78 -10.03 5.26
C LYS B 59 -11.42 -9.56 5.81
N ILE B 60 -11.46 -8.68 6.82
CA ILE B 60 -10.28 -8.13 7.48
C ILE B 60 -9.48 -9.24 8.15
N ARG B 61 -10.14 -10.12 8.90
CA ARG B 61 -9.48 -11.23 9.58
C ARG B 61 -8.76 -12.14 8.60
N ASP B 62 -9.34 -12.34 7.41
CA ASP B 62 -8.73 -13.16 6.39
C ASP B 62 -7.52 -12.53 5.74
N LEU B 63 -7.57 -11.22 5.48
CA LEU B 63 -6.44 -10.52 4.86
C LEU B 63 -5.29 -10.37 5.84
N ARG B 64 -5.59 -10.06 7.10
CA ARG B 64 -4.56 -9.85 8.11
C ARG B 64 -3.84 -11.14 8.47
N MET B 65 -2.60 -11.01 8.97
CA MET B 65 -1.81 -12.16 9.39
C MET B 65 -2.52 -12.96 10.48
N LYS B 66 -2.49 -14.29 10.34
CA LYS B 66 -3.13 -15.19 11.27
C LYS B 66 -2.30 -16.45 11.49
N ALA B 67 -2.63 -17.22 12.53
CA ALA B 67 -1.87 -18.42 12.88
C ALA B 67 -1.81 -19.43 11.75
N GLU B 68 -2.89 -19.51 10.95
CA GLU B 68 -3.05 -20.40 9.80
C GLU B 68 -1.96 -20.19 8.75
N ASP B 69 -1.38 -18.99 8.66
CA ASP B 69 -0.29 -18.68 7.73
C ASP B 69 1.02 -19.42 8.07
N TYR B 70 1.12 -20.07 9.23
CA TYR B 70 2.34 -20.75 9.65
C TYR B 70 2.09 -22.21 9.98
N GLU B 71 3.09 -23.04 9.69
CA GLU B 71 3.08 -24.46 10.00
C GLU B 71 3.97 -24.68 11.22
N VAL B 72 3.46 -25.39 12.21
CA VAL B 72 4.23 -25.66 13.43
C VAL B 72 5.19 -26.84 13.23
N VAL B 73 6.48 -26.58 13.32
CA VAL B 73 7.51 -27.61 13.17
C VAL B 73 7.84 -28.28 14.51
N LYS B 74 8.17 -27.49 15.53
CA LYS B 74 8.51 -28.03 16.85
C LYS B 74 8.16 -27.03 17.96
N VAL B 75 8.12 -27.46 19.23
CA VAL B 75 7.93 -26.56 20.35
C VAL B 75 9.29 -26.47 21.01
N ILE B 76 9.90 -25.27 21.03
CA ILE B 76 11.24 -25.10 21.63
C ILE B 76 11.26 -24.37 22.97
N GLY B 77 10.11 -23.96 23.47
CA GLY B 77 10.02 -23.26 24.74
C GLY B 77 8.61 -23.34 25.28
N ARG B 78 8.46 -23.35 26.59
CA ARG B 78 7.14 -23.41 27.20
C ARG B 78 7.18 -22.67 28.53
N GLY B 79 6.12 -21.93 28.80
CA GLY B 79 6.01 -21.15 30.01
C GLY B 79 4.62 -21.16 30.59
N ALA B 80 4.44 -20.39 31.65
CA ALA B 80 3.16 -20.28 32.33
C ALA B 80 2.09 -19.67 31.41
N PHE B 81 2.48 -18.65 30.63
CA PHE B 81 1.53 -17.96 29.77
C PHE B 81 1.49 -18.40 28.34
N GLY B 82 2.23 -19.45 27.97
CA GLY B 82 2.19 -19.93 26.60
C GLY B 82 3.38 -20.79 26.19
N GLU B 83 3.77 -20.69 24.92
CA GLU B 83 4.89 -21.47 24.41
C GLU B 83 5.58 -20.80 23.21
N VAL B 84 6.79 -21.23 22.89
CA VAL B 84 7.56 -20.72 21.76
C VAL B 84 7.72 -21.88 20.79
N GLN B 85 7.28 -21.70 19.55
CA GLN B 85 7.35 -22.74 18.54
C GLN B 85 8.29 -22.36 17.43
N LEU B 86 8.88 -23.37 16.80
CA LEU B 86 9.64 -23.18 15.58
C LEU B 86 8.59 -23.35 14.49
N VAL B 87 8.39 -22.31 13.69
CA VAL B 87 7.36 -22.33 12.65
C VAL B 87 7.94 -22.08 11.25
N ARG B 88 7.19 -22.45 10.22
CA ARG B 88 7.58 -22.19 8.85
C ARG B 88 6.42 -21.46 8.18
N HIS B 89 6.70 -20.31 7.55
CA HIS B 89 5.63 -19.56 6.87
C HIS B 89 5.17 -20.37 5.65
N LYS B 90 3.91 -20.78 5.59
CA LYS B 90 3.39 -21.60 4.49
C LYS B 90 3.71 -21.07 3.10
N SER B 91 3.61 -19.76 2.90
CA SER B 91 3.89 -19.14 1.63
C SER B 91 5.40 -19.01 1.30
N THR B 92 6.15 -18.20 2.06
CA THR B 92 7.58 -17.99 1.76
C THR B 92 8.50 -19.15 2.13
N ARG B 93 8.01 -20.09 2.96
CA ARG B 93 8.71 -21.25 3.50
C ARG B 93 9.91 -20.89 4.42
N LYS B 94 9.99 -19.62 4.88
CA LYS B 94 11.02 -19.16 5.82
C LYS B 94 10.68 -19.64 7.22
N VAL B 95 11.71 -20.05 7.97
CA VAL B 95 11.58 -20.54 9.33
C VAL B 95 11.76 -19.38 10.33
N TYR B 96 10.92 -19.37 11.38
CA TYR B 96 10.93 -18.33 12.43
C TYR B 96 10.66 -18.94 13.81
N ALA B 97 10.90 -18.16 14.86
CA ALA B 97 10.54 -18.56 16.21
C ALA B 97 9.23 -17.77 16.52
N MET B 98 8.15 -18.46 16.92
CA MET B 98 6.88 -17.81 17.21
C MET B 98 6.45 -18.01 18.65
N LYS B 99 6.34 -16.93 19.41
CA LYS B 99 5.88 -17.01 20.79
C LYS B 99 4.37 -16.82 20.83
N LEU B 100 3.67 -17.67 21.59
CA LEU B 100 2.23 -17.60 21.74
C LEU B 100 1.92 -17.25 23.19
N LEU B 101 1.09 -16.23 23.43
CA LEU B 101 0.69 -15.86 24.79
C LEU B 101 -0.81 -16.07 24.93
N SER B 102 -1.23 -16.91 25.88
CA SER B 102 -2.63 -17.25 26.14
C SER B 102 -3.39 -16.08 26.76
N LYS B 103 -4.38 -15.54 26.05
CA LYS B 103 -5.23 -14.46 26.58
C LYS B 103 -5.98 -14.92 27.80
N PHE B 104 -6.46 -16.16 27.78
CA PHE B 104 -7.18 -16.75 28.91
C PHE B 104 -6.33 -16.76 30.18
N GLU B 105 -5.08 -17.23 30.09
CA GLU B 105 -4.18 -17.29 31.26
C GLU B 105 -3.77 -15.91 31.73
N MET B 106 -3.61 -14.96 30.81
CA MET B 106 -3.21 -13.61 31.17
C MET B 106 -4.37 -12.90 31.91
N ILE B 107 -5.62 -13.12 31.45
CA ILE B 107 -6.77 -12.52 32.12
C ILE B 107 -6.98 -13.23 33.49
N LYS B 108 -6.84 -14.56 33.51
CA LYS B 108 -6.99 -15.40 34.70
C LYS B 108 -5.96 -15.07 35.80
N ARG B 109 -4.67 -14.91 35.44
CA ARG B 109 -3.67 -14.57 36.48
C ARG B 109 -3.56 -13.07 36.72
N SER B 110 -4.49 -12.24 36.18
CA SER B 110 -4.47 -10.76 36.29
C SER B 110 -3.12 -10.20 35.84
N ASP B 111 -2.50 -10.83 34.85
CA ASP B 111 -1.18 -10.44 34.34
C ASP B 111 -1.32 -10.31 32.81
N SER B 112 -1.83 -9.13 32.32
CA SER B 112 -2.06 -8.90 30.90
C SER B 112 -1.43 -7.60 30.35
N ALA B 113 -0.23 -7.25 30.82
CA ALA B 113 0.45 -6.06 30.33
C ALA B 113 1.98 -6.16 30.30
N PHE B 114 2.58 -7.32 30.62
CA PHE B 114 4.04 -7.51 30.65
C PHE B 114 4.72 -7.55 29.26
N PHE B 115 3.94 -7.92 28.25
CA PHE B 115 4.39 -8.10 26.87
C PHE B 115 4.64 -6.82 26.07
N TRP B 116 4.22 -5.65 26.58
CA TRP B 116 4.38 -4.42 25.80
C TRP B 116 5.84 -4.05 25.57
N GLU B 117 6.67 -4.05 26.62
CA GLU B 117 8.09 -3.69 26.47
C GLU B 117 8.84 -4.74 25.66
N GLU B 118 8.48 -6.02 25.83
CA GLU B 118 9.07 -7.11 25.08
C GLU B 118 8.83 -6.88 23.57
N ARG B 119 7.60 -6.58 23.20
CA ARG B 119 7.18 -6.28 21.84
C ARG B 119 7.92 -5.05 21.27
N ASP B 120 7.93 -3.93 22.01
CA ASP B 120 8.56 -2.71 21.53
C ASP B 120 10.06 -2.78 21.40
N ILE B 121 10.74 -3.44 22.34
CA ILE B 121 12.19 -3.59 22.28
C ILE B 121 12.59 -4.42 21.05
N MET B 122 11.95 -5.58 20.86
CA MET B 122 12.25 -6.43 19.72
C MET B 122 11.81 -5.84 18.38
N ALA B 123 10.73 -5.05 18.35
CA ALA B 123 10.28 -4.47 17.10
C ALA B 123 11.12 -3.29 16.67
N PHE B 124 11.54 -2.44 17.62
CA PHE B 124 12.20 -1.17 17.28
C PHE B 124 13.66 -1.02 17.65
N ALA B 125 14.31 -2.05 18.24
CA ALA B 125 15.72 -1.92 18.59
C ALA B 125 16.59 -1.68 17.36
N ASN B 126 16.30 -2.42 16.24
CA ASN B 126 17.05 -2.33 14.99
C ASN B 126 18.57 -2.46 15.28
N SER B 127 18.90 -3.47 16.10
CA SER B 127 20.25 -3.67 16.59
C SER B 127 20.69 -5.09 16.35
N PRO B 128 21.98 -5.29 15.99
CA PRO B 128 22.49 -6.66 15.88
C PRO B 128 22.46 -7.40 17.23
N TRP B 129 22.36 -6.65 18.36
CA TRP B 129 22.36 -7.16 19.72
C TRP B 129 21.01 -7.56 20.29
N VAL B 130 19.91 -7.27 19.57
CA VAL B 130 18.59 -7.58 20.07
C VAL B 130 17.83 -8.48 19.10
N VAL B 131 17.17 -9.55 19.58
CA VAL B 131 16.36 -10.42 18.72
C VAL B 131 15.26 -9.60 18.06
N GLN B 132 15.10 -9.74 16.75
CA GLN B 132 14.13 -8.95 16.01
C GLN B 132 12.78 -9.59 15.89
N LEU B 133 11.73 -8.78 16.11
CA LEU B 133 10.34 -9.16 15.98
C LEU B 133 9.91 -8.66 14.63
N PHE B 134 9.55 -9.58 13.74
CA PHE B 134 9.11 -9.18 12.40
C PHE B 134 7.63 -8.86 12.43
N TYR B 135 6.83 -9.74 13.03
CA TYR B 135 5.39 -9.54 13.07
C TYR B 135 4.81 -9.83 14.42
N ALA B 136 3.77 -9.11 14.79
CA ALA B 136 3.04 -9.34 16.03
C ALA B 136 1.56 -9.31 15.62
N PHE B 137 0.80 -10.34 15.97
CA PHE B 137 -0.61 -10.42 15.59
C PHE B 137 -1.42 -11.15 16.66
N GLN B 138 -2.74 -11.29 16.47
CA GLN B 138 -3.56 -11.92 17.49
C GLN B 138 -4.87 -12.43 16.96
N ASP B 139 -5.50 -13.30 17.71
CA ASP B 139 -6.86 -13.74 17.46
C ASP B 139 -7.61 -13.65 18.82
N ASP B 140 -8.83 -14.21 18.95
CA ASP B 140 -9.54 -14.13 20.23
C ASP B 140 -8.86 -14.92 21.35
N ARG B 141 -7.99 -15.89 21.01
CA ARG B 141 -7.39 -16.74 22.02
C ARG B 141 -5.92 -16.46 22.34
N TYR B 142 -5.13 -15.98 21.37
CA TYR B 142 -3.69 -15.76 21.60
C TYR B 142 -3.09 -14.49 21.02
N LEU B 143 -1.92 -14.14 21.57
CA LEU B 143 -1.01 -13.14 21.08
C LEU B 143 0.09 -13.94 20.36
N TYR B 144 0.60 -13.43 19.24
CA TYR B 144 1.65 -14.11 18.48
C TYR B 144 2.77 -13.15 18.23
N MET B 145 3.99 -13.57 18.52
CA MET B 145 5.18 -12.78 18.28
C MET B 145 6.08 -13.60 17.37
N VAL B 146 6.24 -13.18 16.10
CA VAL B 146 7.11 -13.83 15.11
C VAL B 146 8.50 -13.18 15.15
N MET B 147 9.49 -13.92 15.62
CA MET B 147 10.87 -13.43 15.77
C MET B 147 11.84 -14.21 14.88
N GLU B 148 13.05 -13.65 14.68
CA GLU B 148 14.10 -14.38 13.97
C GLU B 148 14.52 -15.58 14.82
N TYR B 149 14.72 -16.73 14.17
CA TYR B 149 15.13 -17.93 14.86
C TYR B 149 16.63 -17.80 15.25
N MET B 150 16.97 -18.15 16.51
CA MET B 150 18.32 -18.13 17.06
C MET B 150 18.72 -19.59 17.29
N PRO B 151 19.30 -20.23 16.25
CA PRO B 151 19.56 -21.68 16.34
C PRO B 151 20.67 -22.13 17.31
N GLY B 152 21.48 -21.20 17.80
CA GLY B 152 22.53 -21.55 18.75
C GLY B 152 22.02 -21.87 20.16
N GLY B 153 20.73 -21.63 20.43
CA GLY B 153 20.15 -21.87 21.73
C GLY B 153 20.51 -20.76 22.71
N ASP B 154 20.27 -21.00 24.00
CA ASP B 154 20.53 -20.00 25.02
C ASP B 154 21.79 -20.27 25.83
N LEU B 155 22.18 -19.32 26.69
CA LEU B 155 23.35 -19.46 27.54
C LEU B 155 23.14 -20.48 28.66
N VAL B 156 21.88 -20.79 29.04
CA VAL B 156 21.60 -21.82 30.05
C VAL B 156 22.10 -23.16 29.49
N ASN B 157 21.74 -23.44 28.23
CA ASN B 157 22.12 -24.65 27.52
C ASN B 157 23.66 -24.72 27.34
N LEU B 158 24.30 -23.61 26.94
CA LEU B 158 25.74 -23.56 26.74
C LEU B 158 26.50 -23.84 28.03
N MET B 159 26.08 -23.22 29.15
CA MET B 159 26.75 -23.42 30.42
C MET B 159 26.65 -24.85 30.94
N SER B 160 25.59 -25.57 30.56
CA SER B 160 25.45 -26.97 31.00
C SER B 160 26.27 -27.91 30.11
N ASN B 161 26.44 -27.57 28.83
CA ASN B 161 27.22 -28.38 27.91
C ASN B 161 28.73 -28.13 27.99
N TYR B 162 29.16 -26.98 28.52
CA TYR B 162 30.58 -26.66 28.55
C TYR B 162 31.05 -26.11 29.89
N ASP B 163 32.34 -26.30 30.17
CA ASP B 163 32.98 -25.65 31.30
C ASP B 163 33.50 -24.39 30.63
N VAL B 164 33.02 -23.23 31.06
CA VAL B 164 33.34 -21.96 30.41
C VAL B 164 34.64 -21.36 30.88
N PRO B 165 35.66 -21.36 30.02
CA PRO B 165 36.91 -20.69 30.38
C PRO B 165 36.75 -19.17 30.35
N GLU B 166 37.66 -18.46 31.01
CA GLU B 166 37.63 -17.01 31.10
C GLU B 166 37.63 -16.30 29.76
N LYS B 167 38.27 -16.87 28.74
CA LYS B 167 38.30 -16.30 27.38
C LYS B 167 36.86 -16.24 26.80
N TRP B 168 36.06 -17.29 27.06
CA TRP B 168 34.67 -17.37 26.60
C TRP B 168 33.80 -16.45 27.46
N ALA B 169 34.00 -16.45 28.78
CA ALA B 169 33.26 -15.60 29.69
C ALA B 169 33.45 -14.13 29.35
N ARG B 170 34.67 -13.74 28.94
CA ARG B 170 34.97 -12.37 28.54
C ARG B 170 34.17 -11.99 27.29
N PHE B 171 34.11 -12.89 26.30
CA PHE B 171 33.37 -12.72 25.06
C PHE B 171 31.86 -12.56 25.32
N TYR B 172 31.25 -13.50 26.07
CA TYR B 172 29.82 -13.44 26.33
C TYR B 172 29.45 -12.23 27.19
N THR B 173 30.23 -11.91 28.23
CA THR B 173 29.98 -10.75 29.08
C THR B 173 30.04 -9.48 28.25
N ALA B 174 31.05 -9.34 27.39
CA ALA B 174 31.19 -8.15 26.56
C ALA B 174 30.02 -7.99 25.58
N GLU B 175 29.50 -9.09 25.03
CA GLU B 175 28.36 -9.00 24.13
C GLU B 175 27.08 -8.61 24.88
N VAL B 176 26.93 -9.09 26.12
CA VAL B 176 25.81 -8.72 26.97
C VAL B 176 25.90 -7.23 27.32
N VAL B 177 27.12 -6.72 27.57
CA VAL B 177 27.36 -5.31 27.87
C VAL B 177 26.91 -4.45 26.70
N LEU B 178 27.27 -4.83 25.48
CA LEU B 178 26.89 -4.08 24.29
C LEU B 178 25.40 -4.19 23.99
N ALA B 179 24.79 -5.36 24.25
CA ALA B 179 23.36 -5.57 24.03
C ALA B 179 22.55 -4.70 25.02
N LEU B 180 22.98 -4.63 26.29
CA LEU B 180 22.31 -3.84 27.31
C LEU B 180 22.46 -2.36 27.05
N ASP B 181 23.63 -1.93 26.54
CA ASP B 181 23.86 -0.52 26.20
C ASP B 181 22.90 -0.10 25.08
N ALA B 182 22.69 -0.99 24.08
CA ALA B 182 21.77 -0.74 22.98
C ALA B 182 20.32 -0.59 23.49
N ILE B 183 19.93 -1.40 24.50
CA ILE B 183 18.60 -1.35 25.09
C ILE B 183 18.43 -0.10 25.94
N HIS B 184 19.47 0.25 26.71
CA HIS B 184 19.46 1.45 27.56
C HIS B 184 19.40 2.72 26.70
N SER B 185 20.06 2.72 25.54
CA SER B 185 20.03 3.84 24.61
C SER B 185 18.63 4.09 24.02
N MET B 186 17.81 3.05 23.92
CA MET B 186 16.42 3.16 23.49
C MET B 186 15.48 3.69 24.60
N GLY B 187 15.99 3.88 25.82
CA GLY B 187 15.21 4.36 26.94
C GLY B 187 14.58 3.27 27.80
N PHE B 188 15.02 2.01 27.60
CA PHE B 188 14.48 0.89 28.35
C PHE B 188 15.41 0.32 29.39
N ILE B 189 14.82 -0.37 30.35
CA ILE B 189 15.49 -1.13 31.38
C ILE B 189 15.08 -2.56 31.08
N HIS B 190 16.07 -3.46 30.91
CA HIS B 190 15.76 -4.85 30.61
C HIS B 190 15.03 -5.50 31.78
N ARG B 191 15.61 -5.44 32.99
CA ARG B 191 14.99 -5.97 34.20
C ARG B 191 14.92 -7.52 34.25
N ASP B 192 15.20 -8.20 33.13
CA ASP B 192 15.12 -9.65 33.07
C ASP B 192 16.42 -10.28 32.54
N VAL B 193 17.58 -9.66 32.85
CA VAL B 193 18.86 -10.16 32.37
C VAL B 193 19.27 -11.43 33.09
N LYS B 194 19.10 -12.54 32.39
CA LYS B 194 19.43 -13.87 32.84
C LYS B 194 19.87 -14.70 31.62
N PRO B 195 20.60 -15.81 31.81
CA PRO B 195 21.07 -16.59 30.66
C PRO B 195 19.98 -17.11 29.74
N ASP B 196 18.76 -17.25 30.24
CA ASP B 196 17.57 -17.68 29.50
C ASP B 196 17.25 -16.67 28.38
N ASN B 197 17.54 -15.38 28.60
CA ASN B 197 17.31 -14.29 27.64
C ASN B 197 18.43 -14.09 26.64
N MET B 198 19.56 -14.77 26.81
CA MET B 198 20.72 -14.62 25.96
C MET B 198 20.70 -15.72 24.95
N LEU B 199 20.42 -15.37 23.69
CA LEU B 199 20.34 -16.36 22.64
C LEU B 199 21.49 -16.19 21.65
N LEU B 200 21.86 -17.30 20.98
CA LEU B 200 22.98 -17.33 20.05
C LEU B 200 22.47 -17.56 18.64
N ASP B 201 22.94 -16.75 17.68
CA ASP B 201 22.50 -16.87 16.29
C ASP B 201 23.26 -17.99 15.53
N LYS B 202 23.13 -18.07 14.20
CA LYS B 202 23.81 -19.08 13.38
C LYS B 202 25.37 -18.96 13.43
N SER B 203 25.90 -17.77 13.76
CA SER B 203 27.33 -17.53 13.92
C SER B 203 27.84 -17.73 15.37
N GLY B 204 26.93 -17.93 16.34
CA GLY B 204 27.29 -18.08 17.74
C GLY B 204 27.42 -16.75 18.49
N HIS B 205 26.92 -15.66 17.90
CA HIS B 205 26.94 -14.36 18.55
C HIS B 205 25.63 -14.12 19.32
N LEU B 206 25.73 -13.35 20.39
CA LEU B 206 24.64 -13.07 21.32
C LEU B 206 23.68 -11.97 20.93
N LYS B 207 22.41 -12.26 21.13
CA LYS B 207 21.33 -11.29 21.04
C LYS B 207 20.46 -11.50 22.28
N LEU B 208 19.96 -10.40 22.83
CA LEU B 208 19.05 -10.47 23.95
C LEU B 208 17.62 -10.56 23.43
N ALA B 209 16.87 -11.44 24.03
CA ALA B 209 15.43 -11.53 23.90
C ALA B 209 14.95 -10.91 25.26
N ASP B 210 13.65 -10.62 25.43
CA ASP B 210 13.20 -9.93 26.67
C ASP B 210 12.00 -10.55 27.31
N PHE B 211 12.18 -11.31 28.39
CA PHE B 211 11.06 -11.99 29.04
C PHE B 211 11.40 -12.48 30.44
N GLY B 212 10.37 -12.72 31.25
CA GLY B 212 10.50 -13.25 32.59
C GLY B 212 10.13 -14.72 32.65
N THR B 213 10.86 -15.52 33.46
CA THR B 213 10.62 -16.96 33.62
C THR B 213 10.58 -17.33 35.11
N ASP B 226 9.09 -16.80 41.90
CA ASP B 226 8.20 -15.73 42.38
C ASP B 226 7.11 -15.34 41.34
N THR B 227 6.02 -14.71 41.83
CA THR B 227 4.85 -14.26 41.06
C THR B 227 5.15 -13.07 40.12
N ALA B 228 5.82 -12.01 40.63
CA ALA B 228 6.07 -10.80 39.84
C ALA B 228 7.47 -10.67 39.25
N VAL B 229 8.51 -11.21 39.91
CA VAL B 229 9.89 -11.05 39.41
C VAL B 229 10.46 -12.29 38.70
N GLY B 230 9.73 -13.41 38.70
CA GLY B 230 10.15 -14.66 38.07
C GLY B 230 11.23 -15.34 38.87
N THR B 231 12.38 -15.60 38.23
CA THR B 231 13.54 -16.22 38.86
C THR B 231 14.29 -15.13 39.66
N PRO B 232 14.47 -15.28 40.98
CA PRO B 232 15.07 -14.20 41.75
C PRO B 232 16.60 -14.15 41.83
N ASP B 233 17.30 -15.24 41.46
CA ASP B 233 18.76 -15.34 41.51
C ASP B 233 19.51 -14.12 40.92
N TYR B 234 18.93 -13.51 39.88
CA TYR B 234 19.50 -12.37 39.16
C TYR B 234 18.96 -10.99 39.51
N ILE B 235 18.04 -10.94 40.45
CA ILE B 235 17.38 -9.69 40.82
C ILE B 235 18.24 -8.87 41.80
N SER B 236 18.45 -7.58 41.49
CA SER B 236 19.26 -6.67 42.29
C SER B 236 18.58 -6.27 43.59
N PRO B 237 19.34 -5.85 44.62
CA PRO B 237 18.70 -5.45 45.89
C PRO B 237 17.67 -4.34 45.73
N GLU B 238 17.92 -3.36 44.85
CA GLU B 238 17.00 -2.24 44.64
C GLU B 238 15.72 -2.64 43.90
N VAL B 239 15.77 -3.59 42.94
CA VAL B 239 14.55 -4.05 42.26
C VAL B 239 13.76 -4.97 43.19
N LEU B 240 14.44 -5.74 44.10
CA LEU B 240 13.77 -6.58 45.09
C LEU B 240 13.03 -5.67 46.07
N LYS B 241 13.69 -4.59 46.53
CA LYS B 241 13.12 -3.57 47.43
C LYS B 241 11.96 -2.84 46.78
N SER B 242 12.11 -2.40 45.50
CA SER B 242 11.10 -1.68 44.71
C SER B 242 9.71 -2.30 44.80
N GLN B 243 9.63 -3.64 44.92
CA GLN B 243 8.37 -4.35 45.13
C GLN B 243 7.93 -3.97 46.56
N GLY B 244 6.69 -3.53 46.72
CA GLY B 244 6.22 -3.07 48.02
C GLY B 244 6.75 -1.69 48.33
N GLY B 245 6.69 -0.82 47.30
CA GLY B 245 7.05 0.60 47.30
C GLY B 245 8.33 1.08 47.95
N ASP B 246 9.33 0.21 48.17
CA ASP B 246 10.60 0.63 48.79
C ASP B 246 11.58 1.20 47.74
N GLY B 247 11.40 2.48 47.42
CA GLY B 247 12.26 3.18 46.48
C GLY B 247 12.01 2.85 45.03
N TYR B 248 13.02 3.11 44.20
CA TYR B 248 13.02 2.83 42.76
C TYR B 248 14.43 2.36 42.29
N TYR B 249 14.57 2.04 41.00
CA TYR B 249 15.80 1.56 40.39
C TYR B 249 16.01 2.21 39.02
N GLY B 250 17.28 2.32 38.61
CA GLY B 250 17.61 2.83 37.28
C GLY B 250 18.01 1.71 36.33
N ARG B 251 18.71 2.08 35.25
CA ARG B 251 19.23 1.11 34.27
C ARG B 251 20.38 0.26 34.88
N GLU B 252 21.02 0.78 35.96
CA GLU B 252 22.09 0.14 36.72
C GLU B 252 21.66 -1.20 37.35
N CYS B 253 20.34 -1.52 37.35
CA CYS B 253 19.84 -2.80 37.84
C CYS B 253 20.27 -3.94 36.87
N ASP B 254 20.41 -3.61 35.59
CA ASP B 254 20.87 -4.56 34.59
C ASP B 254 22.36 -4.88 34.78
N TRP B 255 23.16 -3.93 35.29
CA TRP B 255 24.57 -4.19 35.52
C TRP B 255 24.80 -5.16 36.67
N TRP B 256 23.90 -5.19 37.66
CA TRP B 256 23.99 -6.16 38.74
C TRP B 256 23.83 -7.58 38.15
N SER B 257 22.83 -7.76 37.29
CA SER B 257 22.52 -9.01 36.64
C SER B 257 23.69 -9.55 35.83
N VAL B 258 24.50 -8.65 35.25
CA VAL B 258 25.70 -9.02 34.48
C VAL B 258 26.75 -9.64 35.44
N GLY B 259 26.89 -9.06 36.63
CA GLY B 259 27.79 -9.55 37.66
C GLY B 259 27.43 -10.94 38.12
N VAL B 260 26.11 -11.23 38.23
CA VAL B 260 25.58 -12.54 38.64
C VAL B 260 25.88 -13.57 37.53
N PHE B 261 25.68 -13.18 36.28
CA PHE B 261 25.91 -14.01 35.10
C PHE B 261 27.40 -14.39 34.98
N LEU B 262 28.29 -13.42 35.12
CA LEU B 262 29.73 -13.67 35.04
C LEU B 262 30.17 -14.65 36.14
N TYR B 263 29.61 -14.50 37.36
CA TYR B 263 29.90 -15.36 38.50
C TYR B 263 29.39 -16.77 38.20
N GLU B 264 28.16 -16.90 37.71
CA GLU B 264 27.60 -18.22 37.39
C GLU B 264 28.43 -18.92 36.31
N MET B 265 28.91 -18.18 35.29
CA MET B 265 29.72 -18.79 34.22
C MET B 265 31.03 -19.34 34.78
N LEU B 266 31.72 -18.54 35.60
CA LEU B 266 33.00 -18.93 36.14
C LEU B 266 32.97 -19.88 37.35
N VAL B 267 31.90 -19.87 38.16
CA VAL B 267 31.81 -20.69 39.37
C VAL B 267 30.94 -21.94 39.21
N GLY B 268 29.93 -21.85 38.35
CA GLY B 268 29.01 -22.97 38.14
C GLY B 268 27.70 -22.86 38.89
N ASP B 269 27.63 -21.94 39.86
CA ASP B 269 26.47 -21.67 40.69
C ASP B 269 26.19 -20.15 40.73
N THR B 270 24.96 -19.75 41.07
CA THR B 270 24.64 -18.32 41.22
C THR B 270 25.20 -17.83 42.57
N PRO B 271 25.64 -16.57 42.68
CA PRO B 271 26.27 -16.10 43.91
C PRO B 271 25.42 -16.16 45.18
N PHE B 272 24.10 -16.04 45.04
CA PHE B 272 23.18 -15.98 46.18
C PHE B 272 22.19 -17.12 46.18
N TYR B 273 22.60 -18.29 45.67
CA TYR B 273 21.74 -19.45 45.64
C TYR B 273 21.36 -19.90 47.06
N ALA B 274 20.12 -20.38 47.22
CA ALA B 274 19.55 -20.96 48.43
C ALA B 274 18.37 -21.86 48.01
N ASP B 275 18.02 -22.84 48.84
CA ASP B 275 16.92 -23.77 48.52
C ASP B 275 15.57 -23.09 48.40
N SER B 276 15.32 -22.07 49.24
CA SER B 276 14.06 -21.32 49.24
C SER B 276 14.22 -19.94 48.60
N LEU B 277 13.10 -19.32 48.21
CA LEU B 277 13.09 -17.98 47.64
C LEU B 277 13.50 -16.94 48.68
N VAL B 278 13.06 -17.14 49.95
CA VAL B 278 13.36 -16.26 51.10
C VAL B 278 14.84 -16.21 51.38
N GLY B 279 15.50 -17.37 51.29
CA GLY B 279 16.93 -17.50 51.53
C GLY B 279 17.73 -16.72 50.51
N THR B 280 17.32 -16.84 49.24
CA THR B 280 17.94 -16.13 48.13
C THR B 280 17.74 -14.61 48.31
N TYR B 281 16.51 -14.20 48.61
CA TYR B 281 16.14 -12.79 48.79
C TYR B 281 17.01 -12.14 49.87
N SER B 282 17.23 -12.86 50.97
CA SER B 282 17.99 -12.40 52.11
C SER B 282 19.50 -12.38 51.83
N LYS B 283 20.01 -13.38 51.07
CA LYS B 283 21.41 -13.41 50.65
C LYS B 283 21.70 -12.23 49.73
N ILE B 284 20.76 -11.89 48.83
CA ILE B 284 20.90 -10.73 47.94
C ILE B 284 21.00 -9.42 48.73
N MET B 285 20.09 -9.24 49.70
CA MET B 285 20.11 -8.03 50.52
C MET B 285 21.39 -7.97 51.39
N ASN B 286 21.88 -9.13 51.84
CA ASN B 286 23.09 -9.20 52.64
C ASN B 286 24.33 -9.46 51.76
N HIS B 287 24.32 -8.98 50.51
CA HIS B 287 25.39 -9.23 49.52
C HIS B 287 26.80 -8.92 50.03
N LYS B 288 26.97 -7.86 50.84
CA LYS B 288 28.29 -7.51 51.38
C LYS B 288 28.89 -8.66 52.20
N ASN B 289 28.07 -9.54 52.79
CA ASN B 289 28.58 -10.67 53.56
C ASN B 289 28.34 -12.03 52.89
N SER B 290 27.28 -12.15 52.09
CA SER B 290 26.96 -13.43 51.45
C SER B 290 27.80 -13.75 50.21
N LEU B 291 28.26 -12.71 49.49
CA LEU B 291 29.06 -12.94 48.28
C LEU B 291 30.45 -13.51 48.59
N THR B 292 30.66 -14.79 48.25
CA THR B 292 31.94 -15.46 48.45
C THR B 292 32.37 -16.26 47.22
N PHE B 293 33.68 -16.40 47.06
CA PHE B 293 34.22 -17.24 46.01
C PHE B 293 34.71 -18.54 46.67
N PRO B 294 34.44 -19.70 46.05
CA PRO B 294 34.89 -20.97 46.65
C PRO B 294 36.40 -21.06 46.90
N ASP B 295 36.81 -21.93 47.84
CA ASP B 295 38.22 -22.14 48.19
C ASP B 295 39.05 -22.57 46.96
N ASP B 296 38.45 -23.42 46.10
CA ASP B 296 39.04 -23.90 44.85
C ASP B 296 38.91 -22.81 43.74
N ASN B 297 39.63 -21.70 43.95
CA ASN B 297 39.62 -20.49 43.14
C ASN B 297 40.56 -20.46 41.94
N ASP B 298 40.07 -20.88 40.78
CA ASP B 298 40.84 -20.81 39.54
C ASP B 298 40.40 -19.59 38.68
N ILE B 299 39.85 -18.55 39.34
CA ILE B 299 39.33 -17.34 38.72
C ILE B 299 40.35 -16.23 38.89
N SER B 300 40.61 -15.45 37.84
CA SER B 300 41.59 -14.38 37.91
C SER B 300 41.20 -13.22 38.85
N LYS B 301 42.19 -12.38 39.22
CA LYS B 301 41.95 -11.24 40.09
C LYS B 301 41.01 -10.25 39.40
N GLU B 302 41.20 -10.02 38.10
CA GLU B 302 40.39 -9.09 37.32
C GLU B 302 38.95 -9.59 37.12
N ALA B 303 38.74 -10.92 37.06
CA ALA B 303 37.40 -11.47 36.96
C ALA B 303 36.65 -11.30 38.29
N LYS B 304 37.33 -11.53 39.43
CA LYS B 304 36.73 -11.32 40.75
C LYS B 304 36.45 -9.84 40.98
N ASN B 305 37.36 -8.95 40.54
CA ASN B 305 37.18 -7.51 40.68
C ASN B 305 35.98 -7.02 39.88
N LEU B 306 35.74 -7.57 38.68
CA LEU B 306 34.62 -7.17 37.86
C LEU B 306 33.32 -7.63 38.50
N ILE B 307 33.26 -8.89 38.97
CA ILE B 307 32.09 -9.44 39.64
C ILE B 307 31.73 -8.59 40.87
N CYS B 308 32.73 -8.28 41.71
CA CYS B 308 32.54 -7.47 42.91
C CYS B 308 32.14 -6.02 42.62
N ALA B 309 32.62 -5.46 41.50
CA ALA B 309 32.25 -4.10 41.11
C ALA B 309 30.79 -4.01 40.68
N PHE B 310 30.21 -5.11 40.17
CA PHE B 310 28.82 -5.17 39.77
C PHE B 310 27.93 -5.58 40.95
N LEU B 311 28.39 -6.55 41.75
CA LEU B 311 27.64 -7.06 42.87
C LEU B 311 27.87 -6.23 44.12
N THR B 312 27.46 -4.97 44.04
CA THR B 312 27.55 -4.00 45.11
C THR B 312 26.30 -3.06 45.09
N ASP B 313 26.20 -2.11 46.04
CA ASP B 313 25.08 -1.18 46.07
C ASP B 313 25.11 -0.26 44.87
N ARG B 314 23.95 0.06 44.29
CA ARG B 314 23.87 0.85 43.06
C ARG B 314 24.57 2.19 43.11
N GLU B 315 24.67 2.78 44.31
CA GLU B 315 25.34 4.07 44.50
C GLU B 315 26.81 3.99 44.13
N VAL B 316 27.46 2.84 44.34
CA VAL B 316 28.87 2.67 44.01
C VAL B 316 29.13 1.63 42.88
N ARG B 317 28.08 1.10 42.27
CA ARG B 317 28.16 0.07 41.23
C ARG B 317 28.85 0.49 39.94
N LEU B 318 29.62 -0.44 39.32
CA LEU B 318 30.34 -0.18 38.07
C LEU B 318 29.45 0.37 36.93
N GLY B 319 28.17 0.05 36.91
CA GLY B 319 27.27 0.61 35.90
C GLY B 319 27.06 2.11 35.99
N ARG B 320 27.16 2.67 37.21
CA ARG B 320 27.03 4.11 37.45
C ARG B 320 28.17 4.80 36.73
N ASN B 321 27.87 5.92 36.08
CA ASN B 321 28.75 6.76 35.24
C ASN B 321 28.68 6.41 33.75
N GLY B 322 28.16 5.23 33.40
CA GLY B 322 28.01 4.85 32.00
C GLY B 322 28.66 3.54 31.66
N VAL B 323 28.59 3.15 30.38
CA VAL B 323 29.18 1.91 29.90
C VAL B 323 30.70 2.02 29.68
N GLU B 324 31.21 3.23 29.38
CA GLU B 324 32.65 3.43 29.12
C GLU B 324 33.52 2.94 30.26
N GLU B 325 33.04 3.08 31.49
CA GLU B 325 33.70 2.63 32.69
C GLU B 325 33.77 1.10 32.73
N ILE B 326 32.70 0.43 32.29
CA ILE B 326 32.63 -1.04 32.23
C ILE B 326 33.59 -1.53 31.14
N LYS B 327 33.55 -0.88 29.97
CA LYS B 327 34.38 -1.25 28.85
C LYS B 327 35.89 -1.11 29.13
N ARG B 328 36.27 -0.11 29.94
CA ARG B 328 37.67 0.12 30.32
C ARG B 328 38.19 -0.83 31.39
N HIS B 329 37.34 -1.69 31.95
CA HIS B 329 37.77 -2.60 33.01
C HIS B 329 38.78 -3.59 32.46
N LEU B 330 39.82 -3.88 33.27
CA LEU B 330 40.94 -4.76 32.93
C LEU B 330 40.56 -6.18 32.56
N PHE B 331 39.42 -6.69 33.06
CA PHE B 331 38.96 -8.03 32.71
C PHE B 331 38.74 -8.14 31.18
N PHE B 332 38.36 -7.06 30.51
CA PHE B 332 38.12 -7.10 29.06
C PHE B 332 39.37 -6.90 28.19
N LYS B 333 40.55 -6.65 28.82
CA LYS B 333 41.81 -6.48 28.10
C LYS B 333 42.22 -7.82 27.50
N ASN B 334 42.34 -7.87 26.15
CA ASN B 334 42.69 -9.10 25.42
C ASN B 334 43.29 -8.82 24.01
N ASP B 335 43.69 -9.89 23.30
CA ASP B 335 44.31 -9.79 21.97
C ASP B 335 43.40 -10.21 20.83
N GLN B 336 42.34 -10.97 21.11
CA GLN B 336 41.43 -11.51 20.11
C GLN B 336 40.53 -10.45 19.45
N TRP B 337 39.94 -9.56 20.23
CA TRP B 337 38.99 -8.58 19.69
C TRP B 337 39.09 -7.22 20.37
N ALA B 338 38.46 -6.23 19.73
CA ALA B 338 38.29 -4.88 20.24
C ALA B 338 36.77 -4.62 20.33
N TRP B 339 36.34 -3.70 21.21
CA TRP B 339 34.91 -3.43 21.37
C TRP B 339 34.14 -3.15 20.06
N GLU B 340 34.77 -2.42 19.15
CA GLU B 340 34.17 -2.06 17.87
C GLU B 340 34.15 -3.21 16.85
N THR B 341 34.98 -4.25 17.05
CA THR B 341 35.01 -5.39 16.13
C THR B 341 34.59 -6.72 16.78
N LEU B 342 34.05 -6.67 18.01
CA LEU B 342 33.66 -7.85 18.78
C LEU B 342 32.66 -8.73 18.01
N ARG B 343 31.63 -8.12 17.37
CA ARG B 343 30.65 -8.92 16.62
C ARG B 343 31.17 -9.41 15.24
N ASP B 344 32.39 -9.00 14.85
CA ASP B 344 33.05 -9.45 13.62
C ASP B 344 33.99 -10.66 13.87
N THR B 345 34.37 -10.91 15.13
CA THR B 345 35.25 -12.03 15.47
C THR B 345 34.52 -13.37 15.49
N VAL B 346 35.28 -14.46 15.41
CA VAL B 346 34.71 -15.79 15.49
C VAL B 346 34.32 -16.04 16.95
N ALA B 347 33.07 -16.41 17.17
CA ALA B 347 32.54 -16.70 18.48
C ALA B 347 33.13 -18.04 19.00
N PRO B 348 33.18 -18.25 20.34
CA PRO B 348 33.74 -19.50 20.89
C PRO B 348 33.02 -20.77 20.49
N VAL B 349 31.70 -20.71 20.31
CA VAL B 349 30.89 -21.87 19.94
C VAL B 349 30.09 -21.49 18.70
N VAL B 350 30.49 -22.02 17.55
CA VAL B 350 29.78 -21.75 16.30
C VAL B 350 28.95 -22.98 16.04
N PRO B 351 27.62 -22.83 16.00
CA PRO B 351 26.76 -24.02 15.83
C PRO B 351 26.85 -24.71 14.48
N ASP B 352 26.92 -26.04 14.52
CA ASP B 352 26.92 -26.90 13.33
C ASP B 352 25.46 -27.27 13.09
N LEU B 353 24.80 -26.63 12.11
CA LEU B 353 23.38 -26.87 11.87
C LEU B 353 23.09 -27.79 10.67
N SER B 354 22.36 -28.88 10.93
CA SER B 354 22.00 -29.86 9.92
C SER B 354 21.02 -29.31 8.90
N SER B 355 20.06 -28.49 9.35
CA SER B 355 19.07 -27.88 8.46
C SER B 355 18.49 -26.59 9.06
N ASP B 356 17.61 -25.91 8.31
CA ASP B 356 16.93 -24.72 8.78
C ASP B 356 15.95 -25.00 9.95
N ILE B 357 15.64 -26.30 10.19
CA ILE B 357 14.78 -26.88 11.23
C ILE B 357 15.59 -27.52 12.40
N ASP B 358 16.91 -27.29 12.46
CA ASP B 358 17.76 -27.87 13.48
C ASP B 358 17.47 -27.20 14.80
N THR B 359 16.98 -27.99 15.77
CA THR B 359 16.72 -27.53 17.12
C THR B 359 17.54 -28.34 18.14
N SER B 360 18.73 -28.85 17.74
CA SER B 360 19.59 -29.61 18.65
C SER B 360 20.05 -28.77 19.85
N ASN B 361 20.09 -27.43 19.70
CA ASN B 361 20.49 -26.56 20.79
C ASN B 361 19.31 -26.14 21.70
N PHE B 362 18.18 -26.82 21.58
CA PHE B 362 17.02 -26.58 22.43
C PHE B 362 16.52 -27.92 22.97
N ASP B 363 15.99 -27.92 24.19
CA ASP B 363 15.45 -29.13 24.79
C ASP B 363 14.16 -29.54 24.13
N ASP B 364 13.95 -30.85 24.08
CA ASP B 364 12.80 -31.50 23.47
C ASP B 364 11.48 -31.28 24.21
N LEU B 365 10.48 -30.67 23.51
CA LEU B 365 9.15 -30.44 24.07
C LEU B 365 8.06 -30.94 23.10
N GLU B 366 6.93 -31.40 23.70
CA GLU B 366 5.76 -31.94 23.00
C GLU B 366 4.87 -30.80 22.43
N GLU B 371 -5.15 -29.30 27.19
CA GLU B 371 -6.45 -28.81 27.64
C GLU B 371 -6.51 -27.28 27.57
N GLU B 372 -6.94 -26.73 26.42
CA GLU B 372 -6.99 -25.27 26.20
C GLU B 372 -8.31 -24.66 26.67
N GLU B 373 -8.32 -24.14 27.92
CA GLU B 373 -9.51 -23.53 28.51
C GLU B 373 -9.84 -22.20 27.89
N THR B 374 -11.13 -21.96 27.67
CA THR B 374 -11.56 -20.71 27.06
C THR B 374 -12.38 -19.83 28.02
N PHE B 375 -12.62 -18.55 27.63
CA PHE B 375 -13.37 -17.62 28.46
C PHE B 375 -14.85 -18.04 28.54
N PRO B 376 -15.46 -17.89 29.72
CA PRO B 376 -16.91 -18.17 29.83
C PRO B 376 -17.77 -17.22 28.98
N ILE B 377 -18.97 -17.65 28.58
CA ILE B 377 -19.86 -16.79 27.80
C ILE B 377 -20.36 -15.66 28.69
N PRO B 378 -20.09 -14.41 28.31
CA PRO B 378 -20.54 -13.28 29.13
C PRO B 378 -22.05 -13.03 29.10
N LYS B 379 -22.54 -12.60 30.24
CA LYS B 379 -23.93 -12.18 30.37
C LYS B 379 -24.07 -10.69 30.03
N ALA B 380 -23.01 -9.90 30.32
CA ALA B 380 -22.86 -8.49 30.00
C ALA B 380 -21.44 -8.27 29.47
N PHE B 381 -21.21 -7.18 28.77
CA PHE B 381 -19.90 -6.81 28.23
C PHE B 381 -18.83 -6.81 29.33
N VAL B 382 -17.76 -7.59 29.11
CA VAL B 382 -16.65 -7.76 30.03
C VAL B 382 -15.35 -7.13 29.47
N GLY B 383 -15.21 -7.14 28.15
CA GLY B 383 -14.04 -6.58 27.48
C GLY B 383 -12.74 -7.35 27.65
N ASN B 384 -12.78 -8.69 27.49
CA ASN B 384 -11.55 -9.49 27.60
C ASN B 384 -10.51 -9.21 26.54
N GLN B 385 -10.92 -8.68 25.40
CA GLN B 385 -9.99 -8.33 24.33
C GLN B 385 -9.35 -6.96 24.47
N LEU B 386 -9.89 -6.09 25.33
CA LEU B 386 -9.39 -4.73 25.54
C LEU B 386 -7.91 -4.62 25.95
N PRO B 387 -7.36 -5.45 26.86
CA PRO B 387 -5.93 -5.31 27.19
C PRO B 387 -4.97 -5.53 26.01
N PHE B 388 -5.45 -6.13 24.91
CA PHE B 388 -4.58 -6.49 23.80
C PHE B 388 -4.72 -5.63 22.54
N VAL B 389 -5.55 -4.58 22.58
CA VAL B 389 -5.74 -3.68 21.43
C VAL B 389 -4.46 -2.89 21.27
N GLY B 390 -3.89 -2.89 20.07
CA GLY B 390 -2.65 -2.21 19.73
C GLY B 390 -1.44 -3.12 19.67
N PHE B 391 -1.61 -4.44 19.84
CA PHE B 391 -0.51 -5.39 19.83
C PHE B 391 -0.01 -5.71 18.44
N THR B 392 -0.91 -5.72 17.44
CA THR B 392 -0.55 -6.02 16.05
C THR B 392 0.55 -5.09 15.51
N TYR B 393 1.52 -5.66 14.84
CA TYR B 393 2.65 -4.96 14.25
C TYR B 393 3.11 -5.68 12.98
N TYR B 394 3.26 -4.96 11.87
CA TYR B 394 3.77 -5.52 10.63
C TYR B 394 5.07 -4.78 10.25
N SER B 395 6.15 -5.52 9.97
CA SER B 395 7.46 -4.93 9.67
C SER B 395 7.61 -4.25 8.30
N ASN B 396 6.95 -4.77 7.23
CA ASN B 396 7.08 -4.13 5.91
C ASN B 396 5.81 -3.33 5.54
N LYS C 7 19.24 -2.94 -1.88
CA LYS C 7 19.38 -1.99 -2.99
C LYS C 7 18.87 -2.60 -4.30
N MET C 8 19.11 -3.90 -4.51
CA MET C 8 18.62 -4.59 -5.69
C MET C 8 17.09 -4.76 -5.62
N ASP C 9 16.53 -4.92 -4.40
CA ASP C 9 15.08 -5.04 -4.18
C ASP C 9 14.35 -3.71 -4.42
N ASN C 10 15.06 -2.58 -4.33
CA ASN C 10 14.51 -1.27 -4.61
C ASN C 10 14.30 -1.16 -6.12
N LEU C 11 15.34 -1.50 -6.92
CA LEU C 11 15.29 -1.46 -8.38
C LEU C 11 14.27 -2.41 -8.99
N LEU C 12 13.92 -3.49 -8.27
CA LEU C 12 12.94 -4.47 -8.75
C LEU C 12 11.50 -4.02 -8.49
N ARG C 13 11.28 -3.35 -7.35
CA ARG C 13 9.97 -2.88 -6.88
C ARG C 13 9.53 -1.49 -7.41
N ASP C 14 10.50 -0.65 -7.85
CA ASP C 14 10.27 0.71 -8.34
C ASP C 14 9.64 0.78 -9.73
N PRO C 15 8.40 1.29 -9.85
CA PRO C 15 7.77 1.39 -11.19
C PRO C 15 8.45 2.34 -12.16
N LYS C 16 9.29 3.24 -11.65
CA LYS C 16 10.05 4.16 -12.51
C LYS C 16 11.43 3.59 -12.92
N SER C 17 11.85 2.43 -12.36
CA SER C 17 13.15 1.83 -12.68
C SER C 17 13.11 1.02 -13.97
N GLU C 18 14.23 1.00 -14.69
CA GLU C 18 14.35 0.29 -15.96
C GLU C 18 14.53 -1.24 -15.81
N VAL C 19 14.77 -1.74 -14.58
CA VAL C 19 14.91 -3.17 -14.36
C VAL C 19 13.93 -3.70 -13.32
N ASN C 20 12.71 -3.15 -13.32
CA ASN C 20 11.66 -3.62 -12.43
C ASN C 20 11.13 -4.95 -12.97
N SER C 21 10.30 -5.66 -12.18
CA SER C 21 9.76 -6.96 -12.60
C SER C 21 9.13 -6.96 -14.01
N ASP C 22 8.36 -5.92 -14.34
CA ASP C 22 7.70 -5.80 -15.65
C ASP C 22 8.70 -5.64 -16.78
N CYS C 23 9.80 -4.89 -16.54
CA CYS C 23 10.87 -4.69 -17.52
C CYS C 23 11.62 -6.00 -17.73
N LEU C 24 11.90 -6.74 -16.65
CA LEU C 24 12.63 -7.98 -16.74
C LEU C 24 11.82 -9.06 -17.44
N LEU C 25 10.49 -9.09 -17.22
CA LEU C 25 9.62 -10.03 -17.93
C LEU C 25 9.56 -9.66 -19.41
N ASP C 26 9.57 -8.36 -19.72
CA ASP C 26 9.57 -7.83 -21.08
C ASP C 26 10.80 -8.30 -21.84
N GLY C 27 11.95 -8.33 -21.19
CA GLY C 27 13.20 -8.77 -21.80
C GLY C 27 13.14 -10.22 -22.22
N LEU C 28 12.62 -11.07 -21.32
CA LEU C 28 12.48 -12.49 -21.59
C LEU C 28 11.46 -12.69 -22.72
N ASP C 29 10.33 -11.98 -22.65
CA ASP C 29 9.28 -12.05 -23.66
C ASP C 29 9.81 -11.64 -25.04
N ALA C 30 10.56 -10.53 -25.11
CA ALA C 30 11.14 -10.02 -26.35
C ALA C 30 12.15 -11.00 -26.91
N LEU C 31 12.98 -11.60 -26.03
CA LEU C 31 13.99 -12.57 -26.42
C LEU C 31 13.35 -13.79 -27.08
N VAL C 32 12.32 -14.37 -26.47
CA VAL C 32 11.61 -15.50 -27.04
C VAL C 32 10.96 -15.17 -28.40
N TYR C 33 10.29 -14.01 -28.53
CA TYR C 33 9.68 -13.61 -29.80
C TYR C 33 10.73 -13.46 -30.90
N ASP C 34 11.89 -12.86 -30.57
CA ASP C 34 12.97 -12.58 -31.52
C ASP C 34 13.84 -13.78 -31.91
N LEU C 35 13.84 -14.84 -31.10
CA LEU C 35 14.66 -16.02 -31.39
C LEU C 35 13.85 -17.13 -32.05
N ASP C 36 12.54 -17.21 -31.75
CA ASP C 36 11.68 -18.29 -32.24
C ASP C 36 11.31 -18.19 -33.71
N PHE C 37 12.28 -18.53 -34.56
CA PHE C 37 12.19 -18.61 -36.02
C PHE C 37 12.98 -19.83 -36.48
N PRO C 38 12.50 -20.56 -37.50
CA PRO C 38 13.20 -21.79 -37.94
C PRO C 38 14.69 -21.68 -38.26
N ALA C 39 15.12 -20.61 -38.95
CA ALA C 39 16.54 -20.44 -39.29
C ALA C 39 17.42 -20.20 -38.06
N LEU C 40 16.85 -19.58 -37.01
CA LEU C 40 17.58 -19.33 -35.77
C LEU C 40 17.63 -20.56 -34.87
N ARG C 41 16.57 -21.38 -34.94
CA ARG C 41 16.38 -22.66 -34.25
C ARG C 41 17.50 -23.67 -34.61
N LYS C 42 18.19 -23.48 -35.77
CA LYS C 42 19.31 -24.32 -36.22
C LYS C 42 20.52 -24.21 -35.26
N ASN C 43 20.64 -23.08 -34.54
CA ASN C 43 21.67 -22.84 -33.55
C ASN C 43 21.21 -23.54 -32.27
N LYS C 44 22.02 -24.48 -31.79
CA LYS C 44 21.81 -25.31 -30.62
C LYS C 44 21.51 -24.51 -29.34
N ASN C 45 22.25 -23.40 -29.10
CA ASN C 45 22.05 -22.55 -27.93
C ASN C 45 20.64 -21.96 -27.93
N ILE C 46 20.19 -21.48 -29.09
CA ILE C 46 18.89 -20.88 -29.27
C ILE C 46 17.78 -21.91 -29.14
N ASP C 47 17.91 -23.07 -29.81
CA ASP C 47 16.88 -24.10 -29.76
C ASP C 47 16.64 -24.68 -28.37
N ASN C 48 17.72 -24.94 -27.60
CA ASN C 48 17.55 -25.48 -26.25
C ASN C 48 17.05 -24.42 -25.28
N PHE C 49 17.33 -23.12 -25.53
CA PHE C 49 16.83 -22.06 -24.65
C PHE C 49 15.31 -21.96 -24.81
N LEU C 50 14.84 -21.97 -26.07
CA LEU C 50 13.42 -21.87 -26.38
C LEU C 50 12.66 -23.08 -25.87
N SER C 51 13.24 -24.28 -26.00
CA SER C 51 12.59 -25.49 -25.50
C SER C 51 12.50 -25.47 -23.97
N ARG C 52 13.54 -24.96 -23.30
CA ARG C 52 13.57 -24.87 -21.85
C ARG C 52 12.59 -23.82 -21.32
N TYR C 53 12.43 -22.70 -22.04
CA TYR C 53 11.55 -21.62 -21.58
C TYR C 53 10.16 -21.60 -22.22
N LYS C 54 9.83 -22.58 -23.07
CA LYS C 54 8.55 -22.66 -23.78
C LYS C 54 7.32 -22.64 -22.86
N ASP C 55 7.28 -23.53 -21.87
CA ASP C 55 6.15 -23.63 -20.96
C ASP C 55 5.98 -22.38 -20.11
N THR C 56 7.09 -21.89 -19.53
CA THR C 56 7.00 -20.72 -18.66
C THR C 56 6.63 -19.45 -19.44
N ILE C 57 7.13 -19.26 -20.68
CA ILE C 57 6.79 -18.06 -21.44
C ILE C 57 5.29 -18.07 -21.85
N ASN C 58 4.75 -19.25 -22.16
CA ASN C 58 3.33 -19.40 -22.52
C ASN C 58 2.44 -19.10 -21.31
N LYS C 59 2.87 -19.53 -20.12
CA LYS C 59 2.16 -19.32 -18.87
C LYS C 59 2.19 -17.84 -18.48
N ILE C 60 3.36 -17.18 -18.64
CA ILE C 60 3.56 -15.76 -18.34
C ILE C 60 2.68 -14.89 -19.23
N ARG C 61 2.65 -15.17 -20.54
CA ARG C 61 1.83 -14.41 -21.48
C ARG C 61 0.35 -14.48 -21.13
N ASP C 62 -0.10 -15.63 -20.63
CA ASP C 62 -1.48 -15.82 -20.24
C ASP C 62 -1.84 -15.08 -18.95
N LEU C 63 -0.93 -15.07 -17.96
CA LEU C 63 -1.19 -14.38 -16.70
C LEU C 63 -1.13 -12.88 -16.86
N ARG C 64 -0.15 -12.39 -17.63
CA ARG C 64 0.01 -10.96 -17.87
C ARG C 64 -1.13 -10.37 -18.69
N MET C 65 -1.33 -9.05 -18.57
CA MET C 65 -2.37 -8.36 -19.30
C MET C 65 -2.17 -8.48 -20.80
N LYS C 66 -3.24 -8.72 -21.52
CA LYS C 66 -3.22 -8.90 -22.95
C LYS C 66 -4.46 -8.28 -23.62
N ALA C 67 -4.42 -8.11 -24.95
CA ALA C 67 -5.52 -7.49 -25.68
C ALA C 67 -6.84 -8.23 -25.49
N GLU C 68 -6.78 -9.57 -25.33
CA GLU C 68 -7.94 -10.45 -25.13
C GLU C 68 -8.75 -10.08 -23.90
N ASP C 69 -8.12 -9.46 -22.89
CA ASP C 69 -8.79 -9.03 -21.67
C ASP C 69 -9.79 -7.88 -21.91
N TYR C 70 -9.79 -7.28 -23.11
CA TYR C 70 -10.67 -6.16 -23.41
C TYR C 70 -11.53 -6.40 -24.63
N GLU C 71 -12.73 -5.87 -24.60
CA GLU C 71 -13.66 -5.94 -25.71
C GLU C 71 -13.67 -4.59 -26.41
N VAL C 72 -13.54 -4.57 -27.73
CA VAL C 72 -13.56 -3.33 -28.49
C VAL C 72 -14.99 -2.85 -28.72
N VAL C 73 -15.35 -1.68 -28.17
CA VAL C 73 -16.68 -1.10 -28.33
C VAL C 73 -16.75 -0.19 -29.56
N LYS C 74 -15.82 0.74 -29.70
CA LYS C 74 -15.77 1.66 -30.84
C LYS C 74 -14.34 2.12 -31.12
N VAL C 75 -14.09 2.71 -32.30
CA VAL C 75 -12.78 3.30 -32.59
C VAL C 75 -13.01 4.79 -32.54
N ILE C 76 -12.35 5.51 -31.61
CA ILE C 76 -12.56 6.95 -31.47
C ILE C 76 -11.40 7.83 -31.96
N GLY C 77 -10.35 7.21 -32.46
CA GLY C 77 -9.19 7.94 -32.96
C GLY C 77 -8.35 7.06 -33.86
N ARG C 78 -7.70 7.63 -34.86
CA ARG C 78 -6.86 6.86 -35.78
C ARG C 78 -5.72 7.72 -36.27
N GLY C 79 -4.56 7.11 -36.42
CA GLY C 79 -3.36 7.81 -36.86
C GLY C 79 -2.45 6.93 -37.69
N ALA C 80 -1.30 7.48 -38.05
CA ALA C 80 -0.30 6.78 -38.85
C ALA C 80 0.23 5.53 -38.15
N PHE C 81 0.47 5.63 -36.83
CA PHE C 81 1.03 4.51 -36.10
C PHE C 81 0.04 3.64 -35.37
N GLY C 82 -1.25 3.88 -35.51
CA GLY C 82 -2.24 3.05 -34.83
C GLY C 82 -3.60 3.67 -34.68
N GLU C 83 -4.28 3.34 -33.58
CA GLU C 83 -5.63 3.86 -33.34
C GLU C 83 -5.97 3.90 -31.83
N VAL C 84 -7.01 4.64 -31.47
CA VAL C 84 -7.48 4.74 -30.09
C VAL C 84 -8.89 4.15 -30.06
N GLN C 85 -9.11 3.15 -29.23
CA GLN C 85 -10.40 2.49 -29.15
C GLN C 85 -11.05 2.71 -27.82
N LEU C 86 -12.38 2.68 -27.80
CA LEU C 86 -13.12 2.67 -26.56
C LEU C 86 -13.28 1.19 -26.26
N VAL C 87 -12.73 0.75 -25.14
CA VAL C 87 -12.75 -0.65 -24.77
C VAL C 87 -13.44 -0.89 -23.42
N ARG C 88 -13.88 -2.13 -23.18
CA ARG C 88 -14.48 -2.52 -21.92
C ARG C 88 -13.69 -3.71 -21.39
N HIS C 89 -13.20 -3.63 -20.14
CA HIS C 89 -12.48 -4.75 -19.55
C HIS C 89 -13.46 -5.91 -19.36
N LYS C 90 -13.19 -7.09 -19.94
CA LYS C 90 -14.14 -8.22 -19.91
C LYS C 90 -14.53 -8.67 -18.51
N SER C 91 -13.57 -8.70 -17.59
CA SER C 91 -13.81 -9.11 -16.21
C SER C 91 -14.53 -8.01 -15.36
N THR C 92 -13.88 -6.84 -15.15
CA THR C 92 -14.44 -5.77 -14.32
C THR C 92 -15.60 -5.00 -14.96
N ARG C 93 -15.73 -5.07 -16.29
CA ARG C 93 -16.75 -4.37 -17.09
C ARG C 93 -16.53 -2.83 -17.18
N LYS C 94 -15.39 -2.33 -16.65
CA LYS C 94 -15.07 -0.90 -16.69
C LYS C 94 -14.66 -0.47 -18.09
N VAL C 95 -15.12 0.71 -18.50
CA VAL C 95 -14.81 1.27 -19.82
C VAL C 95 -13.55 2.13 -19.76
N TYR C 96 -12.68 2.02 -20.78
CA TYR C 96 -11.42 2.75 -20.90
C TYR C 96 -11.14 3.17 -22.35
N ALA C 97 -10.16 4.07 -22.52
CA ALA C 97 -9.70 4.46 -23.85
C ALA C 97 -8.36 3.72 -24.01
N MET C 98 -8.20 2.96 -25.10
CA MET C 98 -6.98 2.19 -25.31
C MET C 98 -6.30 2.57 -26.59
N LYS C 99 -5.07 3.08 -26.49
CA LYS C 99 -4.30 3.46 -27.67
C LYS C 99 -3.44 2.26 -28.09
N LEU C 100 -3.44 1.94 -29.39
CA LEU C 100 -2.66 0.86 -29.95
C LEU C 100 -1.60 1.45 -30.85
N LEU C 101 -0.35 1.06 -30.67
CA LEU C 101 0.74 1.52 -31.53
C LEU C 101 1.33 0.31 -32.25
N SER C 102 1.30 0.32 -33.59
CA SER C 102 1.83 -0.73 -34.44
C SER C 102 3.35 -0.81 -34.37
N LYS C 103 3.89 -1.90 -33.81
CA LYS C 103 5.33 -2.13 -33.74
C LYS C 103 5.93 -2.18 -35.15
N PHE C 104 5.21 -2.81 -36.10
CA PHE C 104 5.64 -2.91 -37.49
C PHE C 104 5.82 -1.53 -38.13
N GLU C 105 4.82 -0.63 -37.98
CA GLU C 105 4.90 0.72 -38.55
C GLU C 105 5.96 1.56 -37.90
N MET C 106 6.20 1.36 -36.60
CA MET C 106 7.20 2.12 -35.87
C MET C 106 8.60 1.70 -36.31
N ILE C 107 8.82 0.39 -36.53
CA ILE C 107 10.12 -0.09 -37.00
C ILE C 107 10.32 0.36 -38.46
N LYS C 108 9.26 0.23 -39.28
CA LYS C 108 9.22 0.63 -40.70
C LYS C 108 9.45 2.14 -40.91
N ARG C 109 8.76 2.99 -40.14
CA ARG C 109 8.90 4.44 -40.27
C ARG C 109 9.97 5.06 -39.36
N SER C 110 10.62 4.23 -38.51
CA SER C 110 11.70 4.64 -37.60
C SER C 110 11.31 5.78 -36.61
N ASP C 111 12.26 6.22 -35.75
CA ASP C 111 12.10 7.24 -34.69
C ASP C 111 11.18 6.73 -33.57
N SER C 112 11.28 5.40 -33.26
CA SER C 112 10.48 4.71 -32.25
C SER C 112 10.84 5.02 -30.78
N ALA C 113 10.85 6.30 -30.42
CA ALA C 113 11.11 6.75 -29.05
C ALA C 113 10.04 7.76 -28.57
N PHE C 114 9.07 8.10 -29.43
CA PHE C 114 8.02 9.07 -29.14
C PHE C 114 7.07 8.63 -28.05
N PHE C 115 6.85 7.32 -27.91
CA PHE C 115 5.89 6.82 -26.94
C PHE C 115 6.38 6.80 -25.51
N TRP C 116 7.69 6.94 -25.28
CA TRP C 116 8.22 6.87 -23.92
C TRP C 116 7.75 8.03 -23.05
N GLU C 117 7.84 9.28 -23.53
CA GLU C 117 7.40 10.45 -22.75
C GLU C 117 5.91 10.42 -22.55
N GLU C 118 5.15 10.02 -23.58
CA GLU C 118 3.70 9.92 -23.53
C GLU C 118 3.30 8.96 -22.41
N ARG C 119 3.95 7.80 -22.36
CA ARG C 119 3.73 6.77 -21.35
C ARG C 119 4.09 7.27 -19.95
N ASP C 120 5.27 7.85 -19.76
CA ASP C 120 5.73 8.33 -18.46
C ASP C 120 4.92 9.47 -17.89
N ILE C 121 4.53 10.42 -18.75
CA ILE C 121 3.73 11.56 -18.30
C ILE C 121 2.37 11.08 -17.81
N MET C 122 1.67 10.26 -18.61
CA MET C 122 0.36 9.74 -18.23
C MET C 122 0.40 8.76 -17.08
N ALA C 123 1.49 7.99 -16.92
CA ALA C 123 1.58 7.03 -15.81
C ALA C 123 1.91 7.68 -14.50
N PHE C 124 2.81 8.68 -14.51
CA PHE C 124 3.32 9.24 -13.26
C PHE C 124 2.95 10.69 -12.93
N ALA C 125 2.15 11.36 -13.78
CA ALA C 125 1.76 12.74 -13.48
C ALA C 125 1.00 12.86 -12.18
N ASN C 126 0.09 11.88 -11.88
CA ASN C 126 -0.75 11.84 -10.68
C ASN C 126 -1.43 13.22 -10.50
N SER C 127 -2.06 13.68 -11.58
CA SER C 127 -2.61 15.02 -11.61
C SER C 127 -4.02 15.01 -12.10
N PRO C 128 -4.90 15.81 -11.49
CA PRO C 128 -6.24 15.96 -12.07
C PRO C 128 -6.23 16.61 -13.47
N TRP C 129 -5.09 17.17 -13.90
CA TRP C 129 -4.94 17.86 -15.18
C TRP C 129 -4.34 17.03 -16.31
N VAL C 130 -3.89 15.82 -16.01
CA VAL C 130 -3.28 14.97 -17.00
C VAL C 130 -4.07 13.66 -17.10
N VAL C 131 -4.38 13.23 -18.35
CA VAL C 131 -5.05 11.94 -18.59
C VAL C 131 -4.20 10.82 -17.98
N GLN C 132 -4.81 9.97 -17.17
CA GLN C 132 -4.11 8.92 -16.49
C GLN C 132 -4.05 7.62 -17.26
N LEU C 133 -2.86 7.01 -17.26
CA LEU C 133 -2.57 5.73 -17.87
C LEU C 133 -2.62 4.73 -16.73
N PHE C 134 -3.56 3.79 -16.78
CA PHE C 134 -3.67 2.78 -15.75
C PHE C 134 -2.73 1.60 -16.07
N TYR C 135 -2.75 1.14 -17.31
CA TYR C 135 -1.95 0.00 -17.72
C TYR C 135 -1.30 0.22 -19.05
N ALA C 136 -0.11 -0.33 -19.21
CA ALA C 136 0.61 -0.35 -20.46
C ALA C 136 1.09 -1.81 -20.64
N PHE C 137 0.88 -2.36 -21.83
CA PHE C 137 1.29 -3.72 -22.12
C PHE C 137 1.60 -3.90 -23.61
N GLN C 138 2.02 -5.10 -24.00
CA GLN C 138 2.40 -5.34 -25.40
C GLN C 138 2.34 -6.79 -25.78
N ASP C 139 2.33 -7.03 -27.07
CA ASP C 139 2.48 -8.36 -27.65
C ASP C 139 3.53 -8.21 -28.79
N ASP C 140 3.73 -9.22 -29.64
CA ASP C 140 4.71 -9.11 -30.73
C ASP C 140 4.32 -8.07 -31.79
N ARG C 141 3.03 -7.70 -31.88
CA ARG C 141 2.57 -6.77 -32.90
C ARG C 141 2.28 -5.33 -32.45
N TYR C 142 1.81 -5.15 -31.20
CA TYR C 142 1.40 -3.82 -30.73
C TYR C 142 1.85 -3.44 -29.32
N LEU C 143 1.83 -2.12 -29.07
CA LEU C 143 1.97 -1.47 -27.77
C LEU C 143 0.54 -1.01 -27.40
N TYR C 144 0.14 -1.22 -26.15
CA TYR C 144 -1.19 -0.86 -25.69
C TYR C 144 -1.10 0.09 -24.52
N MET C 145 -1.88 1.15 -24.56
CA MET C 145 -1.92 2.12 -23.48
C MET C 145 -3.37 2.28 -23.03
N VAL C 146 -3.68 1.78 -21.83
CA VAL C 146 -5.03 1.87 -21.26
C VAL C 146 -5.14 3.14 -20.43
N MET C 147 -5.95 4.06 -20.88
CA MET C 147 -6.15 5.35 -20.22
C MET C 147 -7.58 5.52 -19.76
N GLU C 148 -7.81 6.51 -18.86
CA GLU C 148 -9.17 6.85 -18.47
C GLU C 148 -9.90 7.45 -19.68
N TYR C 149 -11.18 7.08 -19.85
CA TYR C 149 -11.95 7.58 -20.95
C TYR C 149 -12.39 9.03 -20.64
N MET C 150 -12.26 9.93 -21.62
CA MET C 150 -12.63 11.34 -21.53
C MET C 150 -13.81 11.56 -22.45
N PRO C 151 -15.04 11.33 -21.93
CA PRO C 151 -16.22 11.38 -22.81
C PRO C 151 -16.64 12.72 -23.35
N GLY C 152 -16.09 13.81 -22.81
CA GLY C 152 -16.41 15.14 -23.30
C GLY C 152 -15.78 15.48 -24.64
N GLY C 153 -14.81 14.68 -25.07
CA GLY C 153 -14.14 14.93 -26.33
C GLY C 153 -13.06 16.00 -26.23
N ASP C 154 -12.62 16.51 -27.37
CA ASP C 154 -11.52 17.46 -27.38
C ASP C 154 -11.96 18.90 -27.61
N LEU C 155 -11.02 19.84 -27.46
CA LEU C 155 -11.29 21.26 -27.68
C LEU C 155 -11.48 21.60 -29.16
N VAL C 156 -10.95 20.79 -30.09
CA VAL C 156 -11.19 20.99 -31.53
C VAL C 156 -12.70 20.84 -31.79
N ASN C 157 -13.30 19.78 -31.26
CA ASN C 157 -14.72 19.49 -31.35
C ASN C 157 -15.55 20.60 -30.69
N LEU C 158 -15.18 21.03 -29.48
CA LEU C 158 -15.89 22.09 -28.76
C LEU C 158 -15.89 23.40 -29.54
N MET C 159 -14.73 23.79 -30.08
CA MET C 159 -14.62 25.04 -30.83
C MET C 159 -15.44 25.05 -32.10
N SER C 160 -15.69 23.88 -32.70
CA SER C 160 -16.50 23.81 -33.92
C SER C 160 -18.01 23.82 -33.58
N ASN C 161 -18.39 23.26 -32.41
CA ASN C 161 -19.78 23.25 -31.99
C ASN C 161 -20.22 24.56 -31.35
N TYR C 162 -19.29 25.39 -30.84
CA TYR C 162 -19.68 26.62 -30.13
C TYR C 162 -18.85 27.80 -30.49
N ASP C 163 -19.42 29.01 -30.36
CA ASP C 163 -18.62 30.25 -30.44
C ASP C 163 -18.25 30.44 -28.97
N VAL C 164 -16.95 30.47 -28.68
CA VAL C 164 -16.44 30.50 -27.32
C VAL C 164 -16.35 31.90 -26.74
N PRO C 165 -17.22 32.21 -25.78
CA PRO C 165 -17.12 33.49 -25.11
C PRO C 165 -15.91 33.54 -24.18
N GLU C 166 -15.54 34.74 -23.75
CA GLU C 166 -14.37 34.96 -22.93
C GLU C 166 -14.42 34.26 -21.60
N LYS C 167 -15.60 34.09 -21.02
CA LYS C 167 -15.79 33.37 -19.77
C LYS C 167 -15.32 31.89 -19.93
N TRP C 168 -15.61 31.29 -21.10
CA TRP C 168 -15.23 29.93 -21.38
C TRP C 168 -13.73 29.85 -21.70
N ALA C 169 -13.23 30.76 -22.53
CA ALA C 169 -11.81 30.82 -22.86
C ALA C 169 -10.94 31.00 -21.59
N ARG C 170 -11.40 31.79 -20.62
CA ARG C 170 -10.69 31.97 -19.37
C ARG C 170 -10.57 30.65 -18.62
N PHE C 171 -11.71 29.89 -18.53
CA PHE C 171 -11.77 28.60 -17.88
C PHE C 171 -10.84 27.58 -18.53
N TYR C 172 -10.94 27.39 -19.86
CA TYR C 172 -10.11 26.39 -20.56
C TYR C 172 -8.65 26.76 -20.54
N THR C 173 -8.31 28.05 -20.75
CA THR C 173 -6.91 28.50 -20.70
C THR C 173 -6.33 28.26 -19.30
N ALA C 174 -7.08 28.57 -18.25
CA ALA C 174 -6.64 28.35 -16.87
C ALA C 174 -6.38 26.88 -16.58
N GLU C 175 -7.22 25.97 -17.11
CA GLU C 175 -7.01 24.53 -16.89
C GLU C 175 -5.79 24.01 -17.68
N VAL C 176 -5.52 24.57 -18.86
CA VAL C 176 -4.35 24.22 -19.65
C VAL C 176 -3.08 24.73 -18.93
N VAL C 177 -3.15 25.91 -18.30
CA VAL C 177 -2.03 26.46 -17.57
C VAL C 177 -1.66 25.52 -16.40
N LEU C 178 -2.67 25.04 -15.65
CA LEU C 178 -2.44 24.10 -14.57
C LEU C 178 -1.94 22.74 -15.03
N ALA C 179 -2.41 22.24 -16.16
CA ALA C 179 -1.95 20.96 -16.70
C ALA C 179 -0.47 21.08 -17.16
N LEU C 180 -0.11 22.19 -17.83
CA LEU C 180 1.25 22.40 -18.29
C LEU C 180 2.20 22.59 -17.11
N ASP C 181 1.77 23.25 -16.04
CA ASP C 181 2.58 23.41 -14.85
C ASP C 181 2.87 22.06 -14.21
N ALA C 182 1.87 21.17 -14.16
CA ALA C 182 2.06 19.82 -13.63
C ALA C 182 3.06 19.02 -14.47
N ILE C 183 3.04 19.18 -15.80
CA ILE C 183 3.96 18.48 -16.70
C ILE C 183 5.37 19.06 -16.59
N HIS C 184 5.47 20.38 -16.51
CA HIS C 184 6.74 21.07 -16.36
C HIS C 184 7.41 20.70 -15.01
N SER C 185 6.60 20.54 -13.95
CA SER C 185 7.10 20.13 -12.63
C SER C 185 7.72 18.74 -12.63
N MET C 186 7.28 17.87 -13.54
CA MET C 186 7.86 16.54 -13.70
C MET C 186 9.20 16.57 -14.51
N GLY C 187 9.57 17.71 -15.06
CA GLY C 187 10.78 17.86 -15.87
C GLY C 187 10.57 17.68 -17.35
N PHE C 188 9.29 17.68 -17.81
CA PHE C 188 8.99 17.50 -19.22
C PHE C 188 8.55 18.76 -19.92
N ILE C 189 8.70 18.74 -21.24
CA ILE C 189 8.22 19.76 -22.17
C ILE C 189 7.15 19.04 -22.97
N HIS C 190 5.92 19.56 -23.00
CA HIS C 190 4.84 18.91 -23.75
C HIS C 190 5.18 18.91 -25.24
N ARG C 191 5.60 20.06 -25.77
CA ARG C 191 5.99 20.25 -27.14
C ARG C 191 4.83 20.22 -28.14
N ASP C 192 3.74 19.53 -27.81
CA ASP C 192 2.61 19.43 -28.73
C ASP C 192 1.32 20.04 -28.20
N VAL C 193 1.43 21.18 -27.49
CA VAL C 193 0.23 21.82 -26.96
C VAL C 193 -0.65 22.34 -28.10
N LYS C 194 -1.80 21.67 -28.33
CA LYS C 194 -2.79 22.01 -29.36
C LYS C 194 -4.17 21.53 -28.87
N PRO C 195 -5.26 22.09 -29.41
CA PRO C 195 -6.62 21.69 -28.91
C PRO C 195 -6.95 20.20 -29.03
N ASP C 196 -6.27 19.50 -29.94
CA ASP C 196 -6.40 18.05 -30.16
C ASP C 196 -5.99 17.29 -28.89
N ASN C 197 -5.01 17.81 -28.12
CA ASN C 197 -4.51 17.20 -26.88
C ASN C 197 -5.32 17.53 -25.63
N MET C 198 -6.27 18.44 -25.73
CA MET C 198 -7.07 18.90 -24.62
C MET C 198 -8.37 18.15 -24.62
N LEU C 199 -8.55 17.24 -23.64
CA LEU C 199 -9.75 16.43 -23.55
C LEU C 199 -10.58 16.80 -22.34
N LEU C 200 -11.90 16.54 -22.40
CA LEU C 200 -12.84 16.89 -21.35
C LEU C 200 -13.41 15.63 -20.71
N ASP C 201 -13.47 15.58 -19.39
CA ASP C 201 -13.98 14.42 -18.68
C ASP C 201 -15.53 14.45 -18.57
N LYS C 202 -16.16 13.55 -17.75
CA LYS C 202 -17.61 13.50 -17.61
C LYS C 202 -18.19 14.80 -16.98
N SER C 203 -17.38 15.55 -16.23
CA SER C 203 -17.79 16.83 -15.66
C SER C 203 -17.52 18.06 -16.57
N GLY C 204 -16.83 17.86 -17.68
CA GLY C 204 -16.47 18.94 -18.60
C GLY C 204 -15.17 19.64 -18.24
N HIS C 205 -14.36 19.05 -17.35
CA HIS C 205 -13.08 19.62 -16.96
C HIS C 205 -11.98 19.05 -17.87
N LEU C 206 -11.00 19.88 -18.18
CA LEU C 206 -9.92 19.58 -19.09
C LEU C 206 -8.73 18.85 -18.47
N LYS C 207 -8.22 17.88 -19.24
CA LYS C 207 -7.00 17.15 -18.96
C LYS C 207 -6.21 17.10 -20.28
N LEU C 208 -4.89 17.14 -20.17
CA LEU C 208 -4.04 17.02 -21.33
C LEU C 208 -3.70 15.54 -21.54
N ALA C 209 -3.74 15.14 -22.78
CA ALA C 209 -3.20 13.89 -23.25
C ALA C 209 -1.89 14.35 -24.00
N ASP C 210 -1.01 13.43 -24.40
CA ASP C 210 0.28 13.83 -25.00
C ASP C 210 0.61 13.09 -26.24
N PHE C 211 0.36 13.67 -27.42
CA PHE C 211 0.70 13.01 -28.68
C PHE C 211 0.98 14.04 -29.78
N GLY C 212 1.70 13.62 -30.83
CA GLY C 212 2.08 14.48 -31.94
C GLY C 212 0.97 14.80 -32.92
N THR C 231 2.25 20.36 -36.25
CA THR C 231 1.27 21.43 -36.42
C THR C 231 1.97 22.81 -36.52
N PRO C 232 2.31 23.23 -37.75
CA PRO C 232 3.02 24.51 -37.94
C PRO C 232 2.42 25.71 -37.23
N ASP C 233 1.08 25.83 -37.20
CA ASP C 233 0.35 26.94 -36.59
C ASP C 233 0.67 27.23 -35.14
N TYR C 234 0.98 26.17 -34.37
CA TYR C 234 1.24 26.26 -32.93
C TYR C 234 2.73 26.31 -32.53
N ILE C 235 3.67 26.21 -33.49
CA ILE C 235 5.08 26.18 -33.14
C ILE C 235 5.67 27.58 -32.95
N SER C 236 6.49 27.69 -31.92
CA SER C 236 7.12 28.93 -31.50
C SER C 236 8.33 29.29 -32.37
N PRO C 237 8.72 30.58 -32.41
CA PRO C 237 9.89 30.98 -33.21
C PRO C 237 11.19 30.25 -32.81
N GLU C 238 11.40 29.97 -31.51
CA GLU C 238 12.59 29.26 -31.06
C GLU C 238 12.59 27.79 -31.46
N VAL C 239 11.41 27.15 -31.49
CA VAL C 239 11.31 25.75 -31.93
C VAL C 239 11.61 25.70 -33.43
N LEU C 240 11.14 26.71 -34.20
CA LEU C 240 11.39 26.84 -35.64
C LEU C 240 12.91 26.99 -35.84
N LYS C 241 13.53 27.98 -35.16
CA LYS C 241 14.96 28.26 -35.22
C LYS C 241 15.80 27.03 -34.85
N SER C 242 15.31 26.19 -33.95
CA SER C 242 15.99 24.97 -33.54
C SER C 242 16.01 23.91 -34.63
N GLN C 243 15.04 23.91 -35.56
CA GLN C 243 14.98 22.89 -36.59
C GLN C 243 16.19 22.89 -37.51
N GLY C 244 16.73 24.05 -37.78
CA GLY C 244 17.92 24.17 -38.60
C GLY C 244 19.13 24.13 -37.70
N GLY C 245 19.63 25.30 -37.32
CA GLY C 245 20.75 25.41 -36.39
C GLY C 245 20.39 24.79 -35.06
N ASP C 246 21.32 24.00 -34.43
CA ASP C 246 21.11 23.22 -33.18
C ASP C 246 20.03 23.83 -32.24
N GLY C 247 20.11 25.14 -32.01
CA GLY C 247 19.15 25.94 -31.25
C GLY C 247 18.61 25.33 -29.99
N TYR C 248 18.24 26.20 -29.06
CA TYR C 248 17.73 25.77 -27.77
C TYR C 248 16.30 26.31 -27.52
N TYR C 249 15.47 25.52 -26.83
CA TYR C 249 14.14 25.90 -26.38
C TYR C 249 13.80 25.15 -25.08
N GLY C 250 13.25 25.89 -24.14
CA GLY C 250 12.85 25.33 -22.85
C GLY C 250 11.36 25.11 -22.71
N ARG C 251 10.86 25.17 -21.47
CA ARG C 251 9.44 24.96 -21.21
C ARG C 251 8.56 26.09 -21.73
N GLU C 252 9.16 27.28 -21.99
CA GLU C 252 8.43 28.45 -22.50
C GLU C 252 7.88 28.24 -23.93
N CYS C 253 8.29 27.18 -24.64
CA CYS C 253 7.74 26.88 -25.95
C CYS C 253 6.24 26.46 -25.82
N ASP C 254 5.86 25.88 -24.65
CA ASP C 254 4.51 25.48 -24.32
C ASP C 254 3.66 26.73 -24.07
N TRP C 255 4.24 27.79 -23.49
CA TRP C 255 3.48 28.99 -23.22
C TRP C 255 3.14 29.76 -24.47
N TRP C 256 3.98 29.68 -25.51
CA TRP C 256 3.68 30.29 -26.79
C TRP C 256 2.41 29.61 -27.37
N SER C 257 2.37 28.27 -27.35
CA SER C 257 1.24 27.45 -27.81
C SER C 257 -0.06 27.84 -27.11
N VAL C 258 -0.01 28.15 -25.81
CA VAL C 258 -1.16 28.60 -25.05
C VAL C 258 -1.72 29.91 -25.64
N GLY C 259 -0.84 30.82 -26.02
CA GLY C 259 -1.25 32.09 -26.61
C GLY C 259 -1.89 31.91 -27.98
N VAL C 260 -1.43 30.91 -28.74
CA VAL C 260 -2.02 30.56 -30.04
C VAL C 260 -3.43 29.99 -29.83
N PHE C 261 -3.57 29.10 -28.83
CA PHE C 261 -4.85 28.48 -28.45
C PHE C 261 -5.87 29.53 -27.99
N LEU C 262 -5.46 30.45 -27.10
CA LEU C 262 -6.35 31.51 -26.62
C LEU C 262 -6.83 32.39 -27.76
N TYR C 263 -5.93 32.70 -28.71
CA TYR C 263 -6.24 33.52 -29.87
C TYR C 263 -7.22 32.79 -30.77
N GLU C 264 -6.97 31.52 -31.05
CA GLU C 264 -7.86 30.71 -31.87
C GLU C 264 -9.26 30.61 -31.25
N MET C 265 -9.36 30.42 -29.92
CA MET C 265 -10.66 30.37 -29.25
C MET C 265 -11.43 31.67 -29.41
N LEU C 266 -10.78 32.82 -29.17
CA LEU C 266 -11.45 34.11 -29.25
C LEU C 266 -11.65 34.70 -30.63
N VAL C 267 -10.82 34.34 -31.61
CA VAL C 267 -10.88 34.92 -32.96
C VAL C 267 -11.49 33.98 -33.99
N GLY C 268 -11.33 32.68 -33.80
CA GLY C 268 -11.86 31.69 -34.72
C GLY C 268 -10.84 31.13 -35.70
N ASP C 269 -9.69 31.81 -35.81
CA ASP C 269 -8.58 31.42 -36.67
C ASP C 269 -7.26 31.44 -35.87
N THR C 270 -6.22 30.75 -36.39
CA THR C 270 -4.89 30.79 -35.76
C THR C 270 -4.20 32.14 -36.10
N PRO C 271 -3.40 32.68 -35.18
CA PRO C 271 -2.82 34.03 -35.40
C PRO C 271 -1.91 34.22 -36.60
N PHE C 272 -1.24 33.14 -37.02
CA PHE C 272 -0.27 33.22 -38.10
C PHE C 272 -0.66 32.34 -39.25
N TYR C 273 -1.96 32.19 -39.50
CA TYR C 273 -2.44 31.38 -40.60
C TYR C 273 -1.96 32.00 -41.95
N ALA C 274 -1.63 31.14 -42.89
CA ALA C 274 -1.23 31.44 -44.26
C ALA C 274 -1.54 30.22 -45.12
N ASP C 275 -1.68 30.44 -46.43
CA ASP C 275 -2.01 29.39 -47.39
C ASP C 275 -0.94 28.29 -47.45
N SER C 276 0.34 28.69 -47.37
CA SER C 276 1.48 27.76 -47.41
C SER C 276 2.17 27.60 -46.05
N LEU C 277 3.01 26.57 -45.91
CA LEU C 277 3.78 26.36 -44.70
C LEU C 277 4.79 27.51 -44.52
N VAL C 278 5.50 27.89 -45.61
CA VAL C 278 6.51 28.95 -45.58
C VAL C 278 5.93 30.27 -45.13
N GLY C 279 4.70 30.56 -45.55
CA GLY C 279 4.03 31.79 -45.16
C GLY C 279 3.76 31.84 -43.68
N THR C 280 3.33 30.71 -43.11
CA THR C 280 3.08 30.55 -41.69
C THR C 280 4.41 30.70 -40.93
N TYR C 281 5.51 30.01 -41.36
CA TYR C 281 6.83 30.14 -40.71
C TYR C 281 7.30 31.57 -40.68
N SER C 282 7.14 32.30 -41.78
CA SER C 282 7.56 33.70 -41.84
C SER C 282 6.73 34.60 -40.99
N LYS C 283 5.39 34.37 -40.93
CA LYS C 283 4.50 35.15 -40.06
C LYS C 283 4.87 34.91 -38.61
N ILE C 284 5.21 33.67 -38.22
CA ILE C 284 5.65 33.33 -36.87
C ILE C 284 6.94 34.08 -36.51
N MET C 285 7.95 34.05 -37.38
CA MET C 285 9.21 34.75 -37.13
C MET C 285 8.98 36.29 -37.10
N ASN C 286 8.06 36.79 -37.93
CA ASN C 286 7.75 38.22 -37.97
C ASN C 286 6.59 38.57 -37.04
N HIS C 287 6.39 37.82 -35.94
CA HIS C 287 5.27 37.97 -35.02
C HIS C 287 5.04 39.40 -34.52
N LYS C 288 6.13 40.19 -34.30
CA LYS C 288 5.98 41.58 -33.85
C LYS C 288 5.18 42.43 -34.84
N ASN C 289 5.13 42.05 -36.12
CA ASN C 289 4.35 42.80 -37.11
C ASN C 289 3.16 42.00 -37.66
N SER C 290 3.26 40.66 -37.70
CA SER C 290 2.18 39.84 -38.25
C SER C 290 0.99 39.63 -37.32
N LEU C 291 1.23 39.65 -36.00
CA LEU C 291 0.14 39.43 -35.05
C LEU C 291 -0.85 40.59 -35.03
N THR C 292 -2.06 40.34 -35.55
CA THR C 292 -3.11 41.36 -35.56
C THR C 292 -4.44 40.78 -35.08
N PHE C 293 -5.28 41.64 -34.54
CA PHE C 293 -6.63 41.28 -34.16
C PHE C 293 -7.57 41.86 -35.21
N PRO C 294 -8.57 41.09 -35.67
CA PRO C 294 -9.46 41.57 -36.74
C PRO C 294 -10.20 42.86 -36.45
N ASP C 295 -10.53 43.61 -37.51
CA ASP C 295 -11.28 44.87 -37.42
C ASP C 295 -12.64 44.62 -36.76
N ASP C 296 -13.06 45.56 -35.90
CA ASP C 296 -14.29 45.51 -35.11
C ASP C 296 -14.43 44.18 -34.29
N ASN C 297 -13.45 43.91 -33.41
CA ASN C 297 -13.48 42.72 -32.56
C ASN C 297 -14.01 43.09 -31.17
N ASP C 298 -14.69 42.14 -30.50
CA ASP C 298 -15.22 42.41 -29.17
C ASP C 298 -14.37 41.76 -28.06
N ILE C 299 -13.06 41.50 -28.34
CA ILE C 299 -12.13 40.88 -27.39
C ILE C 299 -11.69 41.94 -26.38
N SER C 300 -11.71 41.59 -25.09
CA SER C 300 -11.32 42.52 -24.04
C SER C 300 -9.82 42.96 -24.09
N LYS C 301 -9.49 44.05 -23.37
CA LYS C 301 -8.12 44.53 -23.32
C LYS C 301 -7.22 43.49 -22.67
N GLU C 302 -7.70 42.87 -21.58
CA GLU C 302 -6.93 41.90 -20.85
C GLU C 302 -6.73 40.60 -21.61
N ALA C 303 -7.67 40.24 -22.50
CA ALA C 303 -7.51 39.04 -23.32
C ALA C 303 -6.46 39.28 -24.37
N LYS C 304 -6.47 40.47 -25.02
CA LYS C 304 -5.45 40.84 -26.01
C LYS C 304 -4.08 40.97 -25.35
N ASN C 305 -4.03 41.53 -24.13
CA ASN C 305 -2.77 41.65 -23.38
C ASN C 305 -2.17 40.29 -23.06
N LEU C 306 -2.99 39.31 -22.71
CA LEU C 306 -2.50 37.98 -22.39
C LEU C 306 -1.97 37.30 -23.63
N ILE C 307 -2.72 37.38 -24.74
CA ILE C 307 -2.29 36.79 -26.01
C ILE C 307 -0.94 37.37 -26.46
N CYS C 308 -0.82 38.70 -26.41
CA CYS C 308 0.42 39.41 -26.77
C CYS C 308 1.58 39.10 -25.82
N ALA C 309 1.30 38.85 -24.52
CA ALA C 309 2.36 38.49 -23.59
C ALA C 309 2.91 37.10 -23.85
N PHE C 310 2.11 36.19 -24.45
CA PHE C 310 2.57 34.85 -24.80
C PHE C 310 3.18 34.84 -26.21
N LEU C 311 2.56 35.58 -27.14
CA LEU C 311 3.01 35.62 -28.51
C LEU C 311 4.08 36.69 -28.70
N THR C 312 5.23 36.48 -28.04
CA THR C 312 6.38 37.36 -28.07
C THR C 312 7.68 36.53 -27.99
N ASP C 313 8.85 37.20 -28.04
CA ASP C 313 10.13 36.50 -27.95
C ASP C 313 10.31 35.86 -26.59
N ARG C 314 10.91 34.67 -26.56
CA ARG C 314 11.11 33.92 -25.32
C ARG C 314 11.72 34.72 -24.17
N GLU C 315 12.64 35.66 -24.49
CA GLU C 315 13.32 36.47 -23.49
C GLU C 315 12.36 37.31 -22.68
N VAL C 316 11.28 37.81 -23.31
CA VAL C 316 10.31 38.64 -22.59
C VAL C 316 8.91 37.98 -22.43
N ARG C 317 8.77 36.71 -22.82
CA ARG C 317 7.51 35.97 -22.78
C ARG C 317 6.96 35.71 -21.39
N LEU C 318 5.63 35.83 -21.20
CA LEU C 318 4.94 35.55 -19.95
C LEU C 318 5.17 34.07 -19.59
N GLY C 319 5.55 33.78 -18.36
CA GLY C 319 5.92 32.43 -17.98
C GLY C 319 7.42 32.23 -17.93
N ARG C 320 8.23 33.28 -18.27
CA ARG C 320 9.70 33.29 -18.21
C ARG C 320 10.15 33.04 -16.74
N ASN C 321 9.49 33.73 -15.82
CA ASN C 321 9.69 33.64 -14.38
C ASN C 321 8.93 32.49 -13.69
N GLY C 322 8.05 31.79 -14.39
CA GLY C 322 7.25 30.71 -13.81
C GLY C 322 5.77 30.86 -14.09
N VAL C 323 4.91 29.97 -13.51
CA VAL C 323 3.47 30.06 -13.72
C VAL C 323 2.82 31.17 -12.92
N GLU C 324 3.37 31.54 -11.74
CA GLU C 324 2.75 32.53 -10.87
C GLU C 324 2.45 33.83 -11.57
N GLU C 325 3.33 34.20 -12.49
CA GLU C 325 3.21 35.40 -13.31
C GLU C 325 2.00 35.29 -14.26
N ILE C 326 1.79 34.09 -14.85
CA ILE C 326 0.65 33.79 -15.74
C ILE C 326 -0.62 33.81 -14.92
N LYS C 327 -0.61 33.16 -13.77
CA LYS C 327 -1.77 33.12 -12.89
C LYS C 327 -2.22 34.49 -12.37
N ARG C 328 -1.26 35.42 -12.14
CA ARG C 328 -1.57 36.76 -11.65
C ARG C 328 -2.10 37.71 -12.72
N HIS C 329 -2.10 37.28 -13.99
CA HIS C 329 -2.57 38.13 -15.07
C HIS C 329 -4.04 38.47 -14.92
N LEU C 330 -4.40 39.73 -15.19
CA LEU C 330 -5.74 40.27 -15.02
C LEU C 330 -6.82 39.56 -15.83
N PHE C 331 -6.46 38.93 -16.97
CA PHE C 331 -7.42 38.16 -17.76
C PHE C 331 -8.08 37.06 -16.91
N PHE C 332 -7.36 36.48 -15.96
CA PHE C 332 -7.90 35.42 -15.11
C PHE C 332 -8.71 35.92 -13.88
N LYS C 333 -8.80 37.25 -13.68
CA LYS C 333 -9.59 37.79 -12.56
C LYS C 333 -11.05 37.65 -12.91
N ASN C 334 -11.81 36.97 -12.06
CA ASN C 334 -13.22 36.72 -12.26
C ASN C 334 -13.90 36.42 -10.90
N ASP C 335 -15.24 36.40 -10.90
CA ASP C 335 -16.06 36.10 -9.72
C ASP C 335 -16.45 34.65 -9.58
N GLN C 336 -16.38 33.87 -10.68
CA GLN C 336 -16.82 32.46 -10.64
C GLN C 336 -15.89 31.54 -9.91
N TRP C 337 -14.58 31.65 -10.13
CA TRP C 337 -13.62 30.73 -9.53
C TRP C 337 -12.32 31.39 -9.13
N ALA C 338 -11.52 30.65 -8.36
CA ALA C 338 -10.18 30.98 -7.93
C ALA C 338 -9.27 29.81 -8.36
N TRP C 339 -7.97 30.04 -8.55
CA TRP C 339 -7.05 28.98 -8.99
C TRP C 339 -7.11 27.70 -8.16
N GLU C 340 -7.26 27.84 -6.86
CA GLU C 340 -7.30 26.71 -5.94
C GLU C 340 -8.66 25.98 -5.93
N THR C 341 -9.72 26.62 -6.44
CA THR C 341 -11.03 25.98 -6.50
C THR C 341 -11.53 25.80 -7.95
N LEU C 342 -10.68 25.99 -8.98
CA LEU C 342 -11.03 25.91 -10.39
C LEU C 342 -11.59 24.53 -10.73
N ARG C 343 -10.98 23.45 -10.22
CA ARG C 343 -11.51 22.10 -10.52
C ARG C 343 -12.74 21.70 -9.68
N ASP C 344 -13.20 22.58 -8.79
CA ASP C 344 -14.43 22.40 -8.03
C ASP C 344 -15.61 23.15 -8.66
N THR C 345 -15.35 24.09 -9.61
CA THR C 345 -16.44 24.84 -10.22
C THR C 345 -17.09 24.05 -11.36
N VAL C 346 -18.31 24.39 -11.67
CA VAL C 346 -19.02 23.80 -12.77
C VAL C 346 -18.38 24.34 -14.08
N ALA C 347 -17.99 23.42 -14.94
CA ALA C 347 -17.43 23.71 -16.22
C ALA C 347 -18.49 24.32 -17.16
N PRO C 348 -18.09 25.10 -18.19
CA PRO C 348 -19.08 25.72 -19.09
C PRO C 348 -19.93 24.74 -19.90
N VAL C 349 -19.36 23.59 -20.27
CA VAL C 349 -20.07 22.58 -21.04
C VAL C 349 -19.96 21.28 -20.23
N VAL C 350 -21.07 20.85 -19.67
CA VAL C 350 -21.11 19.59 -18.94
C VAL C 350 -21.74 18.58 -19.85
N PRO C 351 -21.00 17.54 -20.26
CA PRO C 351 -21.54 16.65 -21.30
C PRO C 351 -22.75 15.84 -20.88
N ASP C 352 -23.69 15.76 -21.81
CA ASP C 352 -24.95 15.02 -21.76
C ASP C 352 -24.63 13.60 -22.26
N LEU C 353 -24.36 12.66 -21.35
CA LEU C 353 -24.01 11.29 -21.75
C LEU C 353 -25.15 10.28 -21.55
N SER C 354 -25.51 9.57 -22.62
CA SER C 354 -26.55 8.55 -22.58
C SER C 354 -26.11 7.32 -21.80
N SER C 355 -24.84 6.92 -21.94
CA SER C 355 -24.32 5.75 -21.23
C SER C 355 -22.79 5.80 -21.06
N ASP C 356 -22.19 4.79 -20.40
CA ASP C 356 -20.74 4.70 -20.22
C ASP C 356 -19.97 4.49 -21.54
N ILE C 357 -20.66 4.14 -22.62
CA ILE C 357 -20.02 3.99 -23.92
C ILE C 357 -20.46 5.04 -24.93
N ASP C 358 -21.04 6.17 -24.44
CA ASP C 358 -21.45 7.29 -25.27
C ASP C 358 -20.18 7.89 -25.87
N THR C 359 -20.17 7.91 -27.20
CA THR C 359 -19.09 8.35 -28.07
C THR C 359 -19.50 9.57 -28.91
N SER C 360 -20.64 10.22 -28.59
CA SER C 360 -21.16 11.35 -29.38
C SER C 360 -20.21 12.53 -29.52
N ASN C 361 -19.28 12.71 -28.57
CA ASN C 361 -18.32 13.81 -28.64
C ASN C 361 -17.04 13.48 -29.42
N PHE C 362 -17.05 12.37 -30.16
CA PHE C 362 -15.96 11.90 -31.00
C PHE C 362 -16.48 11.60 -32.39
N ASP C 363 -15.63 11.80 -33.41
CA ASP C 363 -15.98 11.51 -34.79
C ASP C 363 -16.06 10.01 -35.00
N ASP C 364 -17.09 9.56 -35.73
CA ASP C 364 -17.27 8.13 -35.97
C ASP C 364 -16.19 7.55 -36.90
N LEU C 365 -15.64 6.38 -36.48
CA LEU C 365 -14.62 5.62 -37.21
C LEU C 365 -14.92 4.09 -37.12
N GLU C 366 -14.33 3.29 -38.05
CA GLU C 366 -14.47 1.84 -38.05
C GLU C 366 -13.14 1.17 -38.35
N PHE C 375 5.31 -8.00 -41.27
CA PHE C 375 6.23 -8.65 -40.34
C PHE C 375 7.12 -9.64 -41.09
N PRO C 376 8.42 -9.34 -41.26
CA PRO C 376 9.29 -10.26 -42.00
C PRO C 376 9.83 -11.41 -41.16
N ILE C 377 10.26 -12.51 -41.82
CA ILE C 377 10.85 -13.63 -41.11
C ILE C 377 12.36 -13.54 -41.17
N PRO C 378 13.03 -13.42 -40.01
CA PRO C 378 14.48 -13.27 -40.01
C PRO C 378 15.23 -14.54 -40.43
N VAL C 382 17.64 -10.22 -35.43
CA VAL C 382 17.45 -8.82 -35.81
C VAL C 382 17.00 -7.92 -34.63
N GLY C 383 16.32 -8.52 -33.65
CA GLY C 383 15.87 -7.82 -32.45
C GLY C 383 14.80 -6.77 -32.63
N ASN C 384 13.73 -7.10 -33.38
CA ASN C 384 12.61 -6.20 -33.60
C ASN C 384 11.90 -5.79 -32.30
N GLN C 385 11.89 -6.68 -31.30
CA GLN C 385 11.22 -6.44 -30.01
C GLN C 385 12.04 -5.62 -29.01
N LEU C 386 13.35 -5.47 -29.24
CA LEU C 386 14.24 -4.75 -28.35
C LEU C 386 13.86 -3.27 -28.07
N PRO C 387 13.41 -2.46 -29.06
CA PRO C 387 13.03 -1.06 -28.73
C PRO C 387 11.86 -0.91 -27.75
N PHE C 388 11.11 -2.00 -27.51
CA PHE C 388 9.91 -1.94 -26.68
C PHE C 388 10.03 -2.60 -25.30
N VAL C 389 11.24 -3.06 -24.93
CA VAL C 389 11.45 -3.67 -23.62
C VAL C 389 11.37 -2.58 -22.57
N GLY C 390 10.53 -2.77 -21.57
CA GLY C 390 10.32 -1.81 -20.50
C GLY C 390 9.06 -0.98 -20.62
N PHE C 391 8.24 -1.26 -21.66
CA PHE C 391 7.01 -0.51 -21.89
C PHE C 391 5.89 -0.92 -20.94
N THR C 392 5.84 -2.19 -20.55
CA THR C 392 4.81 -2.71 -19.65
C THR C 392 4.76 -1.95 -18.32
N TYR C 393 3.56 -1.60 -17.88
CA TYR C 393 3.32 -0.86 -16.66
C TYR C 393 1.99 -1.31 -16.05
N TYR C 394 2.00 -1.65 -14.76
CA TYR C 394 0.76 -2.00 -14.06
C TYR C 394 0.60 -1.06 -12.87
N SER C 395 -0.61 -0.58 -12.64
CA SER C 395 -0.88 0.27 -11.48
C SER C 395 -1.49 -0.57 -10.38
N ASN C 396 -2.50 -1.40 -10.72
CA ASN C 396 -3.17 -2.25 -9.73
C ASN C 396 -3.00 -3.74 -10.05
N THR D 3 -5.67 -14.75 -7.92
CA THR D 3 -5.69 -13.99 -9.18
C THR D 3 -4.35 -14.04 -9.93
N ARG D 4 -4.36 -13.69 -11.23
CA ARG D 4 -3.23 -13.64 -12.14
C ARG D 4 -2.08 -12.79 -11.58
N PHE D 5 -2.42 -11.66 -10.96
CA PHE D 5 -1.44 -10.75 -10.36
C PHE D 5 -0.70 -11.45 -9.22
N GLU D 6 -1.44 -12.22 -8.40
CA GLU D 6 -0.84 -12.93 -7.28
C GLU D 6 0.01 -14.10 -7.79
N LYS D 7 -0.48 -14.83 -8.81
CA LYS D 7 0.24 -15.96 -9.41
C LYS D 7 1.58 -15.51 -9.98
N MET D 8 1.59 -14.34 -10.64
CA MET D 8 2.81 -13.77 -11.23
C MET D 8 3.80 -13.41 -10.14
N ASP D 9 3.33 -12.75 -9.07
CA ASP D 9 4.12 -12.34 -7.93
C ASP D 9 4.77 -13.55 -7.25
N ASN D 10 4.07 -14.69 -7.23
CA ASN D 10 4.59 -15.91 -6.64
C ASN D 10 5.77 -16.42 -7.47
N LEU D 11 5.60 -16.47 -8.81
CA LEU D 11 6.64 -16.89 -9.74
C LEU D 11 7.91 -16.03 -9.64
N LEU D 12 7.76 -14.73 -9.35
CA LEU D 12 8.90 -13.82 -9.24
C LEU D 12 9.68 -13.98 -7.94
N ARG D 13 9.05 -14.51 -6.90
CA ARG D 13 9.70 -14.65 -5.59
C ARG D 13 10.16 -16.08 -5.28
N ASP D 14 9.53 -17.08 -5.90
CA ASP D 14 9.83 -18.49 -5.70
C ASP D 14 11.27 -18.81 -6.13
N PRO D 15 12.15 -19.24 -5.18
CA PRO D 15 13.53 -19.57 -5.57
C PRO D 15 13.66 -20.77 -6.52
N LYS D 16 12.63 -21.60 -6.63
CA LYS D 16 12.63 -22.74 -7.54
C LYS D 16 12.06 -22.41 -8.93
N SER D 17 11.54 -21.17 -9.13
CA SER D 17 10.93 -20.76 -10.38
C SER D 17 11.94 -20.32 -11.44
N GLU D 18 11.66 -20.63 -12.70
CA GLU D 18 12.51 -20.21 -13.81
C GLU D 18 12.29 -18.73 -14.21
N VAL D 19 11.20 -18.10 -13.69
CA VAL D 19 10.85 -16.68 -13.90
C VAL D 19 11.14 -15.83 -12.64
N ASN D 20 12.00 -16.32 -11.74
CA ASN D 20 12.43 -15.64 -10.51
C ASN D 20 13.18 -14.33 -10.86
N SER D 21 13.28 -13.39 -9.91
CA SER D 21 14.04 -12.14 -10.15
C SER D 21 15.48 -12.38 -10.62
N ASP D 22 16.17 -13.38 -10.03
CA ASP D 22 17.55 -13.73 -10.39
C ASP D 22 17.64 -14.27 -11.80
N CYS D 23 16.65 -15.05 -12.23
CA CYS D 23 16.60 -15.60 -13.58
C CYS D 23 16.33 -14.51 -14.59
N LEU D 24 15.44 -13.56 -14.26
CA LEU D 24 15.10 -12.47 -15.15
C LEU D 24 16.29 -11.51 -15.31
N LEU D 25 17.06 -11.28 -14.24
CA LEU D 25 18.26 -10.45 -14.33
C LEU D 25 19.34 -11.15 -15.18
N ASP D 26 19.42 -12.48 -15.06
CA ASP D 26 20.35 -13.30 -15.83
C ASP D 26 20.07 -13.20 -17.32
N GLY D 27 18.79 -13.14 -17.69
CA GLY D 27 18.38 -13.01 -19.09
C GLY D 27 18.85 -11.70 -19.69
N LEU D 28 18.69 -10.61 -18.93
CA LEU D 28 19.12 -9.28 -19.38
C LEU D 28 20.65 -9.26 -19.46
N ASP D 29 21.33 -9.81 -18.44
CA ASP D 29 22.78 -9.88 -18.41
C ASP D 29 23.34 -10.66 -19.62
N ALA D 30 22.76 -11.83 -19.91
CA ALA D 30 23.15 -12.68 -21.02
C ALA D 30 22.92 -11.98 -22.35
N LEU D 31 21.79 -11.29 -22.47
CA LEU D 31 21.43 -10.56 -23.69
C LEU D 31 22.45 -9.47 -23.99
N VAL D 32 22.81 -8.66 -23.00
CA VAL D 32 23.82 -7.61 -23.17
C VAL D 32 25.20 -8.20 -23.56
N TYR D 33 25.66 -9.27 -22.89
CA TYR D 33 26.94 -9.88 -23.22
C TYR D 33 26.95 -10.42 -24.67
N ASP D 34 25.85 -11.05 -25.10
CA ASP D 34 25.73 -11.67 -26.41
C ASP D 34 25.47 -10.72 -27.58
N LEU D 35 25.00 -9.50 -27.32
CA LEU D 35 24.72 -8.53 -28.36
C LEU D 35 25.85 -7.52 -28.52
N ASP D 36 26.59 -7.22 -27.44
CA ASP D 36 27.63 -6.19 -27.44
C ASP D 36 28.91 -6.60 -28.15
N PHE D 37 28.85 -6.57 -29.49
CA PHE D 37 29.93 -6.83 -30.43
C PHE D 37 29.78 -5.84 -31.60
N PRO D 38 30.90 -5.32 -32.14
CA PRO D 38 30.81 -4.31 -33.22
C PRO D 38 29.96 -4.68 -34.44
N ALA D 39 30.04 -5.92 -34.95
CA ALA D 39 29.25 -6.33 -36.11
C ALA D 39 27.74 -6.36 -35.83
N LEU D 40 27.36 -6.63 -34.57
CA LEU D 40 25.96 -6.67 -34.17
C LEU D 40 25.40 -5.28 -33.92
N ARG D 41 26.25 -4.34 -33.43
CA ARG D 41 25.84 -2.95 -33.20
C ARG D 41 25.51 -2.20 -34.50
N LYS D 42 25.88 -2.75 -35.67
CA LYS D 42 25.51 -2.16 -36.95
C LYS D 42 23.95 -2.17 -37.10
N ASN D 43 23.26 -3.11 -36.41
CA ASN D 43 21.82 -3.19 -36.37
C ASN D 43 21.35 -2.17 -35.35
N LYS D 44 20.53 -1.21 -35.81
CA LYS D 44 19.98 -0.11 -35.01
C LYS D 44 19.21 -0.54 -33.77
N ASN D 45 18.39 -1.62 -33.88
CA ASN D 45 17.63 -2.15 -32.75
C ASN D 45 18.56 -2.60 -31.63
N ILE D 46 19.65 -3.30 -32.00
CA ILE D 46 20.63 -3.80 -31.06
C ILE D 46 21.46 -2.67 -30.46
N ASP D 47 21.98 -1.79 -31.31
CA ASP D 47 22.78 -0.64 -30.88
C ASP D 47 22.02 0.25 -29.92
N ASN D 48 20.73 0.53 -30.21
CA ASN D 48 19.92 1.37 -29.34
C ASN D 48 19.61 0.71 -28.01
N PHE D 49 19.37 -0.60 -28.02
CA PHE D 49 19.05 -1.33 -26.79
C PHE D 49 20.23 -1.30 -25.83
N LEU D 50 21.44 -1.53 -26.37
CA LEU D 50 22.67 -1.54 -25.58
C LEU D 50 22.96 -0.17 -25.00
N SER D 51 22.74 0.89 -25.78
CA SER D 51 22.97 2.25 -25.30
C SER D 51 21.98 2.60 -24.20
N ARG D 52 20.73 2.17 -24.34
CA ARG D 52 19.67 2.42 -23.36
C ARG D 52 19.91 1.64 -22.05
N TYR D 53 20.43 0.41 -22.15
CA TYR D 53 20.64 -0.42 -20.96
C TYR D 53 22.07 -0.45 -20.43
N LYS D 54 22.98 0.34 -21.02
CA LYS D 54 24.40 0.38 -20.63
C LYS D 54 24.65 0.71 -19.15
N ASP D 55 24.07 1.82 -18.67
CA ASP D 55 24.28 2.24 -17.29
C ASP D 55 23.66 1.28 -16.30
N THR D 56 22.41 0.84 -16.56
CA THR D 56 21.75 -0.05 -15.61
C THR D 56 22.42 -1.43 -15.56
N ILE D 57 22.91 -1.98 -16.69
CA ILE D 57 23.57 -3.29 -16.66
C ILE D 57 24.91 -3.22 -15.89
N ASN D 58 25.64 -2.10 -16.00
CA ASN D 58 26.90 -1.89 -15.29
C ASN D 58 26.66 -1.79 -13.78
N LYS D 59 25.56 -1.13 -13.40
CA LYS D 59 25.16 -0.94 -12.01
C LYS D 59 24.72 -2.28 -11.40
N ILE D 60 23.93 -3.06 -12.16
CA ILE D 60 23.43 -4.38 -11.75
C ILE D 60 24.59 -5.34 -11.51
N ARG D 61 25.55 -5.40 -12.44
CA ARG D 61 26.70 -6.28 -12.30
C ARG D 61 27.50 -5.98 -11.05
N ASP D 62 27.60 -4.69 -10.69
CA ASP D 62 28.32 -4.28 -9.50
C ASP D 62 27.59 -4.63 -8.20
N LEU D 63 26.26 -4.48 -8.17
CA LEU D 63 25.48 -4.79 -6.98
C LEU D 63 25.39 -6.30 -6.76
N ARG D 64 25.24 -7.06 -7.85
CA ARG D 64 25.13 -8.51 -7.75
C ARG D 64 26.44 -9.18 -7.30
N MET D 65 26.34 -10.42 -6.77
CA MET D 65 27.49 -11.18 -6.33
C MET D 65 28.43 -11.46 -7.49
N LYS D 66 29.72 -11.17 -7.26
CA LYS D 66 30.81 -11.28 -8.23
C LYS D 66 31.98 -12.10 -7.63
N ALA D 67 32.86 -12.64 -8.50
CA ALA D 67 34.05 -13.35 -8.04
C ALA D 67 34.94 -12.47 -7.15
N GLU D 68 34.96 -11.15 -7.43
CA GLU D 68 35.72 -10.13 -6.70
C GLU D 68 35.38 -10.09 -5.21
N ASP D 69 34.15 -10.48 -4.84
CA ASP D 69 33.72 -10.52 -3.44
C ASP D 69 34.44 -11.60 -2.61
N TYR D 70 35.21 -12.50 -3.26
CA TYR D 70 35.90 -13.57 -2.56
C TYR D 70 37.39 -13.56 -2.83
N GLU D 71 38.18 -13.94 -1.81
CA GLU D 71 39.64 -14.01 -1.90
C GLU D 71 40.05 -15.50 -1.95
N VAL D 72 40.73 -15.93 -3.03
CA VAL D 72 41.15 -17.32 -3.19
C VAL D 72 42.28 -17.68 -2.22
N VAL D 73 42.00 -18.61 -1.31
CA VAL D 73 42.99 -19.07 -0.33
C VAL D 73 43.81 -20.24 -0.89
N LYS D 74 43.13 -21.29 -1.37
CA LYS D 74 43.80 -22.48 -1.91
C LYS D 74 42.95 -23.16 -2.98
N VAL D 75 43.52 -24.07 -3.77
CA VAL D 75 42.76 -24.84 -4.73
C VAL D 75 42.71 -26.25 -4.15
N ILE D 76 41.51 -26.76 -3.85
CA ILE D 76 41.37 -28.10 -3.24
C ILE D 76 40.80 -29.18 -4.18
N GLY D 77 40.52 -28.83 -5.43
CA GLY D 77 39.98 -29.76 -6.40
C GLY D 77 40.14 -29.22 -7.80
N ARG D 78 40.31 -30.09 -8.79
CA ARG D 78 40.47 -29.66 -10.18
C ARG D 78 39.90 -30.71 -11.12
N GLY D 79 39.25 -30.26 -12.18
CA GLY D 79 38.64 -31.13 -13.17
C GLY D 79 38.74 -30.59 -14.57
N ALA D 80 38.11 -31.31 -15.51
CA ALA D 80 38.11 -30.92 -16.93
C ALA D 80 37.42 -29.57 -17.15
N PHE D 81 36.30 -29.34 -16.45
CA PHE D 81 35.54 -28.13 -16.65
C PHE D 81 35.81 -27.01 -15.66
N GLY D 82 36.78 -27.17 -14.76
CA GLY D 82 37.10 -26.12 -13.81
C GLY D 82 37.85 -26.58 -12.58
N GLU D 83 37.58 -25.92 -11.44
CA GLU D 83 38.27 -26.24 -10.19
C GLU D 83 37.44 -25.85 -8.96
N VAL D 84 37.80 -26.39 -7.80
CA VAL D 84 37.14 -26.08 -6.53
C VAL D 84 38.18 -25.39 -5.66
N GLN D 85 37.90 -24.16 -5.22
CA GLN D 85 38.85 -23.41 -4.42
C GLN D 85 38.31 -22.97 -3.08
N LEU D 86 39.16 -23.05 -2.06
CA LEU D 86 38.82 -22.61 -0.73
C LEU D 86 38.88 -21.09 -0.78
N VAL D 87 37.75 -20.42 -0.54
CA VAL D 87 37.67 -18.98 -0.61
C VAL D 87 37.24 -18.34 0.72
N ARG D 88 37.50 -17.05 0.87
CA ARG D 88 37.08 -16.30 2.04
C ARG D 88 36.30 -15.10 1.54
N HIS D 89 35.06 -14.90 2.03
CA HIS D 89 34.27 -13.73 1.63
C HIS D 89 34.94 -12.49 2.22
N LYS D 90 35.32 -11.54 1.38
CA LYS D 90 36.05 -10.36 1.85
C LYS D 90 35.33 -9.56 2.96
N SER D 91 34.02 -9.37 2.81
CA SER D 91 33.23 -8.64 3.80
C SER D 91 32.97 -9.43 5.11
N THR D 92 32.27 -10.57 5.04
CA THR D 92 31.93 -11.33 6.25
C THR D 92 33.08 -12.11 6.86
N ARG D 93 34.19 -12.32 6.12
CA ARG D 93 35.35 -13.08 6.61
C ARG D 93 35.06 -14.59 6.75
N LYS D 94 33.94 -15.09 6.20
CA LYS D 94 33.58 -16.50 6.27
C LYS D 94 34.26 -17.31 5.17
N VAL D 95 34.72 -18.52 5.50
CA VAL D 95 35.39 -19.42 4.57
C VAL D 95 34.37 -20.37 3.92
N TYR D 96 34.50 -20.60 2.61
CA TYR D 96 33.61 -21.47 1.84
C TYR D 96 34.40 -22.29 0.80
N ALA D 97 33.74 -23.27 0.17
CA ALA D 97 34.33 -24.05 -0.91
C ALA D 97 33.61 -23.56 -2.18
N MET D 98 34.34 -22.99 -3.15
CA MET D 98 33.73 -22.44 -4.36
C MET D 98 34.12 -23.21 -5.60
N LYS D 99 33.14 -23.78 -6.30
CA LYS D 99 33.38 -24.50 -7.53
C LYS D 99 33.24 -23.54 -8.70
N LEU D 100 34.18 -23.58 -9.63
CA LEU D 100 34.18 -22.74 -10.83
C LEU D 100 34.02 -23.63 -12.03
N LEU D 101 33.07 -23.30 -12.91
CA LEU D 101 32.87 -24.07 -14.14
C LEU D 101 33.13 -23.13 -15.33
N SER D 102 34.09 -23.49 -16.17
CA SER D 102 34.48 -22.72 -17.36
C SER D 102 33.40 -22.77 -18.42
N LYS D 103 32.77 -21.62 -18.68
CA LYS D 103 31.74 -21.55 -19.71
C LYS D 103 32.33 -21.87 -21.08
N PHE D 104 33.58 -21.41 -21.35
CA PHE D 104 34.30 -21.69 -22.59
C PHE D 104 34.45 -23.20 -22.82
N GLU D 105 34.90 -23.95 -21.81
CA GLU D 105 35.07 -25.41 -21.93
C GLU D 105 33.75 -26.13 -22.07
N MET D 106 32.69 -25.62 -21.44
CA MET D 106 31.37 -26.24 -21.52
C MET D 106 30.76 -26.03 -22.90
N ILE D 107 30.95 -24.85 -23.50
CA ILE D 107 30.46 -24.57 -24.84
C ILE D 107 31.31 -25.38 -25.86
N LYS D 108 32.64 -25.40 -25.65
CA LYS D 108 33.61 -26.14 -26.49
C LYS D 108 33.34 -27.64 -26.51
N ARG D 109 32.97 -28.23 -25.36
CA ARG D 109 32.69 -29.66 -25.29
C ARG D 109 31.25 -29.93 -24.85
N PHE D 115 24.90 -29.98 -14.85
CA PHE D 115 25.23 -29.03 -13.78
C PHE D 115 24.00 -28.47 -13.06
N TRP D 116 22.85 -28.45 -13.74
CA TRP D 116 21.57 -28.00 -13.19
C TRP D 116 21.14 -28.85 -12.00
N GLU D 117 21.28 -30.20 -12.09
CA GLU D 117 20.92 -31.10 -10.99
C GLU D 117 21.84 -30.88 -9.80
N GLU D 118 23.14 -30.65 -10.05
CA GLU D 118 24.12 -30.38 -9.01
C GLU D 118 23.72 -29.14 -8.20
N ARG D 119 23.32 -28.06 -8.92
CA ARG D 119 22.87 -26.80 -8.34
C ARG D 119 21.59 -26.98 -7.52
N ASP D 120 20.57 -27.65 -8.09
CA ASP D 120 19.29 -27.84 -7.43
C ASP D 120 19.35 -28.73 -6.21
N ILE D 121 20.13 -29.81 -6.27
CA ILE D 121 20.27 -30.73 -5.15
C ILE D 121 20.91 -30.02 -3.97
N MET D 122 22.05 -29.34 -4.19
CA MET D 122 22.73 -28.64 -3.12
C MET D 122 21.99 -27.43 -2.60
N ALA D 123 21.21 -26.75 -3.45
CA ALA D 123 20.48 -25.56 -3.00
C ALA D 123 19.23 -25.92 -2.22
N PHE D 124 18.51 -26.96 -2.63
CA PHE D 124 17.21 -27.26 -2.05
C PHE D 124 17.08 -28.54 -1.24
N ALA D 125 18.16 -29.33 -1.07
CA ALA D 125 18.06 -30.58 -0.31
C ALA D 125 17.66 -30.32 1.13
N ASN D 126 18.25 -29.27 1.75
CA ASN D 126 18.04 -28.88 3.15
C ASN D 126 18.16 -30.10 4.07
N SER D 127 19.26 -30.84 3.89
CA SER D 127 19.48 -32.11 4.57
C SER D 127 20.87 -32.16 5.18
N PRO D 128 20.99 -32.78 6.37
CA PRO D 128 22.32 -32.93 6.98
C PRO D 128 23.27 -33.80 6.15
N TRP D 129 22.75 -34.68 5.28
CA TRP D 129 23.58 -35.58 4.48
C TRP D 129 23.98 -35.06 3.11
N VAL D 130 23.63 -33.81 2.77
CA VAL D 130 23.97 -33.21 1.47
C VAL D 130 24.72 -31.89 1.68
N VAL D 131 25.79 -31.65 0.89
CA VAL D 131 26.54 -30.41 0.96
C VAL D 131 25.64 -29.26 0.52
N GLN D 132 25.60 -28.17 1.30
CA GLN D 132 24.73 -27.04 1.01
C GLN D 132 25.37 -25.98 0.16
N LEU D 133 24.60 -25.49 -0.82
CA LEU D 133 24.97 -24.40 -1.73
C LEU D 133 24.31 -23.14 -1.18
N PHE D 134 25.09 -22.14 -0.82
CA PHE D 134 24.56 -20.89 -0.30
C PHE D 134 24.28 -19.93 -1.44
N TYR D 135 25.23 -19.77 -2.36
CA TYR D 135 25.06 -18.85 -3.49
C TYR D 135 25.52 -19.47 -4.79
N ALA D 136 24.89 -19.09 -5.88
CA ALA D 136 25.27 -19.50 -7.22
C ALA D 136 25.25 -18.23 -8.06
N PHE D 137 26.30 -17.95 -8.80
CA PHE D 137 26.38 -16.74 -9.62
C PHE D 137 27.24 -16.96 -10.88
N GLN D 138 27.39 -15.95 -11.76
CA GLN D 138 28.15 -16.11 -12.99
C GLN D 138 28.62 -14.79 -13.61
N ASP D 139 29.58 -14.87 -14.54
CA ASP D 139 30.09 -13.74 -15.31
C ASP D 139 30.12 -14.12 -16.83
N ASP D 140 30.88 -13.40 -17.67
CA ASP D 140 30.99 -13.73 -19.09
C ASP D 140 31.89 -14.97 -19.35
N ARG D 141 32.55 -15.52 -18.31
CA ARG D 141 33.48 -16.64 -18.44
C ARG D 141 33.24 -17.85 -17.53
N TYR D 142 32.75 -17.66 -16.29
CA TYR D 142 32.58 -18.80 -15.37
C TYR D 142 31.24 -18.84 -14.61
N LEU D 143 30.88 -20.04 -14.16
CA LEU D 143 29.76 -20.30 -13.25
C LEU D 143 30.40 -20.52 -11.87
N TYR D 144 29.75 -20.08 -10.80
CA TYR D 144 30.30 -20.19 -9.46
C TYR D 144 29.27 -20.79 -8.54
N MET D 145 29.69 -21.72 -7.68
CA MET D 145 28.79 -22.37 -6.73
C MET D 145 29.39 -22.34 -5.31
N VAL D 146 29.04 -21.33 -4.51
CA VAL D 146 29.53 -21.19 -3.14
C VAL D 146 28.87 -22.23 -2.20
N MET D 147 29.64 -23.20 -1.72
CA MET D 147 29.17 -24.28 -0.84
C MET D 147 29.82 -24.23 0.55
N GLU D 148 29.25 -24.95 1.53
CA GLU D 148 29.86 -25.05 2.84
C GLU D 148 31.16 -25.86 2.71
N TYR D 149 32.21 -25.41 3.41
CA TYR D 149 33.48 -26.09 3.37
C TYR D 149 33.39 -27.39 4.21
N MET D 150 33.91 -28.52 3.67
CA MET D 150 33.94 -29.84 4.32
C MET D 150 35.40 -30.14 4.62
N PRO D 151 35.90 -29.71 5.78
CA PRO D 151 37.35 -29.83 6.07
C PRO D 151 37.91 -31.23 6.31
N GLY D 152 37.04 -32.22 6.50
CA GLY D 152 37.47 -33.59 6.71
C GLY D 152 37.91 -34.34 5.47
N GLY D 153 37.99 -33.64 4.33
CA GLY D 153 38.39 -34.23 3.06
C GLY D 153 37.39 -35.23 2.52
N ASP D 154 37.84 -36.15 1.66
CA ASP D 154 36.94 -37.17 1.12
C ASP D 154 37.29 -38.59 1.61
N LEU D 155 36.37 -39.56 1.38
CA LEU D 155 36.59 -40.94 1.79
C LEU D 155 37.75 -41.61 1.05
N VAL D 156 38.17 -41.08 -0.12
CA VAL D 156 39.35 -41.60 -0.83
C VAL D 156 40.59 -41.39 0.06
N ASN D 157 40.71 -40.18 0.61
CA ASN D 157 41.79 -39.81 1.49
C ASN D 157 41.77 -40.65 2.77
N LEU D 158 40.59 -40.82 3.39
CA LEU D 158 40.44 -41.60 4.62
C LEU D 158 40.85 -43.07 4.42
N MET D 159 40.39 -43.67 3.32
CA MET D 159 40.71 -45.07 3.04
C MET D 159 42.19 -45.33 2.80
N SER D 160 42.92 -44.32 2.30
CA SER D 160 44.35 -44.49 2.08
C SER D 160 45.15 -44.26 3.38
N ASN D 161 44.65 -43.40 4.28
CA ASN D 161 45.30 -43.15 5.55
C ASN D 161 44.94 -44.17 6.63
N TYR D 162 43.87 -44.94 6.44
CA TYR D 162 43.43 -45.89 7.46
C TYR D 162 42.92 -47.24 6.98
N ASP D 163 43.28 -48.30 7.72
CA ASP D 163 42.75 -49.63 7.49
C ASP D 163 41.42 -49.54 8.22
N VAL D 164 40.32 -49.65 7.47
CA VAL D 164 38.99 -49.44 8.02
C VAL D 164 38.39 -50.68 8.69
N PRO D 165 38.27 -50.66 10.02
CA PRO D 165 37.62 -51.78 10.71
C PRO D 165 36.11 -51.77 10.48
N GLU D 166 35.47 -52.89 10.76
CA GLU D 166 34.04 -53.09 10.58
C GLU D 166 33.15 -52.06 11.27
N LYS D 167 33.56 -51.60 12.46
CA LYS D 167 32.82 -50.59 13.20
C LYS D 167 32.75 -49.27 12.39
N TRP D 168 33.86 -48.90 11.74
CA TRP D 168 33.94 -47.70 10.92
C TRP D 168 33.17 -47.91 9.62
N ALA D 169 33.35 -49.10 9.00
CA ALA D 169 32.71 -49.54 7.77
C ALA D 169 31.19 -49.53 7.88
N ARG D 170 30.66 -49.81 9.06
CA ARG D 170 29.24 -49.81 9.34
C ARG D 170 28.74 -48.37 9.40
N PHE D 171 29.48 -47.48 10.10
CA PHE D 171 29.18 -46.06 10.26
C PHE D 171 29.14 -45.32 8.91
N TYR D 172 30.20 -45.45 8.09
CA TYR D 172 30.26 -44.75 6.81
C TYR D 172 29.22 -45.27 5.83
N THR D 173 29.03 -46.60 5.77
CA THR D 173 28.02 -47.19 4.88
C THR D 173 26.62 -46.72 5.27
N ALA D 174 26.32 -46.71 6.57
CA ALA D 174 25.02 -46.25 7.07
C ALA D 174 24.76 -44.78 6.71
N GLU D 175 25.79 -43.92 6.78
CA GLU D 175 25.61 -42.51 6.42
C GLU D 175 25.42 -42.32 4.91
N VAL D 176 26.10 -43.14 4.09
CA VAL D 176 25.95 -43.13 2.63
C VAL D 176 24.54 -43.62 2.24
N VAL D 177 23.98 -44.58 3.01
CA VAL D 177 22.63 -45.09 2.79
C VAL D 177 21.61 -43.98 3.04
N LEU D 178 21.76 -43.24 4.16
CA LEU D 178 20.86 -42.14 4.48
C LEU D 178 20.99 -40.96 3.53
N ALA D 179 22.23 -40.70 3.04
CA ALA D 179 22.50 -39.62 2.10
C ALA D 179 21.89 -39.92 0.74
N LEU D 180 21.92 -41.19 0.30
CA LEU D 180 21.34 -41.60 -0.97
C LEU D 180 19.83 -41.64 -0.89
N ASP D 181 19.27 -42.04 0.26
CA ASP D 181 17.83 -42.08 0.44
C ASP D 181 17.21 -40.70 0.32
N ALA D 182 17.87 -39.67 0.87
CA ALA D 182 17.36 -38.30 0.80
C ALA D 182 17.38 -37.81 -0.66
N ILE D 183 18.46 -38.09 -1.39
CA ILE D 183 18.61 -37.71 -2.80
C ILE D 183 17.59 -38.44 -3.68
N HIS D 184 17.30 -39.71 -3.36
CA HIS D 184 16.33 -40.51 -4.10
C HIS D 184 14.90 -40.05 -3.79
N SER D 185 14.64 -39.60 -2.55
CA SER D 185 13.32 -39.09 -2.13
C SER D 185 13.00 -37.75 -2.81
N MET D 186 14.04 -36.94 -3.06
CA MET D 186 13.96 -35.65 -3.73
C MET D 186 13.44 -35.78 -5.17
N GLY D 187 13.76 -36.90 -5.81
CA GLY D 187 13.40 -37.18 -7.19
C GLY D 187 14.63 -37.11 -8.10
N PHE D 188 15.81 -37.40 -7.54
CA PHE D 188 17.05 -37.35 -8.30
C PHE D 188 17.83 -38.66 -8.18
N ILE D 189 18.56 -39.04 -9.24
CA ILE D 189 19.41 -40.23 -9.28
C ILE D 189 20.83 -39.79 -9.67
N HIS D 190 21.85 -40.21 -8.90
CA HIS D 190 23.22 -39.77 -9.16
C HIS D 190 23.97 -40.54 -10.24
N ARG D 191 23.93 -41.89 -10.21
CA ARG D 191 24.60 -42.80 -11.15
C ARG D 191 26.14 -42.68 -11.15
N ASP D 192 26.72 -41.98 -10.17
CA ASP D 192 28.18 -41.80 -10.11
C ASP D 192 28.70 -41.85 -8.66
N VAL D 193 28.02 -42.61 -7.79
CA VAL D 193 28.40 -42.74 -6.37
C VAL D 193 29.80 -43.35 -6.21
N LYS D 194 30.69 -42.65 -5.50
CA LYS D 194 32.07 -43.09 -5.29
C LYS D 194 32.66 -42.35 -4.07
N PRO D 195 33.75 -42.87 -3.47
CA PRO D 195 34.32 -42.19 -2.28
C PRO D 195 34.74 -40.74 -2.48
N ASP D 196 34.99 -40.34 -3.74
CA ASP D 196 35.34 -38.98 -4.11
C ASP D 196 34.20 -38.00 -3.79
N ASN D 197 32.95 -38.48 -3.90
CA ASN D 197 31.75 -37.68 -3.61
C ASN D 197 31.35 -37.64 -2.14
N MET D 198 32.00 -38.43 -1.30
CA MET D 198 31.68 -38.51 0.12
C MET D 198 32.62 -37.61 0.87
N LEU D 199 32.10 -36.50 1.39
CA LEU D 199 32.94 -35.55 2.12
C LEU D 199 32.60 -35.55 3.61
N LEU D 200 33.59 -35.27 4.44
CA LEU D 200 33.41 -35.24 5.88
C LEU D 200 33.47 -33.81 6.38
N ASP D 201 32.56 -33.44 7.30
CA ASP D 201 32.52 -32.09 7.85
C ASP D 201 33.51 -31.92 9.03
N LYS D 202 33.43 -30.81 9.80
CA LYS D 202 34.31 -30.57 10.94
C LYS D 202 34.13 -31.61 12.06
N SER D 203 32.96 -32.26 12.13
CA SER D 203 32.69 -33.32 13.11
C SER D 203 33.04 -34.74 12.62
N GLY D 204 33.39 -34.88 11.35
CA GLY D 204 33.71 -36.18 10.77
C GLY D 204 32.51 -36.93 10.23
N HIS D 205 31.37 -36.25 10.08
CA HIS D 205 30.16 -36.86 9.53
C HIS D 205 30.09 -36.65 8.01
N LEU D 206 29.45 -37.59 7.31
CA LEU D 206 29.35 -37.67 5.85
C LEU D 206 28.22 -36.90 5.14
N LYS D 207 28.60 -36.10 4.14
CA LYS D 207 27.67 -35.40 3.23
C LYS D 207 28.08 -35.72 1.79
N LEU D 208 27.11 -35.71 0.87
CA LEU D 208 27.34 -36.04 -0.54
C LEU D 208 27.45 -34.83 -1.45
N ALA D 209 28.54 -34.72 -2.21
CA ALA D 209 28.72 -33.61 -3.16
C ALA D 209 28.51 -34.11 -4.58
N ARG D 251 17.29 -46.39 -9.52
CA ARG D 251 17.75 -46.35 -8.13
C ARG D 251 18.73 -47.48 -7.80
N GLU D 252 18.63 -48.62 -8.50
CA GLU D 252 19.49 -49.78 -8.27
C GLU D 252 20.97 -49.55 -8.65
N CYS D 253 21.23 -48.53 -9.48
CA CYS D 253 22.58 -48.20 -9.91
C CYS D 253 23.40 -47.59 -8.77
N ASP D 254 22.76 -46.76 -7.94
CA ASP D 254 23.41 -46.11 -6.81
C ASP D 254 23.72 -47.12 -5.70
N TRP D 255 22.85 -48.12 -5.52
CA TRP D 255 23.05 -49.15 -4.50
C TRP D 255 24.17 -50.13 -4.86
N TRP D 256 24.46 -50.30 -6.16
CA TRP D 256 25.58 -51.14 -6.61
C TRP D 256 26.88 -50.47 -6.13
N SER D 257 26.99 -49.14 -6.30
CA SER D 257 28.15 -48.35 -5.89
C SER D 257 28.41 -48.46 -4.38
N VAL D 258 27.35 -48.62 -3.57
CA VAL D 258 27.47 -48.80 -2.13
C VAL D 258 28.16 -50.14 -1.82
N GLY D 259 27.79 -51.18 -2.54
CA GLY D 259 28.40 -52.50 -2.38
C GLY D 259 29.88 -52.49 -2.71
N VAL D 260 30.26 -51.76 -3.77
CA VAL D 260 31.66 -51.61 -4.20
C VAL D 260 32.46 -50.87 -3.12
N PHE D 261 31.86 -49.80 -2.59
CA PHE D 261 32.44 -48.97 -1.55
C PHE D 261 32.67 -49.76 -0.25
N LEU D 262 31.68 -50.54 0.18
CA LEU D 262 31.80 -51.36 1.40
C LEU D 262 32.92 -52.39 1.22
N TYR D 263 33.02 -53.00 0.03
CA TYR D 263 34.07 -53.98 -0.27
C TYR D 263 35.44 -53.31 -0.23
N GLU D 264 35.58 -52.14 -0.87
CA GLU D 264 36.83 -51.40 -0.87
C GLU D 264 37.30 -51.07 0.55
N MET D 265 36.38 -50.98 1.53
CA MET D 265 36.75 -50.78 2.93
C MET D 265 37.30 -52.06 3.54
N ALA D 338 21.86 -46.52 16.45
CA ALA D 338 20.53 -46.40 15.89
C ALA D 338 20.52 -45.53 14.63
N TRP D 339 19.52 -45.73 13.76
CA TRP D 339 19.38 -44.97 12.53
C TRP D 339 18.95 -43.52 12.77
N GLU D 340 18.07 -43.28 13.74
CA GLU D 340 17.59 -41.93 14.03
C GLU D 340 18.61 -41.06 14.78
N THR D 341 19.57 -41.67 15.48
CA THR D 341 20.59 -40.92 16.22
C THR D 341 22.01 -41.07 15.66
N LEU D 342 22.16 -41.65 14.45
CA LEU D 342 23.45 -41.88 13.80
C LEU D 342 24.25 -40.60 13.62
N ARG D 343 23.61 -39.52 13.15
CA ARG D 343 24.29 -38.24 12.96
C ARG D 343 24.69 -37.56 14.30
N ASP D 344 24.07 -37.97 15.41
CA ASP D 344 24.34 -37.43 16.75
C ASP D 344 25.52 -38.13 17.46
N THR D 345 25.96 -39.30 16.98
CA THR D 345 27.06 -40.01 17.59
C THR D 345 28.42 -39.45 17.17
N VAL D 346 29.46 -39.74 17.95
CA VAL D 346 30.81 -39.31 17.63
C VAL D 346 31.30 -40.15 16.47
N ALA D 347 31.73 -39.49 15.40
CA ALA D 347 32.24 -40.16 14.21
C ALA D 347 33.61 -40.76 14.51
N PRO D 348 34.00 -41.87 13.85
CA PRO D 348 35.36 -42.39 14.02
C PRO D 348 36.26 -41.51 13.15
N VAL D 349 37.22 -40.80 13.76
CA VAL D 349 38.13 -39.82 13.15
C VAL D 349 37.45 -38.46 13.10
N VAL D 350 37.89 -37.56 13.97
CA VAL D 350 37.38 -36.20 14.02
C VAL D 350 38.49 -35.27 13.55
N PRO D 351 38.29 -34.60 12.41
CA PRO D 351 39.36 -33.75 11.87
C PRO D 351 39.87 -32.66 12.81
N ASP D 352 41.09 -32.83 13.32
CA ASP D 352 41.71 -31.84 14.20
C ASP D 352 42.30 -30.76 13.32
N LEU D 353 41.58 -29.64 13.20
CA LEU D 353 41.90 -28.53 12.32
C LEU D 353 42.70 -27.40 12.97
N SER D 354 43.83 -27.06 12.36
CA SER D 354 44.71 -26.01 12.85
C SER D 354 44.09 -24.62 12.71
N SER D 355 43.35 -24.38 11.62
CA SER D 355 42.73 -23.09 11.38
C SER D 355 41.50 -23.22 10.44
N ASP D 356 40.78 -22.11 10.23
CA ASP D 356 39.65 -21.90 9.32
C ASP D 356 39.96 -22.36 7.88
N ILE D 357 41.23 -22.25 7.50
CA ILE D 357 41.69 -22.56 6.15
C ILE D 357 42.59 -23.80 6.07
N ASP D 358 42.50 -24.69 7.09
CA ASP D 358 43.23 -25.95 7.12
C ASP D 358 42.70 -26.83 5.99
N THR D 359 43.58 -27.24 5.08
CA THR D 359 43.27 -28.13 3.97
C THR D 359 44.19 -29.36 4.01
N SER D 360 44.64 -29.78 5.21
CA SER D 360 45.50 -30.95 5.35
C SER D 360 44.83 -32.25 4.88
N ASN D 361 43.49 -32.28 4.84
CA ASN D 361 42.76 -33.46 4.36
C ASN D 361 42.52 -33.42 2.84
N PHE D 362 43.29 -32.59 2.09
CA PHE D 362 43.19 -32.46 0.64
C PHE D 362 44.57 -32.49 -0.02
N PHE D 381 24.77 -13.02 -34.12
CA PHE D 381 24.35 -13.46 -32.78
C PHE D 381 24.46 -14.98 -32.68
N VAL D 382 25.18 -15.47 -31.66
CA VAL D 382 25.38 -16.91 -31.43
C VAL D 382 24.69 -17.39 -30.13
N GLY D 383 24.59 -16.49 -29.15
CA GLY D 383 23.94 -16.82 -27.88
C GLY D 383 24.71 -17.74 -26.95
N ASN D 384 26.01 -17.49 -26.77
CA ASN D 384 26.83 -18.32 -25.89
C ASN D 384 26.42 -18.27 -24.42
N GLN D 385 25.75 -17.18 -24.00
CA GLN D 385 25.30 -17.03 -22.63
C GLN D 385 23.93 -17.66 -22.33
N LEU D 386 23.17 -18.00 -23.38
CA LEU D 386 21.84 -18.59 -23.25
C LEU D 386 21.77 -19.89 -22.42
N PRO D 387 22.70 -20.87 -22.55
CA PRO D 387 22.59 -22.09 -21.72
C PRO D 387 22.68 -21.85 -20.21
N PHE D 388 23.14 -20.66 -19.79
CA PHE D 388 23.37 -20.39 -18.37
C PHE D 388 22.38 -19.43 -17.71
N VAL D 389 21.34 -19.01 -18.43
CA VAL D 389 20.32 -18.12 -17.88
C VAL D 389 19.50 -18.90 -16.86
N GLY D 390 19.42 -18.36 -15.64
CA GLY D 390 18.69 -19.00 -14.55
C GLY D 390 19.58 -19.70 -13.53
N PHE D 391 20.91 -19.60 -13.69
CA PHE D 391 21.84 -20.26 -12.79
C PHE D 391 21.98 -19.55 -11.45
N THR D 392 21.90 -18.21 -11.46
CA THR D 392 22.06 -17.42 -10.25
C THR D 392 21.05 -17.82 -9.16
N TYR D 393 21.53 -17.93 -7.92
CA TYR D 393 20.75 -18.31 -6.76
C TYR D 393 21.27 -17.58 -5.52
N TYR D 394 20.38 -16.96 -4.76
CA TYR D 394 20.75 -16.28 -3.51
C TYR D 394 20.05 -16.90 -2.29
N SER D 395 20.58 -16.64 -1.10
CA SER D 395 19.96 -17.10 0.14
C SER D 395 20.43 -16.24 1.32
CL CL E . -23.59 30.79 -14.23
CL CL F . -19.16 19.74 -10.59
CL CL G . -20.09 4.36 44.55
C2 86G H . -32.93 20.33 6.35
C4 86G H . -31.71 22.14 5.18
C5 86G H . -31.71 23.53 5.07
C6 86G H . -30.70 24.17 4.41
C7 86G H . -29.63 23.46 3.85
C8 86G H . -28.50 24.20 3.17
N10 86G H . -27.29 25.87 2.37
C12 86G H . -27.36 23.65 2.65
C15 86G H . -34.20 19.95 7.11
C16 86G H . -33.81 19.75 8.54
C17 86G H . -33.80 18.46 9.10
C18 86G H . -33.38 18.30 10.44
C19 86G H . -32.97 19.40 11.17
C21 86G H . -33.47 20.85 9.30
C24 86G H . -35.69 16.30 10.79
O1 86G H . -32.06 19.51 6.24
N3 86G H . -32.83 21.58 5.86
C9 86G H . -28.42 25.60 2.98
N11 86G H . -26.60 24.66 2.16
C13 86G H . -29.67 22.04 3.91
C14 86G H . -30.68 21.40 4.61
C20 86G H . -33.00 20.66 10.59
C22 86G H . -33.35 16.93 11.06
O23 86G H . -34.59 16.61 11.68
H1 86G H . -32.51 24.11 5.51
H2 86G H . -30.70 25.25 4.38
H4 86G H . -27.11 22.60 2.64
H5 86G H . -34.60 19.02 6.69
H6 86G H . -34.95 20.73 7.03
H7 86G H . -34.08 17.61 8.52
H8 86G H . -32.69 19.28 12.21
H9 86G H . -33.44 21.82 8.86
H10 86G H . -36.00 17.20 10.25
H11 86G H . -35.38 15.54 10.08
H12 86G H . -36.52 15.93 11.37
H13 86G H . -33.58 22.18 6.01
H14 86G H . -29.15 26.34 3.28
H15 86G H . -28.86 21.45 3.51
H16 86G H . -30.69 20.32 4.66
H17 86G H . -32.73 21.52 11.19
H18 86G H . -32.55 16.90 11.81
H19 86G H . -33.13 16.20 10.28
C2 86G I . 10.51 -17.61 26.19
C4 86G I . 12.12 -17.96 24.38
C5 86G I . 12.55 -19.06 23.65
C6 86G I . 13.07 -18.91 22.38
C7 86G I . 13.13 -17.64 21.80
C8 86G I . 13.66 -17.51 20.40
N10 86G I . 14.53 -18.03 18.45
C12 86G I . 13.70 -16.36 19.66
C15 86G I . 10.00 -18.13 27.51
C16 86G I . 8.51 -18.01 27.59
C17 86G I . 7.95 -16.98 28.29
C18 86G I . 6.58 -16.84 28.36
C19 86G I . 5.75 -17.78 27.77
C21 86G I . 7.69 -18.95 26.97
C24 86G I . 5.84 -17.06 31.17
O1 86G I . 10.01 -16.60 25.70
N3 86G I . 11.57 -18.25 25.63
C9 86G I . 14.19 -18.55 19.60
N11 86G I . 14.24 -16.67 18.45
C13 86G I . 12.69 -16.53 22.52
C14 86G I . 12.16 -16.69 23.80
C20 86G I . 6.30 -18.83 27.06
C22 86G I . 5.99 -15.69 29.15
O23 86G I . 5.18 -16.21 30.22
H1 86G I . 12.49 -20.05 24.07
H2 86G I . 13.39 -19.78 21.84
H4 86G I . 13.37 -15.38 19.96
H5 86G I . 10.46 -17.56 28.32
H6 86G I . 10.28 -19.18 27.63
H7 86G I . 8.59 -16.24 28.76
H8 86G I . 4.67 -17.68 27.83
H9 86G I . 8.13 -19.78 26.43
H10 86G I . 5.81 -18.09 30.82
H11 86G I . 6.88 -16.74 31.28
H12 86G I . 5.34 -17.00 32.12
H13 86G I . 11.89 -19.05 26.08
H14 86G I . 14.30 -19.58 19.90
H15 86G I . 12.72 -15.55 22.10
H16 86G I . 11.82 -15.84 24.35
H17 86G I . 5.68 -19.57 26.59
H18 86G I . 5.37 -15.08 28.49
H19 86G I . 6.79 -15.07 29.57
C2 86G J . -4.43 10.38 -30.10
C4 86G J . -6.33 10.49 -28.52
C5 86G J . -7.71 10.36 -28.55
C6 86G J . -8.41 10.09 -27.41
C7 86G J . -7.75 9.90 -26.21
C8 86G J . -8.53 9.57 -24.98
N10 86G J . -10.26 9.28 -23.64
C12 86G J . -8.04 9.05 -23.82
C15 86G J . -3.91 10.71 -31.48
C16 86G J . -3.56 9.41 -32.17
C17 86G J . -2.24 9.03 -32.35
C18 86G J . -1.94 7.80 -32.90
C19 86G J . -2.96 6.94 -33.27
C21 86G J . -4.59 8.55 -32.52
C24 86G J . -0.21 8.91 -35.12
O1 86G J . -3.73 9.74 -29.33
N3 86G J . -5.70 10.76 -29.75
C9 86G J . -9.93 9.68 -24.83
N11 86G J . -9.09 8.88 -22.98
C13 86G J . -6.35 9.96 -26.17
C14 86G J . -5.66 10.25 -27.33
C20 86G J . -4.29 7.31 -33.05
C22 86G J . -0.51 7.42 -33.21
O23 86G J . -0.24 7.57 -34.62
H1 86G J . -8.24 10.53 -29.48
H2 86G J . -9.49 10.02 -27.47
H4 86G J . -7.01 8.84 -23.60
H5 86G J . -3.01 11.32 -31.40
H6 86G J . -4.65 11.24 -32.07
H7 86G J . -1.43 9.70 -32.09
H8 86G J . -2.74 6.00 -33.74
H9 86G J . -5.61 8.82 -32.32
H10 86G J . -1.21 9.29 -35.25
H11 86G J . 0.34 9.55 -34.42
H12 86G J . 0.31 8.92 -36.09
H13 86G J . -6.22 11.25 -30.41
H14 86G J . -10.62 10.05 -25.58
H15 86G J . -5.81 9.81 -25.25
H16 86G J . -4.57 10.34 -27.29
H17 86G J . -5.08 6.63 -33.34
H18 86G J . -0.35 6.37 -32.93
H19 86G J . 0.17 8.04 -32.64
#